data_6ZU8
# 
_entry.id   6ZU8 
# 
_audit_conform.dict_name       mmcif_pdbx.dic 
_audit_conform.dict_version    5.397 
_audit_conform.dict_location   http://mmcif.pdb.org/dictionaries/ascii/mmcif_pdbx.dic 
# 
loop_
_database_2.database_id 
_database_2.database_code 
_database_2.pdbx_database_accession 
_database_2.pdbx_DOI 
PDB   6ZU8         pdb_00006zu8 10.2210/pdb6zu8/pdb 
WWPDB D_1292110190 ?            ?                   
# 
loop_
_pdbx_audit_revision_history.ordinal 
_pdbx_audit_revision_history.data_content_type 
_pdbx_audit_revision_history.major_revision 
_pdbx_audit_revision_history.minor_revision 
_pdbx_audit_revision_history.revision_date 
1 'Structure model' 1 0 2020-08-05 
2 'Structure model' 1 1 2024-01-31 
3 'Structure model' 1 2 2024-10-09 
# 
_pdbx_audit_revision_details.ordinal             1 
_pdbx_audit_revision_details.revision_ordinal    1 
_pdbx_audit_revision_details.data_content_type   'Structure model' 
_pdbx_audit_revision_details.provider            repository 
_pdbx_audit_revision_details.type                'Initial release' 
_pdbx_audit_revision_details.description         ? 
_pdbx_audit_revision_details.details             ? 
# 
loop_
_pdbx_audit_revision_group.ordinal 
_pdbx_audit_revision_group.revision_ordinal 
_pdbx_audit_revision_group.data_content_type 
_pdbx_audit_revision_group.group 
1 2 'Structure model' 'Data collection'        
2 2 'Structure model' 'Database references'    
3 2 'Structure model' 'Refinement description' 
4 3 'Structure model' 'Structure summary'      
# 
loop_
_pdbx_audit_revision_category.ordinal 
_pdbx_audit_revision_category.revision_ordinal 
_pdbx_audit_revision_category.data_content_type 
_pdbx_audit_revision_category.category 
1 2 'Structure model' chem_comp_atom                
2 2 'Structure model' chem_comp_bond                
3 2 'Structure model' database_2                    
4 2 'Structure model' pdbx_initial_refinement_model 
5 3 'Structure model' pdbx_entry_details            
6 3 'Structure model' pdbx_modification_feature     
# 
loop_
_pdbx_audit_revision_item.ordinal 
_pdbx_audit_revision_item.revision_ordinal 
_pdbx_audit_revision_item.data_content_type 
_pdbx_audit_revision_item.item 
1 2 'Structure model' '_database_2.pdbx_DOI'                         
2 2 'Structure model' '_database_2.pdbx_database_accession'          
3 3 'Structure model' '_pdbx_entry_details.has_protein_modification' 
# 
_pdbx_database_status.status_code                     REL 
_pdbx_database_status.status_code_sf                  REL 
_pdbx_database_status.status_code_mr                  ? 
_pdbx_database_status.entry_id                        6ZU8 
_pdbx_database_status.recvd_initial_deposition_date   2020-07-21 
_pdbx_database_status.SG_entry                        N 
_pdbx_database_status.deposit_site                    PDBE 
_pdbx_database_status.process_site                    PDBE 
_pdbx_database_status.status_code_cs                  ? 
_pdbx_database_status.status_code_nmr_data            ? 
_pdbx_database_status.methods_development_category    ? 
_pdbx_database_status.pdb_format_compatible           Y 
# 
loop_
_audit_author.name 
_audit_author.pdbx_ordinal 
_audit_author.identifier_ORCID 
'Newman, J.A.'        1 ? 
'Gavard, A.E.'        2 ? 
'Shrestha, L.'        3 ? 
'Burgess-Brown, N.A.' 4 ? 
'von Delft, F.'       5 ? 
'Arrowsmith, C.H.'    6 ? 
'Edwards, A.'         7 ? 
'Bountra, C.'         8 ? 
'Gileadi, O.'         9 ? 
# 
_citation.abstract                  ? 
_citation.abstract_id_CAS           ? 
_citation.book_id_ISBN              ? 
_citation.book_publisher            ? 
_citation.book_publisher_city       ? 
_citation.book_title                ? 
_citation.coordinate_linkage        ? 
_citation.country                   ? 
_citation.database_id_Medline       ? 
_citation.details                   ? 
_citation.id                        primary 
_citation.journal_abbrev            'To Be Published' 
_citation.journal_id_ASTM           ? 
_citation.journal_id_CSD            0353 
_citation.journal_id_ISSN           ? 
_citation.journal_full              ? 
_citation.journal_issue             ? 
_citation.journal_volume            ? 
_citation.language                  ? 
_citation.page_first                ? 
_citation.page_last                 ? 
_citation.title                     'Crystal structure of human Brachyury G177D variant in complex with Afatinib' 
_citation.year                      ? 
_citation.database_id_CSD           ? 
_citation.pdbx_database_id_DOI      ? 
_citation.pdbx_database_id_PubMed   ? 
_citation.unpublished_flag          ? 
# 
loop_
_citation_author.citation_id 
_citation_author.name 
_citation_author.ordinal 
_citation_author.identifier_ORCID 
primary 'Newman, J.A.'        1 ? 
primary 'Gavard, A.E.'        2 ? 
primary 'Shrestha, L.'        3 ? 
primary 'Burgess-Brown, N.A.' 4 ? 
primary 'von Delft, F.'       5 ? 
primary 'Arrowsmith, C.H.'    6 ? 
primary 'Edwards, A.'         7 ? 
primary 'Bountra, C.'         8 ? 
primary 'Gileadi, O.'         9 ? 
# 
loop_
_entity.id 
_entity.type 
_entity.src_method 
_entity.pdbx_description 
_entity.formula_weight 
_entity.pdbx_number_of_molecules 
_entity.pdbx_ec 
_entity.pdbx_mutation 
_entity.pdbx_fragment 
_entity.details 
1 polymer     man 'Brachyury protein' 22080.395 1  ? ? ? ? 
2 non-polymer syn 'ZINC ION' 65.409    1  ? ? ? ? 
3 non-polymer syn 
'N-{4-[(3-chloro-4-fluorophenyl)amino]-7-[(3S)-tetrahydrofuran-3-yloxy]quinazolin-6-yl}-4-(dimethylamino)butanamide' 487.954   1  
? ? ? ? 
4 water       nat water 18.015    73 ? ? ? ? 
# 
_entity_name_com.entity_id   1 
_entity_name_com.name        'Protein T' 
# 
_entity_poly.entity_id                      1 
_entity_poly.type                           'polypeptide(L)' 
_entity_poly.nstd_linkage                   no 
_entity_poly.nstd_monomer                   no 
_entity_poly.pdbx_seq_one_letter_code       
;MGELRVGLEESELWLRFKELTNEMIVTKNGRRMFPVLKVNVSGLDPNAMYSFLLDFVAADNHRWKYVNGEWVPGGKPEPQ
APSCVYIHPDSPNFGAHWMKAPVSFSKVKLTNKLNGGGQIMLNSLHKYEPRIHIVRVGDPQRMITSHCFPETQFIAVTAY
QNEEITALKIKYNPFAKAFLDAKERSHHHHHH
;
_entity_poly.pdbx_seq_one_letter_code_can   
;MGELRVGLEESELWLRFKELTNEMIVTKNGRRMFPVLKVNVSGLDPNAMYSFLLDFVAADNHRWKYVNGEWVPGGKPEPQ
APSCVYIHPDSPNFGAHWMKAPVSFSKVKLTNKLNGGGQIMLNSLHKYEPRIHIVRVGDPQRMITSHCFPETQFIAVTAY
QNEEITALKIKYNPFAKAFLDAKERSHHHHHH
;
_entity_poly.pdbx_strand_id                 A 
_entity_poly.pdbx_target_identifier         ? 
# 
loop_
_pdbx_entity_nonpoly.entity_id 
_pdbx_entity_nonpoly.name 
_pdbx_entity_nonpoly.comp_id 
2 'ZINC ION'                                                                                                           ZN  
3 'N-{4-[(3-chloro-4-fluorophenyl)amino]-7-[(3S)-tetrahydrofuran-3-yloxy]quinazolin-6-yl}-4-(dimethylamino)butanamide' 0WN 
4 water                                                                                                                HOH 
# 
loop_
_entity_poly_seq.entity_id 
_entity_poly_seq.num 
_entity_poly_seq.mon_id 
_entity_poly_seq.hetero 
1 1   MET n 
1 2   GLY n 
1 3   GLU n 
1 4   LEU n 
1 5   ARG n 
1 6   VAL n 
1 7   GLY n 
1 8   LEU n 
1 9   GLU n 
1 10  GLU n 
1 11  SER n 
1 12  GLU n 
1 13  LEU n 
1 14  TRP n 
1 15  LEU n 
1 16  ARG n 
1 17  PHE n 
1 18  LYS n 
1 19  GLU n 
1 20  LEU n 
1 21  THR n 
1 22  ASN n 
1 23  GLU n 
1 24  MET n 
1 25  ILE n 
1 26  VAL n 
1 27  THR n 
1 28  LYS n 
1 29  ASN n 
1 30  GLY n 
1 31  ARG n 
1 32  ARG n 
1 33  MET n 
1 34  PHE n 
1 35  PRO n 
1 36  VAL n 
1 37  LEU n 
1 38  LYS n 
1 39  VAL n 
1 40  ASN n 
1 41  VAL n 
1 42  SER n 
1 43  GLY n 
1 44  LEU n 
1 45  ASP n 
1 46  PRO n 
1 47  ASN n 
1 48  ALA n 
1 49  MET n 
1 50  TYR n 
1 51  SER n 
1 52  PHE n 
1 53  LEU n 
1 54  LEU n 
1 55  ASP n 
1 56  PHE n 
1 57  VAL n 
1 58  ALA n 
1 59  ALA n 
1 60  ASP n 
1 61  ASN n 
1 62  HIS n 
1 63  ARG n 
1 64  TRP n 
1 65  LYS n 
1 66  TYR n 
1 67  VAL n 
1 68  ASN n 
1 69  GLY n 
1 70  GLU n 
1 71  TRP n 
1 72  VAL n 
1 73  PRO n 
1 74  GLY n 
1 75  GLY n 
1 76  LYS n 
1 77  PRO n 
1 78  GLU n 
1 79  PRO n 
1 80  GLN n 
1 81  ALA n 
1 82  PRO n 
1 83  SER n 
1 84  CYS n 
1 85  VAL n 
1 86  TYR n 
1 87  ILE n 
1 88  HIS n 
1 89  PRO n 
1 90  ASP n 
1 91  SER n 
1 92  PRO n 
1 93  ASN n 
1 94  PHE n 
1 95  GLY n 
1 96  ALA n 
1 97  HIS n 
1 98  TRP n 
1 99  MET n 
1 100 LYS n 
1 101 ALA n 
1 102 PRO n 
1 103 VAL n 
1 104 SER n 
1 105 PHE n 
1 106 SER n 
1 107 LYS n 
1 108 VAL n 
1 109 LYS n 
1 110 LEU n 
1 111 THR n 
1 112 ASN n 
1 113 LYS n 
1 114 LEU n 
1 115 ASN n 
1 116 GLY n 
1 117 GLY n 
1 118 GLY n 
1 119 GLN n 
1 120 ILE n 
1 121 MET n 
1 122 LEU n 
1 123 ASN n 
1 124 SER n 
1 125 LEU n 
1 126 HIS n 
1 127 LYS n 
1 128 TYR n 
1 129 GLU n 
1 130 PRO n 
1 131 ARG n 
1 132 ILE n 
1 133 HIS n 
1 134 ILE n 
1 135 VAL n 
1 136 ARG n 
1 137 VAL n 
1 138 GLY n 
1 139 ASP n 
1 140 PRO n 
1 141 GLN n 
1 142 ARG n 
1 143 MET n 
1 144 ILE n 
1 145 THR n 
1 146 SER n 
1 147 HIS n 
1 148 CYS n 
1 149 PHE n 
1 150 PRO n 
1 151 GLU n 
1 152 THR n 
1 153 GLN n 
1 154 PHE n 
1 155 ILE n 
1 156 ALA n 
1 157 VAL n 
1 158 THR n 
1 159 ALA n 
1 160 TYR n 
1 161 GLN n 
1 162 ASN n 
1 163 GLU n 
1 164 GLU n 
1 165 ILE n 
1 166 THR n 
1 167 ALA n 
1 168 LEU n 
1 169 LYS n 
1 170 ILE n 
1 171 LYS n 
1 172 TYR n 
1 173 ASN n 
1 174 PRO n 
1 175 PHE n 
1 176 ALA n 
1 177 LYS n 
1 178 ALA n 
1 179 PHE n 
1 180 LEU n 
1 181 ASP n 
1 182 ALA n 
1 183 LYS n 
1 184 GLU n 
1 185 ARG n 
1 186 SER n 
1 187 HIS n 
1 188 HIS n 
1 189 HIS n 
1 190 HIS n 
1 191 HIS n 
1 192 HIS n 
# 
_entity_src_gen.entity_id                          1 
_entity_src_gen.pdbx_src_id                        1 
_entity_src_gen.pdbx_alt_source_flag               sample 
_entity_src_gen.pdbx_seq_type                      'Biological sequence' 
_entity_src_gen.pdbx_beg_seq_num                   1 
_entity_src_gen.pdbx_end_seq_num                   192 
_entity_src_gen.gene_src_common_name               Human 
_entity_src_gen.gene_src_genus                     ? 
_entity_src_gen.pdbx_gene_src_gene                 ? 
_entity_src_gen.gene_src_species                   ? 
_entity_src_gen.gene_src_strain                    ? 
_entity_src_gen.gene_src_tissue                    ? 
_entity_src_gen.gene_src_tissue_fraction           ? 
_entity_src_gen.gene_src_details                   ? 
_entity_src_gen.pdbx_gene_src_fragment             ? 
_entity_src_gen.pdbx_gene_src_scientific_name      'Homo sapiens' 
_entity_src_gen.pdbx_gene_src_ncbi_taxonomy_id     9606 
_entity_src_gen.pdbx_gene_src_variant              ? 
_entity_src_gen.pdbx_gene_src_cell_line            ? 
_entity_src_gen.pdbx_gene_src_atcc                 ? 
_entity_src_gen.pdbx_gene_src_organ                ? 
_entity_src_gen.pdbx_gene_src_organelle            ? 
_entity_src_gen.pdbx_gene_src_cell                 ? 
_entity_src_gen.pdbx_gene_src_cellular_location    ? 
_entity_src_gen.host_org_common_name               ? 
_entity_src_gen.pdbx_host_org_scientific_name      'Escherichia coli' 
_entity_src_gen.pdbx_host_org_ncbi_taxonomy_id     562 
_entity_src_gen.host_org_genus                     ? 
_entity_src_gen.pdbx_host_org_gene                 ? 
_entity_src_gen.pdbx_host_org_organ                ? 
_entity_src_gen.host_org_species                   ? 
_entity_src_gen.pdbx_host_org_tissue               ? 
_entity_src_gen.pdbx_host_org_tissue_fraction      ? 
_entity_src_gen.pdbx_host_org_strain               ? 
_entity_src_gen.pdbx_host_org_variant              ? 
_entity_src_gen.pdbx_host_org_cell_line            ? 
_entity_src_gen.pdbx_host_org_atcc                 ? 
_entity_src_gen.pdbx_host_org_culture_collection   ? 
_entity_src_gen.pdbx_host_org_cell                 ? 
_entity_src_gen.pdbx_host_org_organelle            ? 
_entity_src_gen.pdbx_host_org_cellular_location    ? 
_entity_src_gen.pdbx_host_org_vector_type          ? 
_entity_src_gen.pdbx_host_org_vector               ? 
_entity_src_gen.host_org_details                   ? 
_entity_src_gen.expression_system_id               ? 
_entity_src_gen.plasmid_name                       ? 
_entity_src_gen.plasmid_details                    ? 
_entity_src_gen.pdbx_description                   ? 
# 
loop_
_chem_comp.id 
_chem_comp.type 
_chem_comp.mon_nstd_flag 
_chem_comp.name 
_chem_comp.pdbx_synonyms 
_chem_comp.formula 
_chem_comp.formula_weight 
0WN non-polymer         . 
'N-{4-[(3-chloro-4-fluorophenyl)amino]-7-[(3S)-tetrahydrofuran-3-yloxy]quinazolin-6-yl}-4-(dimethylamino)butanamide' 
'Afatinib, bound form' 'C24 H27 Cl F N5 O3' 487.954 
ALA 'L-peptide linking' y ALANINE ?                      'C3 H7 N O2'         89.093  
ARG 'L-peptide linking' y ARGININE ?                      'C6 H15 N4 O2 1'     175.209 
ASN 'L-peptide linking' y ASPARAGINE ?                      'C4 H8 N2 O3'        132.118 
ASP 'L-peptide linking' y 'ASPARTIC ACID' ?                      'C4 H7 N O4'         133.103 
CYS 'L-peptide linking' y CYSTEINE ?                      'C3 H7 N O2 S'       121.158 
GLN 'L-peptide linking' y GLUTAMINE ?                      'C5 H10 N2 O3'       146.144 
GLU 'L-peptide linking' y 'GLUTAMIC ACID' ?                      'C5 H9 N O4'         147.129 
GLY 'peptide linking'   y GLYCINE ?                      'C2 H5 N O2'         75.067  
HIS 'L-peptide linking' y HISTIDINE ?                      'C6 H10 N3 O2 1'     156.162 
HOH non-polymer         . WATER ?                      'H2 O'               18.015  
ILE 'L-peptide linking' y ISOLEUCINE ?                      'C6 H13 N O2'        131.173 
LEU 'L-peptide linking' y LEUCINE ?                      'C6 H13 N O2'        131.173 
LYS 'L-peptide linking' y LYSINE ?                      'C6 H15 N2 O2 1'     147.195 
MET 'L-peptide linking' y METHIONINE ?                      'C5 H11 N O2 S'      149.211 
PHE 'L-peptide linking' y PHENYLALANINE ?                      'C9 H11 N O2'        165.189 
PRO 'L-peptide linking' y PROLINE ?                      'C5 H9 N O2'         115.130 
SER 'L-peptide linking' y SERINE ?                      'C3 H7 N O3'         105.093 
THR 'L-peptide linking' y THREONINE ?                      'C4 H9 N O3'         119.119 
TRP 'L-peptide linking' y TRYPTOPHAN ?                      'C11 H12 N2 O2'      204.225 
TYR 'L-peptide linking' y TYROSINE ?                      'C9 H11 N O3'        181.189 
VAL 'L-peptide linking' y VALINE ?                      'C5 H11 N O2'        117.146 
ZN  non-polymer         . 'ZINC ION' ?                      'Zn 2'               65.409  
# 
loop_
_pdbx_poly_seq_scheme.asym_id 
_pdbx_poly_seq_scheme.entity_id 
_pdbx_poly_seq_scheme.seq_id 
_pdbx_poly_seq_scheme.mon_id 
_pdbx_poly_seq_scheme.ndb_seq_num 
_pdbx_poly_seq_scheme.pdb_seq_num 
_pdbx_poly_seq_scheme.auth_seq_num 
_pdbx_poly_seq_scheme.pdb_mon_id 
_pdbx_poly_seq_scheme.auth_mon_id 
_pdbx_poly_seq_scheme.pdb_strand_id 
_pdbx_poly_seq_scheme.pdb_ins_code 
_pdbx_poly_seq_scheme.hetero 
A 1 1   MET 1   39  ?   ?   ?   A . n 
A 1 2   GLY 2   40  ?   ?   ?   A . n 
A 1 3   GLU 3   41  41  GLU GLU A . n 
A 1 4   LEU 4   42  42  LEU LEU A . n 
A 1 5   ARG 5   43  43  ARG ARG A . n 
A 1 6   VAL 6   44  44  VAL VAL A . n 
A 1 7   GLY 7   45  45  GLY GLY A . n 
A 1 8   LEU 8   46  46  LEU LEU A . n 
A 1 9   GLU 9   47  47  GLU GLU A . n 
A 1 10  GLU 10  48  48  GLU GLU A . n 
A 1 11  SER 11  49  49  SER SER A . n 
A 1 12  GLU 12  50  50  GLU GLU A . n 
A 1 13  LEU 13  51  51  LEU LEU A . n 
A 1 14  TRP 14  52  52  TRP TRP A . n 
A 1 15  LEU 15  53  53  LEU LEU A . n 
A 1 16  ARG 16  54  54  ARG ARG A . n 
A 1 17  PHE 17  55  55  PHE PHE A . n 
A 1 18  LYS 18  56  56  LYS LYS A . n 
A 1 19  GLU 19  57  57  GLU GLU A . n 
A 1 20  LEU 20  58  58  LEU LEU A . n 
A 1 21  THR 21  59  59  THR THR A . n 
A 1 22  ASN 22  60  60  ASN ASN A . n 
A 1 23  GLU 23  61  61  GLU GLU A . n 
A 1 24  MET 24  62  62  MET MET A . n 
A 1 25  ILE 25  63  63  ILE ILE A . n 
A 1 26  VAL 26  64  64  VAL VAL A . n 
A 1 27  THR 27  65  65  THR THR A . n 
A 1 28  LYS 28  66  66  LYS LYS A . n 
A 1 29  ASN 29  67  67  ASN ASN A . n 
A 1 30  GLY 30  68  68  GLY GLY A . n 
A 1 31  ARG 31  69  69  ARG ARG A . n 
A 1 32  ARG 32  70  70  ARG ARG A . n 
A 1 33  MET 33  71  71  MET MET A . n 
A 1 34  PHE 34  72  72  PHE PHE A . n 
A 1 35  PRO 35  73  73  PRO PRO A . n 
A 1 36  VAL 36  74  74  VAL VAL A . n 
A 1 37  LEU 37  75  75  LEU LEU A . n 
A 1 38  LYS 38  76  76  LYS LYS A . n 
A 1 39  VAL 39  77  77  VAL VAL A . n 
A 1 40  ASN 40  78  78  ASN ASN A . n 
A 1 41  VAL 41  79  79  VAL VAL A . n 
A 1 42  SER 42  80  80  SER SER A . n 
A 1 43  GLY 43  81  81  GLY GLY A . n 
A 1 44  LEU 44  82  82  LEU LEU A . n 
A 1 45  ASP 45  83  83  ASP ASP A . n 
A 1 46  PRO 46  84  84  PRO PRO A . n 
A 1 47  ASN 47  85  85  ASN ASN A . n 
A 1 48  ALA 48  86  86  ALA ALA A . n 
A 1 49  MET 49  87  87  MET MET A . n 
A 1 50  TYR 50  88  88  TYR TYR A . n 
A 1 51  SER 51  89  89  SER SER A . n 
A 1 52  PHE 52  90  90  PHE PHE A . n 
A 1 53  LEU 53  91  91  LEU LEU A . n 
A 1 54  LEU 54  92  92  LEU LEU A . n 
A 1 55  ASP 55  93  93  ASP ASP A . n 
A 1 56  PHE 56  94  94  PHE PHE A . n 
A 1 57  VAL 57  95  95  VAL VAL A . n 
A 1 58  ALA 58  96  96  ALA ALA A . n 
A 1 59  ALA 59  97  97  ALA ALA A . n 
A 1 60  ASP 60  98  98  ASP ASP A . n 
A 1 61  ASN 61  99  99  ASN ASN A . n 
A 1 62  HIS 62  100 100 HIS HIS A . n 
A 1 63  ARG 63  101 101 ARG ARG A . n 
A 1 64  TRP 64  102 102 TRP TRP A . n 
A 1 65  LYS 65  103 103 LYS LYS A . n 
A 1 66  TYR 66  104 104 TYR TYR A . n 
A 1 67  VAL 67  105 105 VAL VAL A . n 
A 1 68  ASN 68  106 106 ASN ASN A . n 
A 1 69  GLY 69  107 107 GLY GLY A . n 
A 1 70  GLU 70  108 108 GLU GLU A . n 
A 1 71  TRP 71  109 109 TRP TRP A . n 
A 1 72  VAL 72  110 110 VAL VAL A . n 
A 1 73  PRO 73  111 111 PRO PRO A . n 
A 1 74  GLY 74  112 112 GLY GLY A . n 
A 1 75  GLY 75  113 113 GLY GLY A . n 
A 1 76  LYS 76  114 114 LYS LYS A . n 
A 1 77  PRO 77  115 115 PRO PRO A . n 
A 1 78  GLU 78  116 116 GLU GLU A . n 
A 1 79  PRO 79  117 117 PRO PRO A . n 
A 1 80  GLN 80  118 118 GLN GLN A . n 
A 1 81  ALA 81  119 119 ALA ALA A . n 
A 1 82  PRO 82  120 120 PRO PRO A . n 
A 1 83  SER 83  121 121 SER SER A . n 
A 1 84  CYS 84  122 122 CYS CYS A . n 
A 1 85  VAL 85  123 123 VAL VAL A . n 
A 1 86  TYR 86  124 124 TYR TYR A . n 
A 1 87  ILE 87  125 125 ILE ILE A . n 
A 1 88  HIS 88  126 126 HIS HIS A . n 
A 1 89  PRO 89  127 127 PRO PRO A . n 
A 1 90  ASP 90  128 128 ASP ASP A . n 
A 1 91  SER 91  129 129 SER SER A . n 
A 1 92  PRO 92  130 130 PRO PRO A . n 
A 1 93  ASN 93  131 131 ASN ASN A . n 
A 1 94  PHE 94  132 132 PHE PHE A . n 
A 1 95  GLY 95  133 133 GLY GLY A . n 
A 1 96  ALA 96  134 134 ALA ALA A . n 
A 1 97  HIS 97  135 135 HIS HIS A . n 
A 1 98  TRP 98  136 136 TRP TRP A . n 
A 1 99  MET 99  137 137 MET MET A . n 
A 1 100 LYS 100 138 138 LYS LYS A . n 
A 1 101 ALA 101 139 139 ALA ALA A . n 
A 1 102 PRO 102 140 140 PRO PRO A . n 
A 1 103 VAL 103 141 141 VAL VAL A . n 
A 1 104 SER 104 142 142 SER SER A . n 
A 1 105 PHE 105 143 143 PHE PHE A . n 
A 1 106 SER 106 144 144 SER SER A . n 
A 1 107 LYS 107 145 145 LYS LYS A . n 
A 1 108 VAL 108 146 146 VAL VAL A . n 
A 1 109 LYS 109 147 147 LYS LYS A . n 
A 1 110 LEU 110 148 148 LEU LEU A . n 
A 1 111 THR 111 149 149 THR THR A . n 
A 1 112 ASN 112 150 150 ASN ASN A . n 
A 1 113 LYS 113 151 151 LYS LYS A . n 
A 1 114 LEU 114 152 152 LEU LEU A . n 
A 1 115 ASN 115 153 153 ASN ASN A . n 
A 1 116 GLY 116 154 154 GLY GLY A . n 
A 1 117 GLY 117 155 155 GLY GLY A . n 
A 1 118 GLY 118 156 156 GLY GLY A . n 
A 1 119 GLN 119 157 157 GLN GLN A . n 
A 1 120 ILE 120 158 158 ILE ILE A . n 
A 1 121 MET 121 159 159 MET MET A . n 
A 1 122 LEU 122 160 160 LEU LEU A . n 
A 1 123 ASN 123 161 161 ASN ASN A . n 
A 1 124 SER 124 162 162 SER SER A . n 
A 1 125 LEU 125 163 163 LEU LEU A . n 
A 1 126 HIS 126 164 164 HIS HIS A . n 
A 1 127 LYS 127 165 165 LYS LYS A . n 
A 1 128 TYR 128 166 166 TYR TYR A . n 
A 1 129 GLU 129 167 167 GLU GLU A . n 
A 1 130 PRO 130 168 168 PRO PRO A . n 
A 1 131 ARG 131 169 169 ARG ARG A . n 
A 1 132 ILE 132 170 170 ILE ILE A . n 
A 1 133 HIS 133 171 171 HIS HIS A . n 
A 1 134 ILE 134 172 172 ILE ILE A . n 
A 1 135 VAL 135 173 173 VAL VAL A . n 
A 1 136 ARG 136 174 174 ARG ARG A . n 
A 1 137 VAL 137 175 175 VAL VAL A . n 
A 1 138 GLY 138 176 ?   ?   ?   A . n 
A 1 139 ASP 139 177 ?   ?   ?   A . n 
A 1 140 PRO 140 178 ?   ?   ?   A . n 
A 1 141 GLN 141 179 ?   ?   ?   A . n 
A 1 142 ARG 142 180 180 ARG ARG A . n 
A 1 143 MET 143 181 181 MET MET A . n 
A 1 144 ILE 144 182 182 ILE ILE A . n 
A 1 145 THR 145 183 183 THR THR A . n 
A 1 146 SER 146 184 184 SER SER A . n 
A 1 147 HIS 147 185 185 HIS HIS A . n 
A 1 148 CYS 148 186 186 CYS CYS A . n 
A 1 149 PHE 149 187 187 PHE PHE A . n 
A 1 150 PRO 150 188 188 PRO PRO A . n 
A 1 151 GLU 151 189 189 GLU GLU A . n 
A 1 152 THR 152 190 190 THR THR A . n 
A 1 153 GLN 153 191 191 GLN GLN A . n 
A 1 154 PHE 154 192 192 PHE PHE A . n 
A 1 155 ILE 155 193 193 ILE ILE A . n 
A 1 156 ALA 156 194 194 ALA ALA A . n 
A 1 157 VAL 157 195 195 VAL VAL A . n 
A 1 158 THR 158 196 196 THR THR A . n 
A 1 159 ALA 159 197 197 ALA ALA A . n 
A 1 160 TYR 160 198 198 TYR TYR A . n 
A 1 161 GLN 161 199 199 GLN GLN A . n 
A 1 162 ASN 162 200 200 ASN ASN A . n 
A 1 163 GLU 163 201 201 GLU GLU A . n 
A 1 164 GLU 164 202 202 GLU GLU A . n 
A 1 165 ILE 165 203 203 ILE ILE A . n 
A 1 166 THR 166 204 204 THR THR A . n 
A 1 167 ALA 167 205 205 ALA ALA A . n 
A 1 168 LEU 168 206 206 LEU LEU A . n 
A 1 169 LYS 169 207 207 LYS LYS A . n 
A 1 170 ILE 170 208 208 ILE ILE A . n 
A 1 171 LYS 171 209 209 LYS LYS A . n 
A 1 172 TYR 172 210 210 TYR TYR A . n 
A 1 173 ASN 173 211 211 ASN ASN A . n 
A 1 174 PRO 174 212 212 PRO PRO A . n 
A 1 175 PHE 175 213 213 PHE PHE A . n 
A 1 176 ALA 176 214 214 ALA ALA A . n 
A 1 177 LYS 177 215 215 LYS LYS A . n 
A 1 178 ALA 178 216 216 ALA ALA A . n 
A 1 179 PHE 179 217 217 PHE PHE A . n 
A 1 180 LEU 180 218 218 LEU LEU A . n 
A 1 181 ASP 181 220 ?   ?   ?   A . n 
A 1 182 ALA 182 221 ?   ?   ?   A . n 
A 1 183 LYS 183 222 ?   ?   ?   A . n 
A 1 184 GLU 184 223 ?   ?   ?   A . n 
A 1 185 ARG 185 224 ?   ?   ?   A . n 
A 1 186 SER 186 225 ?   ?   ?   A . n 
A 1 187 HIS 187 226 226 HIS HIS A . n 
A 1 188 HIS 188 227 227 HIS HIS A . n 
A 1 189 HIS 189 228 228 HIS HIS A . n 
A 1 190 HIS 190 229 229 HIS HIS A . n 
A 1 191 HIS 191 230 230 HIS HIS A . n 
A 1 192 HIS 192 231 ?   ?   ?   A . n 
# 
_pdbx_entity_instance_feature.ordinal        1 
_pdbx_entity_instance_feature.comp_id        0WN 
_pdbx_entity_instance_feature.asym_id        ? 
_pdbx_entity_instance_feature.seq_num        ? 
_pdbx_entity_instance_feature.auth_comp_id   0WN 
_pdbx_entity_instance_feature.auth_asym_id   ? 
_pdbx_entity_instance_feature.auth_seq_num   ? 
_pdbx_entity_instance_feature.feature_type   'SUBJECT OF INVESTIGATION' 
_pdbx_entity_instance_feature.details        ? 
# 
loop_
_pdbx_nonpoly_scheme.asym_id 
_pdbx_nonpoly_scheme.entity_id 
_pdbx_nonpoly_scheme.mon_id 
_pdbx_nonpoly_scheme.ndb_seq_num 
_pdbx_nonpoly_scheme.pdb_seq_num 
_pdbx_nonpoly_scheme.auth_seq_num 
_pdbx_nonpoly_scheme.pdb_mon_id 
_pdbx_nonpoly_scheme.auth_mon_id 
_pdbx_nonpoly_scheme.pdb_strand_id 
_pdbx_nonpoly_scheme.pdb_ins_code 
B 2 ZN  1  301 1  ZN  ZN  A . 
C 3 0WN 1  302 1  0WN AFT A . 
D 4 HOH 1  401 1  HOH HOH A . 
D 4 HOH 2  402 63 HOH HOH A . 
D 4 HOH 3  403 56 HOH HOH A . 
D 4 HOH 4  404 28 HOH HOH A . 
D 4 HOH 5  405 37 HOH HOH A . 
D 4 HOH 6  406 45 HOH HOH A . 
D 4 HOH 7  407 22 HOH HOH A . 
D 4 HOH 8  408 7  HOH HOH A . 
D 4 HOH 9  409 29 HOH HOH A . 
D 4 HOH 10 410 14 HOH HOH A . 
D 4 HOH 11 411 61 HOH HOH A . 
D 4 HOH 12 412 13 HOH HOH A . 
D 4 HOH 13 413 52 HOH HOH A . 
D 4 HOH 14 414 8  HOH HOH A . 
D 4 HOH 15 415 15 HOH HOH A . 
D 4 HOH 16 416 67 HOH HOH A . 
D 4 HOH 17 417 20 HOH HOH A . 
D 4 HOH 18 418 19 HOH HOH A . 
D 4 HOH 19 419 44 HOH HOH A . 
D 4 HOH 20 420 62 HOH HOH A . 
D 4 HOH 21 421 17 HOH HOH A . 
D 4 HOH 22 422 6  HOH HOH A . 
D 4 HOH 23 423 41 HOH HOH A . 
D 4 HOH 24 424 36 HOH HOH A . 
D 4 HOH 25 425 2  HOH HOH A . 
D 4 HOH 26 426 71 HOH HOH A . 
D 4 HOH 27 427 64 HOH HOH A . 
D 4 HOH 28 428 70 HOH HOH A . 
D 4 HOH 29 429 40 HOH HOH A . 
D 4 HOH 30 430 31 HOH HOH A . 
D 4 HOH 31 431 11 HOH HOH A . 
D 4 HOH 32 432 68 HOH HOH A . 
D 4 HOH 33 433 73 HOH HOH A . 
D 4 HOH 34 434 30 HOH HOH A . 
D 4 HOH 35 435 25 HOH HOH A . 
D 4 HOH 36 436 9  HOH HOH A . 
D 4 HOH 37 437 5  HOH HOH A . 
D 4 HOH 38 438 43 HOH HOH A . 
D 4 HOH 39 439 50 HOH HOH A . 
D 4 HOH 40 440 4  HOH HOH A . 
D 4 HOH 41 441 23 HOH HOH A . 
D 4 HOH 42 442 21 HOH HOH A . 
D 4 HOH 43 443 24 HOH HOH A . 
D 4 HOH 44 444 53 HOH HOH A . 
D 4 HOH 45 445 27 HOH HOH A . 
D 4 HOH 46 446 3  HOH HOH A . 
D 4 HOH 47 447 18 HOH HOH A . 
D 4 HOH 48 448 16 HOH HOH A . 
D 4 HOH 49 449 49 HOH HOH A . 
D 4 HOH 50 450 54 HOH HOH A . 
D 4 HOH 51 451 60 HOH HOH A . 
D 4 HOH 52 452 47 HOH HOH A . 
D 4 HOH 53 453 58 HOH HOH A . 
D 4 HOH 54 454 39 HOH HOH A . 
D 4 HOH 55 455 33 HOH HOH A . 
D 4 HOH 56 456 12 HOH HOH A . 
D 4 HOH 57 457 48 HOH HOH A . 
D 4 HOH 58 458 55 HOH HOH A . 
D 4 HOH 59 459 59 HOH HOH A . 
D 4 HOH 60 460 57 HOH HOH A . 
D 4 HOH 61 461 46 HOH HOH A . 
D 4 HOH 62 462 10 HOH HOH A . 
D 4 HOH 63 463 32 HOH HOH A . 
D 4 HOH 64 464 69 HOH HOH A . 
D 4 HOH 65 465 72 HOH HOH A . 
D 4 HOH 66 466 38 HOH HOH A . 
D 4 HOH 67 467 74 HOH HOH A . 
D 4 HOH 68 468 51 HOH HOH A . 
D 4 HOH 69 469 35 HOH HOH A . 
D 4 HOH 70 470 34 HOH HOH A . 
D 4 HOH 71 471 66 HOH HOH A . 
D 4 HOH 72 472 42 HOH HOH A . 
D 4 HOH 73 473 65 HOH HOH A . 
# 
loop_
_pdbx_unobs_or_zero_occ_atoms.id 
_pdbx_unobs_or_zero_occ_atoms.PDB_model_num 
_pdbx_unobs_or_zero_occ_atoms.polymer_flag 
_pdbx_unobs_or_zero_occ_atoms.occupancy_flag 
_pdbx_unobs_or_zero_occ_atoms.auth_asym_id 
_pdbx_unobs_or_zero_occ_atoms.auth_comp_id 
_pdbx_unobs_or_zero_occ_atoms.auth_seq_id 
_pdbx_unobs_or_zero_occ_atoms.PDB_ins_code 
_pdbx_unobs_or_zero_occ_atoms.auth_atom_id 
_pdbx_unobs_or_zero_occ_atoms.label_alt_id 
_pdbx_unobs_or_zero_occ_atoms.label_asym_id 
_pdbx_unobs_or_zero_occ_atoms.label_comp_id 
_pdbx_unobs_or_zero_occ_atoms.label_seq_id 
_pdbx_unobs_or_zero_occ_atoms.label_atom_id 
1  1 Y 1 A GLU 41  ? CG  ? A GLU 3   CG  
2  1 Y 1 A GLU 41  ? CD  ? A GLU 3   CD  
3  1 Y 1 A GLU 41  ? OE1 ? A GLU 3   OE1 
4  1 Y 1 A GLU 41  ? OE2 ? A GLU 3   OE2 
5  1 Y 1 A GLU 57  ? CG  ? A GLU 19  CG  
6  1 Y 1 A GLU 57  ? CD  ? A GLU 19  CD  
7  1 Y 1 A GLU 57  ? OE1 ? A GLU 19  OE1 
8  1 Y 1 A GLU 57  ? OE2 ? A GLU 19  OE2 
9  1 Y 1 A LYS 66  ? CG  ? A LYS 28  CG  
10 1 Y 1 A LYS 66  ? CD  ? A LYS 28  CD  
11 1 Y 1 A LYS 66  ? CE  ? A LYS 28  CE  
12 1 Y 1 A LYS 66  ? NZ  ? A LYS 28  NZ  
13 1 Y 1 A LYS 114 ? CG  ? A LYS 76  CG  
14 1 Y 1 A LYS 114 ? CD  ? A LYS 76  CD  
15 1 Y 1 A LYS 114 ? CE  ? A LYS 76  CE  
16 1 Y 1 A LYS 114 ? NZ  ? A LYS 76  NZ  
17 1 Y 1 A GLU 116 ? CG  ? A GLU 78  CG  
18 1 Y 1 A GLU 116 ? CD  ? A GLU 78  CD  
19 1 Y 1 A GLU 116 ? OE1 ? A GLU 78  OE1 
20 1 Y 1 A GLU 116 ? OE2 ? A GLU 78  OE2 
21 1 Y 1 A GLN 118 ? CG  ? A GLN 80  CG  
22 1 Y 1 A GLN 118 ? CD  ? A GLN 80  CD  
23 1 Y 1 A GLN 118 ? OE1 ? A GLN 80  OE1 
24 1 Y 1 A GLN 118 ? NE2 ? A GLN 80  NE2 
25 1 Y 1 A LYS 151 ? CG  ? A LYS 113 CG  
26 1 Y 1 A LYS 151 ? CD  ? A LYS 113 CD  
27 1 Y 1 A LYS 151 ? CE  ? A LYS 113 CE  
28 1 Y 1 A LYS 151 ? NZ  ? A LYS 113 NZ  
29 1 Y 1 A ARG 174 ? CG  ? A ARG 136 CG  
30 1 Y 1 A ARG 174 ? CD  ? A ARG 136 CD  
31 1 Y 1 A ARG 174 ? NE  ? A ARG 136 NE  
32 1 Y 1 A ARG 174 ? CZ  ? A ARG 136 CZ  
33 1 Y 1 A ARG 174 ? NH1 ? A ARG 136 NH1 
34 1 Y 1 A ARG 174 ? NH2 ? A ARG 136 NH2 
# 
loop_
_software.citation_id 
_software.classification 
_software.compiler_name 
_software.compiler_version 
_software.contact_author 
_software.contact_author_email 
_software.date 
_software.description 
_software.dependencies 
_software.hardware 
_software.language 
_software.location 
_software.mods 
_software.name 
_software.os 
_software.os_version 
_software.type 
_software.version 
_software.pdbx_ordinal 
? 'data scaling'    ? ? ? ? ? ? ? ? ? ? ? XDS         ? ? ? 0.7.3       1 
? refinement        ? ? ? ? ? ? ? ? ? ? ? PHENIX      ? ? ? 1.17.1_3660 2 
? 'data extraction' ? ? ? ? ? ? ? ? ? ? ? PDB_EXTRACT ? ? ? 3.25        3 
? 'data reduction'  ? ? ? ? ? ? ? ? ? ? ? XDS         ? ? ? .           4 
? phasing           ? ? ? ? ? ? ? ? ? ? ? PHASER      ? ? ? .           5 
# 
_cell.angle_alpha                  90.000 
_cell.angle_alpha_esd              ? 
_cell.angle_beta                   90.000 
_cell.angle_beta_esd               ? 
_cell.angle_gamma                  90.000 
_cell.angle_gamma_esd              ? 
_cell.entry_id                     6ZU8 
_cell.details                      ? 
_cell.formula_units_Z              ? 
_cell.length_a                     43.107 
_cell.length_a_esd                 ? 
_cell.length_b                     49.269 
_cell.length_b_esd                 ? 
_cell.length_c                     83.740 
_cell.length_c_esd                 ? 
_cell.volume                       ? 
_cell.volume_esd                   ? 
_cell.Z_PDB                        4 
_cell.reciprocal_angle_alpha       ? 
_cell.reciprocal_angle_beta        ? 
_cell.reciprocal_angle_gamma       ? 
_cell.reciprocal_angle_alpha_esd   ? 
_cell.reciprocal_angle_beta_esd    ? 
_cell.reciprocal_angle_gamma_esd   ? 
_cell.reciprocal_length_a          ? 
_cell.reciprocal_length_b          ? 
_cell.reciprocal_length_c          ? 
_cell.reciprocal_length_a_esd      ? 
_cell.reciprocal_length_b_esd      ? 
_cell.reciprocal_length_c_esd      ? 
_cell.pdbx_unique_axis             ? 
# 
_symmetry.entry_id                         6ZU8 
_symmetry.cell_setting                     ? 
_symmetry.Int_Tables_number                19 
_symmetry.space_group_name_Hall            ? 
_symmetry.space_group_name_H-M             'P 21 21 21' 
_symmetry.pdbx_full_space_group_name_H-M   ? 
# 
_exptl.absorpt_coefficient_mu     ? 
_exptl.absorpt_correction_T_max   ? 
_exptl.absorpt_correction_T_min   ? 
_exptl.absorpt_correction_type    ? 
_exptl.absorpt_process_details    ? 
_exptl.entry_id                   6ZU8 
_exptl.crystals_number            1 
_exptl.details                    ? 
_exptl.method                     'X-RAY DIFFRACTION' 
_exptl.method_details             ? 
# 
_exptl_crystal.colour                      ? 
_exptl_crystal.density_diffrn              ? 
_exptl_crystal.density_Matthews            2.01 
_exptl_crystal.density_method              ? 
_exptl_crystal.density_percent_sol         38.92 
_exptl_crystal.description                 ? 
_exptl_crystal.F_000                       ? 
_exptl_crystal.id                          1 
_exptl_crystal.preparation                 ? 
_exptl_crystal.size_max                    ? 
_exptl_crystal.size_mid                    ? 
_exptl_crystal.size_min                    ? 
_exptl_crystal.size_rad                    ? 
_exptl_crystal.colour_lustre               ? 
_exptl_crystal.colour_modifier             ? 
_exptl_crystal.colour_primary              ? 
_exptl_crystal.density_meas                ? 
_exptl_crystal.density_meas_esd            ? 
_exptl_crystal.density_meas_gt             ? 
_exptl_crystal.density_meas_lt             ? 
_exptl_crystal.density_meas_temp           ? 
_exptl_crystal.density_meas_temp_esd       ? 
_exptl_crystal.density_meas_temp_gt        ? 
_exptl_crystal.density_meas_temp_lt        ? 
_exptl_crystal.pdbx_crystal_image_url      ? 
_exptl_crystal.pdbx_crystal_image_format   ? 
_exptl_crystal.pdbx_mosaicity              ? 
_exptl_crystal.pdbx_mosaicity_esd          ? 
# 
_exptl_crystal_grow.apparatus       ? 
_exptl_crystal_grow.atmosphere      ? 
_exptl_crystal_grow.crystal_id      1 
_exptl_crystal_grow.details         ? 
_exptl_crystal_grow.method          'VAPOR DIFFUSION, SITTING DROP' 
_exptl_crystal_grow.method_ref      ? 
_exptl_crystal_grow.pH              ? 
_exptl_crystal_grow.pressure        ? 
_exptl_crystal_grow.pressure_esd    ? 
_exptl_crystal_grow.seeding         ? 
_exptl_crystal_grow.seeding_ref     ? 
_exptl_crystal_grow.temp            277 
_exptl_crystal_grow.temp_details    ? 
_exptl_crystal_grow.temp_esd        ? 
_exptl_crystal_grow.time            ? 
_exptl_crystal_grow.pdbx_details    '0.1 M Mes Ph 6.0, 0.2 M Ammonium Chloride, 20 % PEG 6000, 10 % Ethylene Glycol.' 
_exptl_crystal_grow.pdbx_pH_range   ? 
# 
_diffrn.ambient_environment              ? 
_diffrn.ambient_temp                     100 
_diffrn.ambient_temp_details             ? 
_diffrn.ambient_temp_esd                 ? 
_diffrn.crystal_id                       1 
_diffrn.crystal_support                  ? 
_diffrn.crystal_treatment                ? 
_diffrn.details                          ? 
_diffrn.id                               1 
_diffrn.ambient_pressure                 ? 
_diffrn.ambient_pressure_esd             ? 
_diffrn.ambient_pressure_gt              ? 
_diffrn.ambient_pressure_lt              ? 
_diffrn.ambient_temp_gt                  ? 
_diffrn.ambient_temp_lt                  ? 
_diffrn.pdbx_serial_crystal_experiment   N 
# 
_diffrn_detector.details                      ? 
_diffrn_detector.detector                     PIXEL 
_diffrn_detector.diffrn_id                    1 
_diffrn_detector.type                         'DECTRIS PILATUS3 6M' 
_diffrn_detector.area_resol_mean              ? 
_diffrn_detector.dtime                        ? 
_diffrn_detector.pdbx_frames_total            ? 
_diffrn_detector.pdbx_collection_time_total   ? 
_diffrn_detector.pdbx_collection_date         2019-02-22 
_diffrn_detector.pdbx_frequency               ? 
# 
_diffrn_radiation.collimation                      ? 
_diffrn_radiation.diffrn_id                        1 
_diffrn_radiation.filter_edge                      ? 
_diffrn_radiation.inhomogeneity                    ? 
_diffrn_radiation.monochromator                    ? 
_diffrn_radiation.polarisn_norm                    ? 
_diffrn_radiation.polarisn_ratio                   ? 
_diffrn_radiation.probe                            ? 
_diffrn_radiation.type                             ? 
_diffrn_radiation.xray_symbol                      ? 
_diffrn_radiation.wavelength_id                    1 
_diffrn_radiation.pdbx_monochromatic_or_laue_m_l   M 
_diffrn_radiation.pdbx_wavelength_list             ? 
_diffrn_radiation.pdbx_wavelength                  ? 
_diffrn_radiation.pdbx_diffrn_protocol             'SINGLE WAVELENGTH' 
_diffrn_radiation.pdbx_analyzer                    ? 
_diffrn_radiation.pdbx_scattering_type             x-ray 
# 
_diffrn_radiation_wavelength.id           1 
_diffrn_radiation_wavelength.wavelength   0.9795 
_diffrn_radiation_wavelength.wt           1.0 
# 
_diffrn_source.current                     ? 
_diffrn_source.details                     ? 
_diffrn_source.diffrn_id                   1 
_diffrn_source.power                       ? 
_diffrn_source.size                        ? 
_diffrn_source.source                      SYNCHROTRON 
_diffrn_source.target                      ? 
_diffrn_source.type                        'DIAMOND BEAMLINE I04' 
_diffrn_source.voltage                     ? 
_diffrn_source.take-off_angle              ? 
_diffrn_source.pdbx_wavelength_list        0.9795 
_diffrn_source.pdbx_wavelength             ? 
_diffrn_source.pdbx_synchrotron_beamline   I04 
_diffrn_source.pdbx_synchrotron_site       Diamond 
# 
_reflns.B_iso_Wilson_estimate            ? 
_reflns.entry_id                         6ZU8 
_reflns.data_reduction_details           ? 
_reflns.data_reduction_method            ? 
_reflns.d_resolution_high                1.950 
_reflns.d_resolution_low                 83.740 
_reflns.details                          ? 
_reflns.limit_h_max                      ? 
_reflns.limit_h_min                      ? 
_reflns.limit_k_max                      ? 
_reflns.limit_k_min                      ? 
_reflns.limit_l_max                      ? 
_reflns.limit_l_min                      ? 
_reflns.number_all                       ? 
_reflns.number_obs                       13591 
_reflns.observed_criterion               ? 
_reflns.observed_criterion_F_max         ? 
_reflns.observed_criterion_F_min         ? 
_reflns.observed_criterion_I_max         ? 
_reflns.observed_criterion_I_min         ? 
_reflns.observed_criterion_sigma_F       ? 
_reflns.observed_criterion_sigma_I       ? 
_reflns.percent_possible_obs             100.000 
_reflns.R_free_details                   ? 
_reflns.Rmerge_F_all                     ? 
_reflns.Rmerge_F_obs                     ? 
_reflns.Friedel_coverage                 ? 
_reflns.number_gt                        ? 
_reflns.threshold_expression             ? 
_reflns.pdbx_redundancy                  9.700 
_reflns.pdbx_Rmerge_I_obs                0.088 
_reflns.pdbx_Rmerge_I_all                ? 
_reflns.pdbx_Rsym_value                  ? 
_reflns.pdbx_netI_over_av_sigmaI         13.6 
_reflns.pdbx_netI_over_sigmaI            13.600 
_reflns.pdbx_res_netI_over_av_sigmaI_2   ? 
_reflns.pdbx_res_netI_over_sigmaI_2      ? 
_reflns.pdbx_chi_squared                 ? 
_reflns.pdbx_scaling_rejects             ? 
_reflns.pdbx_d_res_high_opt              ? 
_reflns.pdbx_d_res_low_opt               ? 
_reflns.pdbx_d_res_opt_method            ? 
_reflns.phase_calculation_details        ? 
_reflns.pdbx_Rrim_I_all                  0.093 
_reflns.pdbx_Rpim_I_all                  0.030 
_reflns.pdbx_d_opt                       ? 
_reflns.pdbx_number_measured_all         ? 
_reflns.pdbx_diffrn_id                   1 
_reflns.pdbx_ordinal                     1 
_reflns.pdbx_CC_half                     0.999 
_reflns.pdbx_CC_star                     ? 
_reflns.pdbx_R_split                     ? 
# 
_reflns_shell.d_res_high                  1.950 
_reflns_shell.d_res_low                   2.000 
_reflns_shell.meanI_over_sigI_all         ? 
_reflns_shell.meanI_over_sigI_obs         1.6 
_reflns_shell.number_measured_all         ? 
_reflns_shell.number_measured_obs         ? 
_reflns_shell.number_possible             ? 
_reflns_shell.number_unique_all           ? 
_reflns_shell.number_unique_obs           937 
_reflns_shell.percent_possible_all        99.700 
_reflns_shell.percent_possible_obs        ? 
_reflns_shell.Rmerge_F_all                ? 
_reflns_shell.Rmerge_F_obs                ? 
_reflns_shell.Rmerge_I_all                ? 
_reflns_shell.Rmerge_I_obs                1.593 
_reflns_shell.meanI_over_sigI_gt          ? 
_reflns_shell.meanI_over_uI_all           ? 
_reflns_shell.meanI_over_uI_gt            ? 
_reflns_shell.number_measured_gt          ? 
_reflns_shell.number_unique_gt            ? 
_reflns_shell.percent_possible_gt         ? 
_reflns_shell.Rmerge_F_gt                 ? 
_reflns_shell.Rmerge_I_gt                 ? 
_reflns_shell.pdbx_redundancy             9.800 
_reflns_shell.pdbx_Rsym_value             ? 
_reflns_shell.pdbx_chi_squared            ? 
_reflns_shell.pdbx_netI_over_sigmaI_all   ? 
_reflns_shell.pdbx_netI_over_sigmaI_obs   ? 
_reflns_shell.pdbx_Rrim_I_all             1.681 
_reflns_shell.pdbx_Rpim_I_all             0.526 
_reflns_shell.pdbx_rejects                ? 
_reflns_shell.pdbx_ordinal                1 
_reflns_shell.pdbx_diffrn_id              1 
_reflns_shell.pdbx_CC_half                0.816 
_reflns_shell.pdbx_CC_star                ? 
_reflns_shell.pdbx_R_split                ? 
# 
_refine.aniso_B[1][1]                            ? 
_refine.aniso_B[1][2]                            ? 
_refine.aniso_B[1][3]                            ? 
_refine.aniso_B[2][2]                            ? 
_refine.aniso_B[2][3]                            ? 
_refine.aniso_B[3][3]                            ? 
_refine.B_iso_max                                102.860 
_refine.B_iso_mean                               49.4751 
_refine.B_iso_min                                27.150 
_refine.correlation_coeff_Fo_to_Fc               ? 
_refine.correlation_coeff_Fo_to_Fc_free          ? 
_refine.details                                  ? 
_refine.diff_density_max                         ? 
_refine.diff_density_max_esd                     ? 
_refine.diff_density_min                         ? 
_refine.diff_density_min_esd                     ? 
_refine.diff_density_rms                         ? 
_refine.diff_density_rms_esd                     ? 
_refine.entry_id                                 6ZU8 
_refine.pdbx_refine_id                           'X-RAY DIFFRACTION' 
_refine.ls_abs_structure_details                 ? 
_refine.ls_abs_structure_Flack                   ? 
_refine.ls_abs_structure_Flack_esd               ? 
_refine.ls_abs_structure_Rogers                  ? 
_refine.ls_abs_structure_Rogers_esd              ? 
_refine.ls_d_res_high                            1.9500 
_refine.ls_d_res_low                             42.4600 
_refine.ls_extinction_coef                       ? 
_refine.ls_extinction_coef_esd                   ? 
_refine.ls_extinction_expression                 ? 
_refine.ls_extinction_method                     ? 
_refine.ls_goodness_of_fit_all                   ? 
_refine.ls_goodness_of_fit_all_esd               ? 
_refine.ls_goodness_of_fit_obs                   ? 
_refine.ls_goodness_of_fit_obs_esd               ? 
_refine.ls_hydrogen_treatment                    ? 
_refine.ls_matrix_type                           ? 
_refine.ls_number_constraints                    ? 
_refine.ls_number_parameters                     ? 
_refine.ls_number_reflns_all                     ? 
_refine.ls_number_reflns_obs                     13511 
_refine.ls_number_reflns_R_free                  653 
_refine.ls_number_reflns_R_work                  12858 
_refine.ls_number_restraints                     ? 
_refine.ls_percent_reflns_obs                    99.7000 
_refine.ls_percent_reflns_R_free                 4.8300 
_refine.ls_R_factor_all                          ? 
_refine.ls_R_factor_obs                          0.2196 
_refine.ls_R_factor_R_free                       0.2602 
_refine.ls_R_factor_R_free_error                 ? 
_refine.ls_R_factor_R_free_error_details         ? 
_refine.ls_R_factor_R_work                       0.2177 
_refine.ls_R_Fsqd_factor_obs                     ? 
_refine.ls_R_I_factor_obs                        ? 
_refine.ls_redundancy_reflns_all                 ? 
_refine.ls_redundancy_reflns_obs                 ? 
_refine.ls_restrained_S_all                      ? 
_refine.ls_restrained_S_obs                      ? 
_refine.ls_shift_over_esd_max                    ? 
_refine.ls_shift_over_esd_mean                   ? 
_refine.ls_structure_factor_coef                 ? 
_refine.ls_weighting_details                     ? 
_refine.ls_weighting_scheme                      ? 
_refine.ls_wR_factor_all                         ? 
_refine.ls_wR_factor_obs                         ? 
_refine.ls_wR_factor_R_free                      ? 
_refine.ls_wR_factor_R_work                      ? 
_refine.occupancy_max                            ? 
_refine.occupancy_min                            ? 
_refine.solvent_model_details                    'FLAT BULK SOLVENT MODEL' 
_refine.solvent_model_param_bsol                 ? 
_refine.solvent_model_param_ksol                 ? 
_refine.pdbx_R_complete                          ? 
_refine.ls_R_factor_gt                           ? 
_refine.ls_goodness_of_fit_gt                    ? 
_refine.ls_goodness_of_fit_ref                   ? 
_refine.ls_shift_over_su_max                     ? 
_refine.ls_shift_over_su_max_lt                  ? 
_refine.ls_shift_over_su_mean                    ? 
_refine.ls_shift_over_su_mean_lt                 ? 
_refine.pdbx_ls_sigma_I                          ? 
_refine.pdbx_ls_sigma_F                          1.350 
_refine.pdbx_ls_sigma_Fsqd                       ? 
_refine.pdbx_data_cutoff_high_absF               ? 
_refine.pdbx_data_cutoff_high_rms_absF           ? 
_refine.pdbx_data_cutoff_low_absF                ? 
_refine.pdbx_isotropic_thermal_model             ? 
_refine.pdbx_ls_cross_valid_method               THROUGHOUT 
_refine.pdbx_method_to_determine_struct          'MOLECULAR REPLACEMENT' 
_refine.pdbx_starting_model                      6f59 
_refine.pdbx_stereochemistry_target_values       ML 
_refine.pdbx_R_Free_selection_details            ? 
_refine.pdbx_stereochem_target_val_spec_case     ? 
_refine.pdbx_overall_ESU_R                       ? 
_refine.pdbx_overall_ESU_R_Free                  ? 
_refine.pdbx_solvent_vdw_probe_radii             1.1100 
_refine.pdbx_solvent_ion_probe_radii             ? 
_refine.pdbx_solvent_shrinkage_radii             0.9000 
_refine.pdbx_real_space_R                        ? 
_refine.pdbx_density_correlation                 ? 
_refine.pdbx_pd_number_of_powder_patterns        ? 
_refine.pdbx_pd_number_of_points                 ? 
_refine.pdbx_pd_meas_number_of_points            ? 
_refine.pdbx_pd_proc_ls_prof_R_factor            ? 
_refine.pdbx_pd_proc_ls_prof_wR_factor           ? 
_refine.pdbx_pd_Marquardt_correlation_coeff      ? 
_refine.pdbx_pd_Fsqrd_R_factor                   ? 
_refine.pdbx_pd_ls_matrix_band_width             ? 
_refine.pdbx_overall_phase_error                 35.3500 
_refine.pdbx_overall_SU_R_free_Cruickshank_DPI   ? 
_refine.pdbx_overall_SU_R_free_Blow_DPI          ? 
_refine.pdbx_overall_SU_R_Blow_DPI               ? 
_refine.pdbx_TLS_residual_ADP_flag               ? 
_refine.pdbx_diffrn_id                           1 
_refine.overall_SU_B                             ? 
_refine.overall_SU_ML                            0.2600 
_refine.overall_SU_R_Cruickshank_DPI             ? 
_refine.overall_SU_R_free                        ? 
_refine.overall_FOM_free_R_set                   ? 
_refine.overall_FOM_work_R_set                   ? 
_refine.pdbx_average_fsc_overall                 ? 
_refine.pdbx_average_fsc_work                    ? 
_refine.pdbx_average_fsc_free                    ? 
# 
_refine_hist.pdbx_refine_id                   'X-RAY DIFFRACTION' 
_refine_hist.cycle_id                         final 
_refine_hist.details                          ? 
_refine_hist.d_res_high                       1.9500 
_refine_hist.d_res_low                        42.4600 
_refine_hist.number_atoms_solvent             73 
_refine_hist.number_atoms_total               1532 
_refine_hist.number_reflns_all                ? 
_refine_hist.number_reflns_obs                ? 
_refine_hist.number_reflns_R_free             ? 
_refine_hist.number_reflns_R_work             ? 
_refine_hist.R_factor_all                     ? 
_refine_hist.R_factor_obs                     ? 
_refine_hist.R_factor_R_free                  ? 
_refine_hist.R_factor_R_work                  ? 
_refine_hist.pdbx_number_residues_total       179 
_refine_hist.pdbx_B_iso_mean_ligand           45.10 
_refine_hist.pdbx_B_iso_mean_solvent          49.12 
_refine_hist.pdbx_number_atoms_protein        1424 
_refine_hist.pdbx_number_atoms_nucleic_acid   0 
_refine_hist.pdbx_number_atoms_ligand         35 
_refine_hist.pdbx_number_atoms_lipid          ? 
_refine_hist.pdbx_number_atoms_carb           ? 
_refine_hist.pdbx_pseudo_atom_details         ? 
# 
loop_
_refine_ls_shell.pdbx_refine_id 
_refine_ls_shell.d_res_high 
_refine_ls_shell.d_res_low 
_refine_ls_shell.number_reflns_all 
_refine_ls_shell.number_reflns_obs 
_refine_ls_shell.number_reflns_R_free 
_refine_ls_shell.number_reflns_R_work 
_refine_ls_shell.percent_reflns_obs 
_refine_ls_shell.percent_reflns_R_free 
_refine_ls_shell.R_factor_all 
_refine_ls_shell.R_factor_obs 
_refine_ls_shell.R_factor_R_free 
_refine_ls_shell.R_factor_R_free_error 
_refine_ls_shell.R_factor_R_work 
_refine_ls_shell.redundancy_reflns_all 
_refine_ls_shell.redundancy_reflns_obs 
_refine_ls_shell.wR_factor_all 
_refine_ls_shell.wR_factor_obs 
_refine_ls_shell.wR_factor_R_free 
_refine_ls_shell.wR_factor_R_work 
_refine_ls_shell.pdbx_R_complete 
_refine_ls_shell.pdbx_total_number_of_bins_used 
_refine_ls_shell.pdbx_phase_error 
_refine_ls_shell.pdbx_fsc_work 
_refine_ls_shell.pdbx_fsc_free 
'X-RAY DIFFRACTION' 1.9500 2.1000  2631 . 127 2504 99.0000  . . . 0.4157 0.0000 0.3298 . . . . . . . 5 . . . 
'X-RAY DIFFRACTION' 2.1000 2.3100  2667 . 126 2541 100.0000 . . . 0.3260 0.0000 0.2726 . . . . . . . 5 . . . 
'X-RAY DIFFRACTION' 2.3100 2.6500  2661 . 131 2530 100.0000 . . . 0.2981 0.0000 0.2331 . . . . . . . 5 . . . 
'X-RAY DIFFRACTION' 2.6500 3.3300  2713 . 143 2570 100.0000 . . . 0.2713 0.0000 0.2185 . . . . . . . 5 . . . 
'X-RAY DIFFRACTION' 3.3300 42.4600 2839 . 126 2713 100.0000 . . . 0.2186 0.0000 0.1952 . . . . . . . 5 . . . 
# 
_struct.entry_id                     6ZU8 
_struct.title                        'Crystal structure of human Brachyury G177D variant in complex with Afatinib' 
_struct.pdbx_model_details           ? 
_struct.pdbx_formula_weight          ? 
_struct.pdbx_formula_weight_method   ? 
_struct.pdbx_model_type_details      ? 
_struct.pdbx_CASP_flag               N 
# 
_struct_keywords.entry_id        6ZU8 
_struct_keywords.text            'Brachyury, TBXT, Afatinib, TRANSCRIPTION' 
_struct_keywords.pdbx_keywords   TRANSCRIPTION 
# 
loop_
_struct_asym.id 
_struct_asym.pdbx_blank_PDB_chainid_flag 
_struct_asym.pdbx_modified 
_struct_asym.entity_id 
_struct_asym.details 
A N N 1 ? 
B N N 2 ? 
C N N 3 ? 
D N N 4 ? 
# 
_struct_ref.id                         1 
_struct_ref.db_name                    UNP 
_struct_ref.db_code                    BRAC_HUMAN 
_struct_ref.pdbx_db_accession          O15178 
_struct_ref.pdbx_db_isoform            ? 
_struct_ref.entity_id                  1 
_struct_ref.pdbx_seq_one_letter_code   
;ELRVGLEESELWLRFKELTNEMIVTKNGRRMFPVLKVNVSGLDPNAMYSFLLDFVAADNHRWKYVNGEWVPGGKPEPQAP
SCVYIHPDSPNFGAHWMKAPVSFSKVKLTNKLNGGGQIMLNSLHKYEPRIHIVRVGGPQRMITSHCFPETQFIAVTAYQN
EEITALKIKYNPFAKAFLDAKERS
;
_struct_ref.pdbx_align_begin           41 
# 
_struct_ref_seq.align_id                      1 
_struct_ref_seq.ref_id                        1 
_struct_ref_seq.pdbx_PDB_id_code              6ZU8 
_struct_ref_seq.pdbx_strand_id                A 
_struct_ref_seq.seq_align_beg                 3 
_struct_ref_seq.pdbx_seq_align_beg_ins_code   ? 
_struct_ref_seq.seq_align_end                 186 
_struct_ref_seq.pdbx_seq_align_end_ins_code   ? 
_struct_ref_seq.pdbx_db_accession             O15178 
_struct_ref_seq.db_align_beg                  41 
_struct_ref_seq.pdbx_db_align_beg_ins_code    ? 
_struct_ref_seq.db_align_end                  224 
_struct_ref_seq.pdbx_db_align_end_ins_code    ? 
_struct_ref_seq.pdbx_auth_seq_align_beg       41 
_struct_ref_seq.pdbx_auth_seq_align_end       225 
# 
loop_
_struct_ref_seq_dif.align_id 
_struct_ref_seq_dif.pdbx_pdb_id_code 
_struct_ref_seq_dif.mon_id 
_struct_ref_seq_dif.pdbx_pdb_strand_id 
_struct_ref_seq_dif.seq_num 
_struct_ref_seq_dif.pdbx_pdb_ins_code 
_struct_ref_seq_dif.pdbx_seq_db_name 
_struct_ref_seq_dif.pdbx_seq_db_accession_code 
_struct_ref_seq_dif.db_mon_id 
_struct_ref_seq_dif.pdbx_seq_db_seq_num 
_struct_ref_seq_dif.details 
_struct_ref_seq_dif.pdbx_auth_seq_num 
_struct_ref_seq_dif.pdbx_ordinal 
1 6ZU8 MET A 1   ? UNP O15178 ?   ?   'initiating methionine' 39  1 
1 6ZU8 GLY A 2   ? UNP O15178 ?   ?   'expression tag'        40  2 
1 6ZU8 ASP A 139 ? UNP O15178 GLY 177 conflict                177 3 
1 6ZU8 HIS A 187 ? UNP O15178 ?   ?   'expression tag'        226 4 
1 6ZU8 HIS A 188 ? UNP O15178 ?   ?   'expression tag'        227 5 
1 6ZU8 HIS A 189 ? UNP O15178 ?   ?   'expression tag'        228 6 
1 6ZU8 HIS A 190 ? UNP O15178 ?   ?   'expression tag'        229 7 
1 6ZU8 HIS A 191 ? UNP O15178 ?   ?   'expression tag'        230 8 
1 6ZU8 HIS A 192 ? UNP O15178 ?   ?   'expression tag'        231 9 
# 
_pdbx_struct_assembly.id                   1 
_pdbx_struct_assembly.details              author_and_software_defined_assembly 
_pdbx_struct_assembly.method_details       PISA 
_pdbx_struct_assembly.oligomeric_details   monomeric 
_pdbx_struct_assembly.oligomeric_count     1 
# 
loop_
_pdbx_struct_assembly_prop.biol_id 
_pdbx_struct_assembly_prop.type 
_pdbx_struct_assembly_prop.value 
_pdbx_struct_assembly_prop.details 
1 'ABSA (A^2)' 70    ? 
1 MORE         -20   ? 
1 'SSA (A^2)'  10120 ? 
# 
_pdbx_struct_assembly_gen.assembly_id       1 
_pdbx_struct_assembly_gen.oper_expression   1 
_pdbx_struct_assembly_gen.asym_id_list      A,B,C,D 
# 
_pdbx_struct_assembly_auth_evidence.id                     1 
_pdbx_struct_assembly_auth_evidence.assembly_id            1 
_pdbx_struct_assembly_auth_evidence.experimental_support   'gel filtration' 
_pdbx_struct_assembly_auth_evidence.details                ? 
# 
_pdbx_struct_oper_list.id                   1 
_pdbx_struct_oper_list.type                 'identity operation' 
_pdbx_struct_oper_list.name                 1_555 
_pdbx_struct_oper_list.symmetry_operation   x,y,z 
_pdbx_struct_oper_list.matrix[1][1]         1.0000000000 
_pdbx_struct_oper_list.matrix[1][2]         0.0000000000 
_pdbx_struct_oper_list.matrix[1][3]         0.0000000000 
_pdbx_struct_oper_list.vector[1]            0.0000000000 
_pdbx_struct_oper_list.matrix[2][1]         0.0000000000 
_pdbx_struct_oper_list.matrix[2][2]         1.0000000000 
_pdbx_struct_oper_list.matrix[2][3]         0.0000000000 
_pdbx_struct_oper_list.vector[2]            0.0000000000 
_pdbx_struct_oper_list.matrix[3][1]         0.0000000000 
_pdbx_struct_oper_list.matrix[3][2]         0.0000000000 
_pdbx_struct_oper_list.matrix[3][3]         1.0000000000 
_pdbx_struct_oper_list.vector[3]            0.0000000000 
# 
loop_
_struct_conf.conf_type_id 
_struct_conf.id 
_struct_conf.pdbx_PDB_helix_id 
_struct_conf.beg_label_comp_id 
_struct_conf.beg_label_asym_id 
_struct_conf.beg_label_seq_id 
_struct_conf.pdbx_beg_PDB_ins_code 
_struct_conf.end_label_comp_id 
_struct_conf.end_label_asym_id 
_struct_conf.end_label_seq_id 
_struct_conf.pdbx_end_PDB_ins_code 
_struct_conf.beg_auth_comp_id 
_struct_conf.beg_auth_asym_id 
_struct_conf.beg_auth_seq_id 
_struct_conf.end_auth_comp_id 
_struct_conf.end_auth_asym_id 
_struct_conf.end_auth_seq_id 
_struct_conf.pdbx_PDB_helix_class 
_struct_conf.details 
_struct_conf.pdbx_PDB_helix_length 
HELX_P HELX_P1 AA1 GLU A 10  ? LEU A 20  ? GLU A 48  LEU A 58  1 ? 11 
HELX_P HELX_P2 AA2 GLY A 95  ? LYS A 100 ? GLY A 133 LYS A 138 1 ? 6  
HELX_P HELX_P3 AA3 PRO A 150 ? GLN A 153 ? PRO A 188 GLN A 191 5 ? 4  
HELX_P HELX_P4 AA4 ASN A 162 ? ASN A 173 ? ASN A 200 ASN A 211 1 ? 12 
HELX_P HELX_P5 AA5 ASN A 173 ? PHE A 179 ? ASN A 211 PHE A 217 1 ? 7  
# 
_struct_conf_type.id          HELX_P 
_struct_conf_type.criteria    ? 
_struct_conf_type.reference   ? 
# 
loop_
_struct_conn.id 
_struct_conn.conn_type_id 
_struct_conn.pdbx_leaving_atom_flag 
_struct_conn.pdbx_PDB_id 
_struct_conn.ptnr1_label_asym_id 
_struct_conn.ptnr1_label_comp_id 
_struct_conn.ptnr1_label_seq_id 
_struct_conn.ptnr1_label_atom_id 
_struct_conn.pdbx_ptnr1_label_alt_id 
_struct_conn.pdbx_ptnr1_PDB_ins_code 
_struct_conn.pdbx_ptnr1_standard_comp_id 
_struct_conn.ptnr1_symmetry 
_struct_conn.ptnr2_label_asym_id 
_struct_conn.ptnr2_label_comp_id 
_struct_conn.ptnr2_label_seq_id 
_struct_conn.ptnr2_label_atom_id 
_struct_conn.pdbx_ptnr2_label_alt_id 
_struct_conn.pdbx_ptnr2_PDB_ins_code 
_struct_conn.ptnr1_auth_asym_id 
_struct_conn.ptnr1_auth_comp_id 
_struct_conn.ptnr1_auth_seq_id 
_struct_conn.ptnr2_auth_asym_id 
_struct_conn.ptnr2_auth_comp_id 
_struct_conn.ptnr2_auth_seq_id 
_struct_conn.ptnr2_symmetry 
_struct_conn.pdbx_ptnr3_label_atom_id 
_struct_conn.pdbx_ptnr3_label_seq_id 
_struct_conn.pdbx_ptnr3_label_comp_id 
_struct_conn.pdbx_ptnr3_label_asym_id 
_struct_conn.pdbx_ptnr3_label_alt_id 
_struct_conn.pdbx_ptnr3_PDB_ins_code 
_struct_conn.details 
_struct_conn.pdbx_dist_value 
_struct_conn.pdbx_value_order 
_struct_conn.pdbx_role 
covale1 covale one ? A CYS 84  SG  ? ? ? 1_555 C 0WN . C30 ? ? A CYS 122 A 0WN 302 1_555 ? ? ? ? ? ? ? 1.685 ? ? 
metalc1 metalc ?   ? A GLU 129 OE2 ? ? ? 1_555 B ZN  . ZN  ? ? A GLU 167 A ZN  301 1_555 ? ? ? ? ? ? ? 1.933 ? ? 
metalc2 metalc ?   ? A CYS 148 SG  ? ? ? 1_555 B ZN  . ZN  ? ? A CYS 186 A ZN  301 1_555 ? ? ? ? ? ? ? 2.398 ? ? 
metalc3 metalc ?   ? A HIS 187 NE2 ? ? ? 1_555 B ZN  . ZN  ? ? A HIS 226 A ZN  301 4_555 ? ? ? ? ? ? ? 2.114 ? ? 
metalc4 metalc ?   ? A HIS 189 ND1 ? ? ? 1_555 B ZN  . ZN  ? ? A HIS 228 A ZN  301 4_555 ? ? ? ? ? ? ? 2.217 ? ? 
# 
loop_
_struct_conn_type.id 
_struct_conn_type.criteria 
_struct_conn_type.reference 
covale ? ? 
metalc ? ? 
# 
loop_
_pdbx_struct_conn_angle.id 
_pdbx_struct_conn_angle.ptnr1_label_atom_id 
_pdbx_struct_conn_angle.ptnr1_label_alt_id 
_pdbx_struct_conn_angle.ptnr1_label_asym_id 
_pdbx_struct_conn_angle.ptnr1_label_comp_id 
_pdbx_struct_conn_angle.ptnr1_label_seq_id 
_pdbx_struct_conn_angle.ptnr1_auth_atom_id 
_pdbx_struct_conn_angle.ptnr1_auth_asym_id 
_pdbx_struct_conn_angle.ptnr1_auth_comp_id 
_pdbx_struct_conn_angle.ptnr1_auth_seq_id 
_pdbx_struct_conn_angle.ptnr1_PDB_ins_code 
_pdbx_struct_conn_angle.ptnr1_symmetry 
_pdbx_struct_conn_angle.ptnr2_label_atom_id 
_pdbx_struct_conn_angle.ptnr2_label_alt_id 
_pdbx_struct_conn_angle.ptnr2_label_asym_id 
_pdbx_struct_conn_angle.ptnr2_label_comp_id 
_pdbx_struct_conn_angle.ptnr2_label_seq_id 
_pdbx_struct_conn_angle.ptnr2_auth_atom_id 
_pdbx_struct_conn_angle.ptnr2_auth_asym_id 
_pdbx_struct_conn_angle.ptnr2_auth_comp_id 
_pdbx_struct_conn_angle.ptnr2_auth_seq_id 
_pdbx_struct_conn_angle.ptnr2_PDB_ins_code 
_pdbx_struct_conn_angle.ptnr2_symmetry 
_pdbx_struct_conn_angle.ptnr3_label_atom_id 
_pdbx_struct_conn_angle.ptnr3_label_alt_id 
_pdbx_struct_conn_angle.ptnr3_label_asym_id 
_pdbx_struct_conn_angle.ptnr3_label_comp_id 
_pdbx_struct_conn_angle.ptnr3_label_seq_id 
_pdbx_struct_conn_angle.ptnr3_auth_atom_id 
_pdbx_struct_conn_angle.ptnr3_auth_asym_id 
_pdbx_struct_conn_angle.ptnr3_auth_comp_id 
_pdbx_struct_conn_angle.ptnr3_auth_seq_id 
_pdbx_struct_conn_angle.ptnr3_PDB_ins_code 
_pdbx_struct_conn_angle.ptnr3_symmetry 
_pdbx_struct_conn_angle.value 
_pdbx_struct_conn_angle.value_esd 
1 OE2 ? A GLU 129 ? A GLU 167 ? 1_555 ZN ? B ZN . ? A ZN 301 ? 1_555 SG  ? A CYS 148 ? A CYS 186 ? 1_555 100.1 ? 
2 OE2 ? A GLU 129 ? A GLU 167 ? 1_555 ZN ? B ZN . ? A ZN 301 ? 1_555 NE2 ? A HIS 187 ? A HIS 226 ? 1_555 48.5  ? 
3 SG  ? A CYS 148 ? A CYS 186 ? 1_555 ZN ? B ZN . ? A ZN 301 ? 1_555 NE2 ? A HIS 187 ? A HIS 226 ? 1_555 143.5 ? 
4 OE2 ? A GLU 129 ? A GLU 167 ? 1_555 ZN ? B ZN . ? A ZN 301 ? 1_555 ND1 ? A HIS 189 ? A HIS 228 ? 1_555 52.2  ? 
5 SG  ? A CYS 148 ? A CYS 186 ? 1_555 ZN ? B ZN . ? A ZN 301 ? 1_555 ND1 ? A HIS 189 ? A HIS 228 ? 1_555 146.8 ? 
6 NE2 ? A HIS 187 ? A HIS 226 ? 1_555 ZN ? B ZN . ? A ZN 301 ? 1_555 ND1 ? A HIS 189 ? A HIS 228 ? 1_555 3.7   ? 
# 
_pdbx_modification_feature.ordinal                            1 
_pdbx_modification_feature.label_comp_id                      0WN 
_pdbx_modification_feature.label_asym_id                      C 
_pdbx_modification_feature.label_seq_id                       . 
_pdbx_modification_feature.label_alt_id                       ? 
_pdbx_modification_feature.modified_residue_label_comp_id     CYS 
_pdbx_modification_feature.modified_residue_label_asym_id     A 
_pdbx_modification_feature.modified_residue_label_seq_id      84 
_pdbx_modification_feature.modified_residue_label_alt_id      ? 
_pdbx_modification_feature.auth_comp_id                       0WN 
_pdbx_modification_feature.auth_asym_id                       A 
_pdbx_modification_feature.auth_seq_id                        302 
_pdbx_modification_feature.PDB_ins_code                       ? 
_pdbx_modification_feature.symmetry                           1_555 
_pdbx_modification_feature.modified_residue_auth_comp_id      CYS 
_pdbx_modification_feature.modified_residue_auth_asym_id      A 
_pdbx_modification_feature.modified_residue_auth_seq_id       122 
_pdbx_modification_feature.modified_residue_PDB_ins_code      ? 
_pdbx_modification_feature.modified_residue_symmetry          1_555 
_pdbx_modification_feature.comp_id_linking_atom               C30 
_pdbx_modification_feature.modified_residue_id_linking_atom   SG 
_pdbx_modification_feature.modified_residue_id                CYS 
_pdbx_modification_feature.ref_pcm_id                         1 
_pdbx_modification_feature.ref_comp_id                        0WN 
_pdbx_modification_feature.type                               None 
_pdbx_modification_feature.category                           'Covalent chemical modification' 
# 
loop_
_struct_mon_prot_cis.pdbx_id 
_struct_mon_prot_cis.label_comp_id 
_struct_mon_prot_cis.label_seq_id 
_struct_mon_prot_cis.label_asym_id 
_struct_mon_prot_cis.label_alt_id 
_struct_mon_prot_cis.pdbx_PDB_ins_code 
_struct_mon_prot_cis.auth_comp_id 
_struct_mon_prot_cis.auth_seq_id 
_struct_mon_prot_cis.auth_asym_id 
_struct_mon_prot_cis.pdbx_label_comp_id_2 
_struct_mon_prot_cis.pdbx_label_seq_id_2 
_struct_mon_prot_cis.pdbx_label_asym_id_2 
_struct_mon_prot_cis.pdbx_PDB_ins_code_2 
_struct_mon_prot_cis.pdbx_auth_comp_id_2 
_struct_mon_prot_cis.pdbx_auth_seq_id_2 
_struct_mon_prot_cis.pdbx_auth_asym_id_2 
_struct_mon_prot_cis.pdbx_PDB_model_num 
_struct_mon_prot_cis.pdbx_omega_angle 
1 PHE 34 A . ? PHE 72  A PRO 35 A ? PRO 73  A 1 -2.85 
2 SER 91 A . ? SER 129 A PRO 92 A ? PRO 130 A 1 -6.35 
# 
loop_
_struct_sheet.id 
_struct_sheet.type 
_struct_sheet.number_strands 
_struct_sheet.details 
AA1 ? 3 ? 
AA2 ? 5 ? 
AA3 ? 4 ? 
AA4 ? 3 ? 
AA5 ? 2 ? 
# 
loop_
_struct_sheet_order.sheet_id 
_struct_sheet_order.range_id_1 
_struct_sheet_order.range_id_2 
_struct_sheet_order.offset 
_struct_sheet_order.sense 
AA1 1 2 ? anti-parallel 
AA1 2 3 ? anti-parallel 
AA2 1 2 ? parallel      
AA2 2 3 ? anti-parallel 
AA2 3 4 ? anti-parallel 
AA2 4 5 ? anti-parallel 
AA3 1 2 ? anti-parallel 
AA3 2 3 ? anti-parallel 
AA3 3 4 ? anti-parallel 
AA4 1 2 ? anti-parallel 
AA4 2 3 ? parallel      
AA5 1 2 ? anti-parallel 
# 
loop_
_struct_sheet_range.sheet_id 
_struct_sheet_range.id 
_struct_sheet_range.beg_label_comp_id 
_struct_sheet_range.beg_label_asym_id 
_struct_sheet_range.beg_label_seq_id 
_struct_sheet_range.pdbx_beg_PDB_ins_code 
_struct_sheet_range.end_label_comp_id 
_struct_sheet_range.end_label_asym_id 
_struct_sheet_range.end_label_seq_id 
_struct_sheet_range.pdbx_end_PDB_ins_code 
_struct_sheet_range.beg_auth_comp_id 
_struct_sheet_range.beg_auth_asym_id 
_struct_sheet_range.beg_auth_seq_id 
_struct_sheet_range.end_auth_comp_id 
_struct_sheet_range.end_auth_asym_id 
_struct_sheet_range.end_auth_seq_id 
AA1 1 ARG A 5   ? LEU A 8   ? ARG A 43  LEU A 46  
AA1 2 LYS A 38  ? SER A 42  ? LYS A 76  SER A 80  
AA1 3 VAL A 103 ? SER A 104 ? VAL A 141 SER A 142 
AA2 1 GLU A 23  ? ILE A 25  ? GLU A 61  ILE A 63  
AA2 2 PHE A 154 ? VAL A 157 ? PHE A 192 VAL A 195 
AA2 3 LYS A 127 ? ARG A 136 ? LYS A 165 ARG A 174 
AA2 4 MET A 49  ? ALA A 58  ? MET A 87  ALA A 96  
AA2 5 ASN A 93  ? PHE A 94  ? ASN A 131 PHE A 132 
AA3 1 TYR A 86  ? ILE A 87  ? TYR A 124 ILE A 125 
AA3 2 MET A 49  ? ALA A 58  ? MET A 87  ALA A 96  
AA3 3 LYS A 127 ? ARG A 136 ? LYS A 165 ARG A 174 
AA3 4 ILE A 144 ? CYS A 148 ? ILE A 182 CYS A 186 
AA4 1 ARG A 31  ? ARG A 32  ? ARG A 69  ARG A 70  
AA4 2 LYS A 109 ? THR A 111 ? LYS A 147 THR A 149 
AA4 3 GLN A 119 ? MET A 121 ? GLN A 157 MET A 159 
AA5 1 ARG A 63  ? VAL A 67  ? ARG A 101 VAL A 105 
AA5 2 GLU A 70  ? GLY A 74  ? GLU A 108 GLY A 112 
# 
loop_
_pdbx_struct_sheet_hbond.sheet_id 
_pdbx_struct_sheet_hbond.range_id_1 
_pdbx_struct_sheet_hbond.range_id_2 
_pdbx_struct_sheet_hbond.range_1_label_atom_id 
_pdbx_struct_sheet_hbond.range_1_label_comp_id 
_pdbx_struct_sheet_hbond.range_1_label_asym_id 
_pdbx_struct_sheet_hbond.range_1_label_seq_id 
_pdbx_struct_sheet_hbond.range_1_PDB_ins_code 
_pdbx_struct_sheet_hbond.range_1_auth_atom_id 
_pdbx_struct_sheet_hbond.range_1_auth_comp_id 
_pdbx_struct_sheet_hbond.range_1_auth_asym_id 
_pdbx_struct_sheet_hbond.range_1_auth_seq_id 
_pdbx_struct_sheet_hbond.range_2_label_atom_id 
_pdbx_struct_sheet_hbond.range_2_label_comp_id 
_pdbx_struct_sheet_hbond.range_2_label_asym_id 
_pdbx_struct_sheet_hbond.range_2_label_seq_id 
_pdbx_struct_sheet_hbond.range_2_PDB_ins_code 
_pdbx_struct_sheet_hbond.range_2_auth_atom_id 
_pdbx_struct_sheet_hbond.range_2_auth_comp_id 
_pdbx_struct_sheet_hbond.range_2_auth_asym_id 
_pdbx_struct_sheet_hbond.range_2_auth_seq_id 
AA1 1 2 N ARG A 5   ? N ARG A 43  O SER A 42  ? O SER A 80  
AA1 2 3 N VAL A 39  ? N VAL A 77  O VAL A 103 ? O VAL A 141 
AA2 1 2 N MET A 24  ? N MET A 62  O VAL A 157 ? O VAL A 195 
AA2 2 3 O PHE A 154 ? O PHE A 192 N TYR A 128 ? N TYR A 166 
AA2 3 4 O HIS A 133 ? O HIS A 171 N LEU A 53  ? N LEU A 91  
AA2 4 5 N TYR A 50  ? N TYR A 88  O ASN A 93  ? O ASN A 131 
AA3 1 2 O TYR A 86  ? O TYR A 124 N LEU A 54  ? N LEU A 92  
AA3 2 3 N LEU A 53  ? N LEU A 91  O HIS A 133 ? O HIS A 171 
AA3 3 4 N ILE A 132 ? N ILE A 170 O HIS A 147 ? O HIS A 185 
AA4 1 2 N ARG A 31  ? N ARG A 69  O LEU A 110 ? O LEU A 148 
AA4 2 3 N THR A 111 ? N THR A 149 O ILE A 120 ? O ILE A 158 
AA5 1 2 N LYS A 65  ? N LYS A 103 O VAL A 72  ? O VAL A 110 
# 
_pdbx_entry_details.entry_id                   6ZU8 
_pdbx_entry_details.has_ligand_of_interest     Y 
_pdbx_entry_details.compound_details           ? 
_pdbx_entry_details.source_details             ? 
_pdbx_entry_details.nonpolymer_details         ? 
_pdbx_entry_details.sequence_details           ? 
_pdbx_entry_details.has_protein_modification   Y 
# 
_pdbx_validate_close_contact.id               1 
_pdbx_validate_close_contact.PDB_model_num    1 
_pdbx_validate_close_contact.auth_atom_id_1   OD1 
_pdbx_validate_close_contact.auth_asym_id_1   A 
_pdbx_validate_close_contact.auth_comp_id_1   ASN 
_pdbx_validate_close_contact.auth_seq_id_1    153 
_pdbx_validate_close_contact.PDB_ins_code_1   ? 
_pdbx_validate_close_contact.label_alt_id_1   ? 
_pdbx_validate_close_contact.auth_atom_id_2   O 
_pdbx_validate_close_contact.auth_asym_id_2   A 
_pdbx_validate_close_contact.auth_comp_id_2   HOH 
_pdbx_validate_close_contact.auth_seq_id_2    401 
_pdbx_validate_close_contact.PDB_ins_code_2   ? 
_pdbx_validate_close_contact.label_alt_id_2   ? 
_pdbx_validate_close_contact.dist             2.19 
# 
loop_
_pdbx_validate_torsion.id 
_pdbx_validate_torsion.PDB_model_num 
_pdbx_validate_torsion.auth_comp_id 
_pdbx_validate_torsion.auth_asym_id 
_pdbx_validate_torsion.auth_seq_id 
_pdbx_validate_torsion.PDB_ins_code 
_pdbx_validate_torsion.label_alt_id 
_pdbx_validate_torsion.phi 
_pdbx_validate_torsion.psi 
1 1 THR A 59  ? ? 66.05   108.55 
2 1 PHE A 143 ? ? -109.78 40.90  
3 1 LYS A 151 ? ? -146.21 -76.79 
# 
loop_
_pdbx_unobs_or_zero_occ_residues.id 
_pdbx_unobs_or_zero_occ_residues.PDB_model_num 
_pdbx_unobs_or_zero_occ_residues.polymer_flag 
_pdbx_unobs_or_zero_occ_residues.occupancy_flag 
_pdbx_unobs_or_zero_occ_residues.auth_asym_id 
_pdbx_unobs_or_zero_occ_residues.auth_comp_id 
_pdbx_unobs_or_zero_occ_residues.auth_seq_id 
_pdbx_unobs_or_zero_occ_residues.PDB_ins_code 
_pdbx_unobs_or_zero_occ_residues.label_asym_id 
_pdbx_unobs_or_zero_occ_residues.label_comp_id 
_pdbx_unobs_or_zero_occ_residues.label_seq_id 
1  1 Y 1 A MET 39  ? A MET 1   
2  1 Y 1 A GLY 40  ? A GLY 2   
3  1 Y 1 A GLY 176 ? A GLY 138 
4  1 Y 1 A ASP 177 ? A ASP 139 
5  1 Y 1 A PRO 178 ? A PRO 140 
6  1 Y 1 A GLN 179 ? A GLN 141 
7  1 Y 1 A ASP 220 ? A ASP 181 
8  1 Y 1 A ALA 221 ? A ALA 182 
9  1 Y 1 A LYS 222 ? A LYS 183 
10 1 Y 1 A GLU 223 ? A GLU 184 
11 1 Y 1 A ARG 224 ? A ARG 185 
12 1 Y 1 A SER 225 ? A SER 186 
13 1 Y 1 A HIS 231 ? A HIS 192 
# 
loop_
_chem_comp_atom.comp_id 
_chem_comp_atom.atom_id 
_chem_comp_atom.type_symbol 
_chem_comp_atom.pdbx_aromatic_flag 
_chem_comp_atom.pdbx_stereo_config 
_chem_comp_atom.pdbx_ordinal 
0WN C1   C  Y N 1   
0WN N2   N  Y N 2   
0WN N3   N  Y N 3   
0WN C4   C  Y N 4   
0WN C5   C  Y N 5   
0WN C6   C  Y N 6   
0WN C7   C  Y N 7   
0WN C8   C  Y N 8   
0WN C9   C  Y N 9   
0WN C10  C  Y N 10  
0WN N11  N  N N 11  
0WN C12  C  Y N 12  
0WN C13  C  Y N 13  
0WN C14  C  Y N 14  
0WN C15  C  Y N 15  
0WN C16  C  Y N 16  
0WN C17  C  Y N 17  
0WN F18  F  N N 18  
0WN CL1  CL N N 19  
0WN O20  O  N N 20  
0WN C21  C  N S 21  
0WN C22  C  N N 22  
0WN O23  O  N N 23  
0WN C24  C  N N 24  
0WN C25  C  N N 25  
0WN N26  N  N N 26  
0WN C27  C  N N 27  
0WN C28  C  N N 28  
0WN O29  O  N N 29  
0WN C30  C  N N 30  
0WN C31  C  N N 31  
0WN N32  N  N N 32  
0WN C33  C  N N 33  
0WN C34  C  N N 34  
0WN H1   H  N N 35  
0WN H2   H  N N 36  
0WN H3   H  N N 37  
0WN H4   H  N N 38  
0WN H5   H  N N 39  
0WN H6   H  N N 40  
0WN H7   H  N N 41  
0WN H8   H  N N 42  
0WN H9   H  N N 43  
0WN H10  H  N N 44  
0WN H11  H  N N 45  
0WN H12  H  N N 46  
0WN H13  H  N N 47  
0WN H14  H  N N 48  
0WN H15  H  N N 49  
0WN H16  H  N N 50  
0WN H17  H  N N 51  
0WN H18  H  N N 52  
0WN H19  H  N N 53  
0WN H20  H  N N 54  
0WN H21  H  N N 55  
0WN H23  H  N N 56  
0WN H24  H  N N 57  
0WN H25  H  N N 58  
0WN H26  H  N N 59  
0WN H27  H  N N 60  
0WN H28  H  N N 61  
ALA N    N  N N 62  
ALA CA   C  N S 63  
ALA C    C  N N 64  
ALA O    O  N N 65  
ALA CB   C  N N 66  
ALA OXT  O  N N 67  
ALA H    H  N N 68  
ALA H2   H  N N 69  
ALA HA   H  N N 70  
ALA HB1  H  N N 71  
ALA HB2  H  N N 72  
ALA HB3  H  N N 73  
ALA HXT  H  N N 74  
ARG N    N  N N 75  
ARG CA   C  N S 76  
ARG C    C  N N 77  
ARG O    O  N N 78  
ARG CB   C  N N 79  
ARG CG   C  N N 80  
ARG CD   C  N N 81  
ARG NE   N  N N 82  
ARG CZ   C  N N 83  
ARG NH1  N  N N 84  
ARG NH2  N  N N 85  
ARG OXT  O  N N 86  
ARG H    H  N N 87  
ARG H2   H  N N 88  
ARG HA   H  N N 89  
ARG HB2  H  N N 90  
ARG HB3  H  N N 91  
ARG HG2  H  N N 92  
ARG HG3  H  N N 93  
ARG HD2  H  N N 94  
ARG HD3  H  N N 95  
ARG HE   H  N N 96  
ARG HH11 H  N N 97  
ARG HH12 H  N N 98  
ARG HH21 H  N N 99  
ARG HH22 H  N N 100 
ARG HXT  H  N N 101 
ASN N    N  N N 102 
ASN CA   C  N S 103 
ASN C    C  N N 104 
ASN O    O  N N 105 
ASN CB   C  N N 106 
ASN CG   C  N N 107 
ASN OD1  O  N N 108 
ASN ND2  N  N N 109 
ASN OXT  O  N N 110 
ASN H    H  N N 111 
ASN H2   H  N N 112 
ASN HA   H  N N 113 
ASN HB2  H  N N 114 
ASN HB3  H  N N 115 
ASN HD21 H  N N 116 
ASN HD22 H  N N 117 
ASN HXT  H  N N 118 
ASP N    N  N N 119 
ASP CA   C  N S 120 
ASP C    C  N N 121 
ASP O    O  N N 122 
ASP CB   C  N N 123 
ASP CG   C  N N 124 
ASP OD1  O  N N 125 
ASP OD2  O  N N 126 
ASP OXT  O  N N 127 
ASP H    H  N N 128 
ASP H2   H  N N 129 
ASP HA   H  N N 130 
ASP HB2  H  N N 131 
ASP HB3  H  N N 132 
ASP HD2  H  N N 133 
ASP HXT  H  N N 134 
CYS N    N  N N 135 
CYS CA   C  N R 136 
CYS C    C  N N 137 
CYS O    O  N N 138 
CYS CB   C  N N 139 
CYS SG   S  N N 140 
CYS OXT  O  N N 141 
CYS H    H  N N 142 
CYS H2   H  N N 143 
CYS HA   H  N N 144 
CYS HB2  H  N N 145 
CYS HB3  H  N N 146 
CYS HG   H  N N 147 
CYS HXT  H  N N 148 
GLN N    N  N N 149 
GLN CA   C  N S 150 
GLN C    C  N N 151 
GLN O    O  N N 152 
GLN CB   C  N N 153 
GLN CG   C  N N 154 
GLN CD   C  N N 155 
GLN OE1  O  N N 156 
GLN NE2  N  N N 157 
GLN OXT  O  N N 158 
GLN H    H  N N 159 
GLN H2   H  N N 160 
GLN HA   H  N N 161 
GLN HB2  H  N N 162 
GLN HB3  H  N N 163 
GLN HG2  H  N N 164 
GLN HG3  H  N N 165 
GLN HE21 H  N N 166 
GLN HE22 H  N N 167 
GLN HXT  H  N N 168 
GLU N    N  N N 169 
GLU CA   C  N S 170 
GLU C    C  N N 171 
GLU O    O  N N 172 
GLU CB   C  N N 173 
GLU CG   C  N N 174 
GLU CD   C  N N 175 
GLU OE1  O  N N 176 
GLU OE2  O  N N 177 
GLU OXT  O  N N 178 
GLU H    H  N N 179 
GLU H2   H  N N 180 
GLU HA   H  N N 181 
GLU HB2  H  N N 182 
GLU HB3  H  N N 183 
GLU HG2  H  N N 184 
GLU HG3  H  N N 185 
GLU HE2  H  N N 186 
GLU HXT  H  N N 187 
GLY N    N  N N 188 
GLY CA   C  N N 189 
GLY C    C  N N 190 
GLY O    O  N N 191 
GLY OXT  O  N N 192 
GLY H    H  N N 193 
GLY H2   H  N N 194 
GLY HA2  H  N N 195 
GLY HA3  H  N N 196 
GLY HXT  H  N N 197 
HIS N    N  N N 198 
HIS CA   C  N S 199 
HIS C    C  N N 200 
HIS O    O  N N 201 
HIS CB   C  N N 202 
HIS CG   C  Y N 203 
HIS ND1  N  Y N 204 
HIS CD2  C  Y N 205 
HIS CE1  C  Y N 206 
HIS NE2  N  Y N 207 
HIS OXT  O  N N 208 
HIS H    H  N N 209 
HIS H2   H  N N 210 
HIS HA   H  N N 211 
HIS HB2  H  N N 212 
HIS HB3  H  N N 213 
HIS HD1  H  N N 214 
HIS HD2  H  N N 215 
HIS HE1  H  N N 216 
HIS HE2  H  N N 217 
HIS HXT  H  N N 218 
HOH O    O  N N 219 
HOH H1   H  N N 220 
HOH H2   H  N N 221 
ILE N    N  N N 222 
ILE CA   C  N S 223 
ILE C    C  N N 224 
ILE O    O  N N 225 
ILE CB   C  N S 226 
ILE CG1  C  N N 227 
ILE CG2  C  N N 228 
ILE CD1  C  N N 229 
ILE OXT  O  N N 230 
ILE H    H  N N 231 
ILE H2   H  N N 232 
ILE HA   H  N N 233 
ILE HB   H  N N 234 
ILE HG12 H  N N 235 
ILE HG13 H  N N 236 
ILE HG21 H  N N 237 
ILE HG22 H  N N 238 
ILE HG23 H  N N 239 
ILE HD11 H  N N 240 
ILE HD12 H  N N 241 
ILE HD13 H  N N 242 
ILE HXT  H  N N 243 
LEU N    N  N N 244 
LEU CA   C  N S 245 
LEU C    C  N N 246 
LEU O    O  N N 247 
LEU CB   C  N N 248 
LEU CG   C  N N 249 
LEU CD1  C  N N 250 
LEU CD2  C  N N 251 
LEU OXT  O  N N 252 
LEU H    H  N N 253 
LEU H2   H  N N 254 
LEU HA   H  N N 255 
LEU HB2  H  N N 256 
LEU HB3  H  N N 257 
LEU HG   H  N N 258 
LEU HD11 H  N N 259 
LEU HD12 H  N N 260 
LEU HD13 H  N N 261 
LEU HD21 H  N N 262 
LEU HD22 H  N N 263 
LEU HD23 H  N N 264 
LEU HXT  H  N N 265 
LYS N    N  N N 266 
LYS CA   C  N S 267 
LYS C    C  N N 268 
LYS O    O  N N 269 
LYS CB   C  N N 270 
LYS CG   C  N N 271 
LYS CD   C  N N 272 
LYS CE   C  N N 273 
LYS NZ   N  N N 274 
LYS OXT  O  N N 275 
LYS H    H  N N 276 
LYS H2   H  N N 277 
LYS HA   H  N N 278 
LYS HB2  H  N N 279 
LYS HB3  H  N N 280 
LYS HG2  H  N N 281 
LYS HG3  H  N N 282 
LYS HD2  H  N N 283 
LYS HD3  H  N N 284 
LYS HE2  H  N N 285 
LYS HE3  H  N N 286 
LYS HZ1  H  N N 287 
LYS HZ2  H  N N 288 
LYS HZ3  H  N N 289 
LYS HXT  H  N N 290 
MET N    N  N N 291 
MET CA   C  N S 292 
MET C    C  N N 293 
MET O    O  N N 294 
MET CB   C  N N 295 
MET CG   C  N N 296 
MET SD   S  N N 297 
MET CE   C  N N 298 
MET OXT  O  N N 299 
MET H    H  N N 300 
MET H2   H  N N 301 
MET HA   H  N N 302 
MET HB2  H  N N 303 
MET HB3  H  N N 304 
MET HG2  H  N N 305 
MET HG3  H  N N 306 
MET HE1  H  N N 307 
MET HE2  H  N N 308 
MET HE3  H  N N 309 
MET HXT  H  N N 310 
PHE N    N  N N 311 
PHE CA   C  N S 312 
PHE C    C  N N 313 
PHE O    O  N N 314 
PHE CB   C  N N 315 
PHE CG   C  Y N 316 
PHE CD1  C  Y N 317 
PHE CD2  C  Y N 318 
PHE CE1  C  Y N 319 
PHE CE2  C  Y N 320 
PHE CZ   C  Y N 321 
PHE OXT  O  N N 322 
PHE H    H  N N 323 
PHE H2   H  N N 324 
PHE HA   H  N N 325 
PHE HB2  H  N N 326 
PHE HB3  H  N N 327 
PHE HD1  H  N N 328 
PHE HD2  H  N N 329 
PHE HE1  H  N N 330 
PHE HE2  H  N N 331 
PHE HZ   H  N N 332 
PHE HXT  H  N N 333 
PRO N    N  N N 334 
PRO CA   C  N S 335 
PRO C    C  N N 336 
PRO O    O  N N 337 
PRO CB   C  N N 338 
PRO CG   C  N N 339 
PRO CD   C  N N 340 
PRO OXT  O  N N 341 
PRO H    H  N N 342 
PRO HA   H  N N 343 
PRO HB2  H  N N 344 
PRO HB3  H  N N 345 
PRO HG2  H  N N 346 
PRO HG3  H  N N 347 
PRO HD2  H  N N 348 
PRO HD3  H  N N 349 
PRO HXT  H  N N 350 
SER N    N  N N 351 
SER CA   C  N S 352 
SER C    C  N N 353 
SER O    O  N N 354 
SER CB   C  N N 355 
SER OG   O  N N 356 
SER OXT  O  N N 357 
SER H    H  N N 358 
SER H2   H  N N 359 
SER HA   H  N N 360 
SER HB2  H  N N 361 
SER HB3  H  N N 362 
SER HG   H  N N 363 
SER HXT  H  N N 364 
THR N    N  N N 365 
THR CA   C  N S 366 
THR C    C  N N 367 
THR O    O  N N 368 
THR CB   C  N R 369 
THR OG1  O  N N 370 
THR CG2  C  N N 371 
THR OXT  O  N N 372 
THR H    H  N N 373 
THR H2   H  N N 374 
THR HA   H  N N 375 
THR HB   H  N N 376 
THR HG1  H  N N 377 
THR HG21 H  N N 378 
THR HG22 H  N N 379 
THR HG23 H  N N 380 
THR HXT  H  N N 381 
TRP N    N  N N 382 
TRP CA   C  N S 383 
TRP C    C  N N 384 
TRP O    O  N N 385 
TRP CB   C  N N 386 
TRP CG   C  Y N 387 
TRP CD1  C  Y N 388 
TRP CD2  C  Y N 389 
TRP NE1  N  Y N 390 
TRP CE2  C  Y N 391 
TRP CE3  C  Y N 392 
TRP CZ2  C  Y N 393 
TRP CZ3  C  Y N 394 
TRP CH2  C  Y N 395 
TRP OXT  O  N N 396 
TRP H    H  N N 397 
TRP H2   H  N N 398 
TRP HA   H  N N 399 
TRP HB2  H  N N 400 
TRP HB3  H  N N 401 
TRP HD1  H  N N 402 
TRP HE1  H  N N 403 
TRP HE3  H  N N 404 
TRP HZ2  H  N N 405 
TRP HZ3  H  N N 406 
TRP HH2  H  N N 407 
TRP HXT  H  N N 408 
TYR N    N  N N 409 
TYR CA   C  N S 410 
TYR C    C  N N 411 
TYR O    O  N N 412 
TYR CB   C  N N 413 
TYR CG   C  Y N 414 
TYR CD1  C  Y N 415 
TYR CD2  C  Y N 416 
TYR CE1  C  Y N 417 
TYR CE2  C  Y N 418 
TYR CZ   C  Y N 419 
TYR OH   O  N N 420 
TYR OXT  O  N N 421 
TYR H    H  N N 422 
TYR H2   H  N N 423 
TYR HA   H  N N 424 
TYR HB2  H  N N 425 
TYR HB3  H  N N 426 
TYR HD1  H  N N 427 
TYR HD2  H  N N 428 
TYR HE1  H  N N 429 
TYR HE2  H  N N 430 
TYR HH   H  N N 431 
TYR HXT  H  N N 432 
VAL N    N  N N 433 
VAL CA   C  N S 434 
VAL C    C  N N 435 
VAL O    O  N N 436 
VAL CB   C  N N 437 
VAL CG1  C  N N 438 
VAL CG2  C  N N 439 
VAL OXT  O  N N 440 
VAL H    H  N N 441 
VAL H2   H  N N 442 
VAL HA   H  N N 443 
VAL HB   H  N N 444 
VAL HG11 H  N N 445 
VAL HG12 H  N N 446 
VAL HG13 H  N N 447 
VAL HG21 H  N N 448 
VAL HG22 H  N N 449 
VAL HG23 H  N N 450 
VAL HXT  H  N N 451 
ZN  ZN   ZN N N 452 
# 
loop_
_chem_comp_bond.comp_id 
_chem_comp_bond.atom_id_1 
_chem_comp_bond.atom_id_2 
_chem_comp_bond.value_order 
_chem_comp_bond.pdbx_aromatic_flag 
_chem_comp_bond.pdbx_stereo_config 
_chem_comp_bond.pdbx_ordinal 
0WN F18 C13  sing N N 1   
0WN C13 C15  doub Y N 2   
0WN C13 C12  sing Y N 3   
0WN CL1 C12  sing N N 4   
0WN C15 C17  sing Y N 5   
0WN C12 C14  doub Y N 6   
0WN C17 C16  doub Y N 7   
0WN C14 C16  sing Y N 8   
0WN C16 N11  sing N N 9   
0WN N11 C4   sing N N 10  
0WN N2  C4   doub Y N 11  
0WN N2  C1   sing Y N 12  
0WN C4  C6   sing Y N 13  
0WN C1  N3   doub Y N 14  
0WN C6  C8   doub Y N 15  
0WN C6  C5   sing Y N 16  
0WN C33 N32  sing N N 17  
0WN C8  C7   sing Y N 18  
0WN N3  C5   sing Y N 19  
0WN C5  C10  doub Y N 20  
0WN O29 C27  doub N N 21  
0WN N32 C34  sing N N 22  
0WN N32 C31  sing N N 23  
0WN C7  N26  sing N N 24  
0WN C7  C9   doub Y N 25  
0WN C10 C9   sing Y N 26  
0WN C27 N26  sing N N 27  
0WN C27 C28  sing N N 28  
0WN C9  O20  sing N N 29  
0WN C31 C30  sing N N 30  
0WN C30 C28  sing N N 31  
0WN O20 C21  sing N N 32  
0WN C22 C21  sing N N 33  
0WN C22 O23  sing N N 34  
0WN C21 C25  sing N N 35  
0WN O23 C24  sing N N 36  
0WN C25 C24  sing N N 37  
0WN C1  H1   sing N N 38  
0WN C8  H2   sing N N 39  
0WN C10 H3   sing N N 40  
0WN N11 H4   sing N N 41  
0WN C14 H5   sing N N 42  
0WN C15 H6   sing N N 43  
0WN C17 H7   sing N N 44  
0WN C21 H8   sing N N 45  
0WN C22 H9   sing N N 46  
0WN C22 H10  sing N N 47  
0WN C24 H11  sing N N 48  
0WN C24 H12  sing N N 49  
0WN C25 H13  sing N N 50  
0WN C25 H14  sing N N 51  
0WN N26 H15  sing N N 52  
0WN C28 H16  sing N N 53  
0WN C28 H17  sing N N 54  
0WN C30 H18  sing N N 55  
0WN C30 H19  sing N N 56  
0WN C31 H20  sing N N 57  
0WN C31 H21  sing N N 58  
0WN C33 H23  sing N N 59  
0WN C33 H24  sing N N 60  
0WN C33 H25  sing N N 61  
0WN C34 H26  sing N N 62  
0WN C34 H27  sing N N 63  
0WN C34 H28  sing N N 64  
ALA N   CA   sing N N 65  
ALA N   H    sing N N 66  
ALA N   H2   sing N N 67  
ALA CA  C    sing N N 68  
ALA CA  CB   sing N N 69  
ALA CA  HA   sing N N 70  
ALA C   O    doub N N 71  
ALA C   OXT  sing N N 72  
ALA CB  HB1  sing N N 73  
ALA CB  HB2  sing N N 74  
ALA CB  HB3  sing N N 75  
ALA OXT HXT  sing N N 76  
ARG N   CA   sing N N 77  
ARG N   H    sing N N 78  
ARG N   H2   sing N N 79  
ARG CA  C    sing N N 80  
ARG CA  CB   sing N N 81  
ARG CA  HA   sing N N 82  
ARG C   O    doub N N 83  
ARG C   OXT  sing N N 84  
ARG CB  CG   sing N N 85  
ARG CB  HB2  sing N N 86  
ARG CB  HB3  sing N N 87  
ARG CG  CD   sing N N 88  
ARG CG  HG2  sing N N 89  
ARG CG  HG3  sing N N 90  
ARG CD  NE   sing N N 91  
ARG CD  HD2  sing N N 92  
ARG CD  HD3  sing N N 93  
ARG NE  CZ   sing N N 94  
ARG NE  HE   sing N N 95  
ARG CZ  NH1  sing N N 96  
ARG CZ  NH2  doub N N 97  
ARG NH1 HH11 sing N N 98  
ARG NH1 HH12 sing N N 99  
ARG NH2 HH21 sing N N 100 
ARG NH2 HH22 sing N N 101 
ARG OXT HXT  sing N N 102 
ASN N   CA   sing N N 103 
ASN N   H    sing N N 104 
ASN N   H2   sing N N 105 
ASN CA  C    sing N N 106 
ASN CA  CB   sing N N 107 
ASN CA  HA   sing N N 108 
ASN C   O    doub N N 109 
ASN C   OXT  sing N N 110 
ASN CB  CG   sing N N 111 
ASN CB  HB2  sing N N 112 
ASN CB  HB3  sing N N 113 
ASN CG  OD1  doub N N 114 
ASN CG  ND2  sing N N 115 
ASN ND2 HD21 sing N N 116 
ASN ND2 HD22 sing N N 117 
ASN OXT HXT  sing N N 118 
ASP N   CA   sing N N 119 
ASP N   H    sing N N 120 
ASP N   H2   sing N N 121 
ASP CA  C    sing N N 122 
ASP CA  CB   sing N N 123 
ASP CA  HA   sing N N 124 
ASP C   O    doub N N 125 
ASP C   OXT  sing N N 126 
ASP CB  CG   sing N N 127 
ASP CB  HB2  sing N N 128 
ASP CB  HB3  sing N N 129 
ASP CG  OD1  doub N N 130 
ASP CG  OD2  sing N N 131 
ASP OD2 HD2  sing N N 132 
ASP OXT HXT  sing N N 133 
CYS N   CA   sing N N 134 
CYS N   H    sing N N 135 
CYS N   H2   sing N N 136 
CYS CA  C    sing N N 137 
CYS CA  CB   sing N N 138 
CYS CA  HA   sing N N 139 
CYS C   O    doub N N 140 
CYS C   OXT  sing N N 141 
CYS CB  SG   sing N N 142 
CYS CB  HB2  sing N N 143 
CYS CB  HB3  sing N N 144 
CYS SG  HG   sing N N 145 
CYS OXT HXT  sing N N 146 
GLN N   CA   sing N N 147 
GLN N   H    sing N N 148 
GLN N   H2   sing N N 149 
GLN CA  C    sing N N 150 
GLN CA  CB   sing N N 151 
GLN CA  HA   sing N N 152 
GLN C   O    doub N N 153 
GLN C   OXT  sing N N 154 
GLN CB  CG   sing N N 155 
GLN CB  HB2  sing N N 156 
GLN CB  HB3  sing N N 157 
GLN CG  CD   sing N N 158 
GLN CG  HG2  sing N N 159 
GLN CG  HG3  sing N N 160 
GLN CD  OE1  doub N N 161 
GLN CD  NE2  sing N N 162 
GLN NE2 HE21 sing N N 163 
GLN NE2 HE22 sing N N 164 
GLN OXT HXT  sing N N 165 
GLU N   CA   sing N N 166 
GLU N   H    sing N N 167 
GLU N   H2   sing N N 168 
GLU CA  C    sing N N 169 
GLU CA  CB   sing N N 170 
GLU CA  HA   sing N N 171 
GLU C   O    doub N N 172 
GLU C   OXT  sing N N 173 
GLU CB  CG   sing N N 174 
GLU CB  HB2  sing N N 175 
GLU CB  HB3  sing N N 176 
GLU CG  CD   sing N N 177 
GLU CG  HG2  sing N N 178 
GLU CG  HG3  sing N N 179 
GLU CD  OE1  doub N N 180 
GLU CD  OE2  sing N N 181 
GLU OE2 HE2  sing N N 182 
GLU OXT HXT  sing N N 183 
GLY N   CA   sing N N 184 
GLY N   H    sing N N 185 
GLY N   H2   sing N N 186 
GLY CA  C    sing N N 187 
GLY CA  HA2  sing N N 188 
GLY CA  HA3  sing N N 189 
GLY C   O    doub N N 190 
GLY C   OXT  sing N N 191 
GLY OXT HXT  sing N N 192 
HIS N   CA   sing N N 193 
HIS N   H    sing N N 194 
HIS N   H2   sing N N 195 
HIS CA  C    sing N N 196 
HIS CA  CB   sing N N 197 
HIS CA  HA   sing N N 198 
HIS C   O    doub N N 199 
HIS C   OXT  sing N N 200 
HIS CB  CG   sing N N 201 
HIS CB  HB2  sing N N 202 
HIS CB  HB3  sing N N 203 
HIS CG  ND1  sing Y N 204 
HIS CG  CD2  doub Y N 205 
HIS ND1 CE1  doub Y N 206 
HIS ND1 HD1  sing N N 207 
HIS CD2 NE2  sing Y N 208 
HIS CD2 HD2  sing N N 209 
HIS CE1 NE2  sing Y N 210 
HIS CE1 HE1  sing N N 211 
HIS NE2 HE2  sing N N 212 
HIS OXT HXT  sing N N 213 
HOH O   H1   sing N N 214 
HOH O   H2   sing N N 215 
ILE N   CA   sing N N 216 
ILE N   H    sing N N 217 
ILE N   H2   sing N N 218 
ILE CA  C    sing N N 219 
ILE CA  CB   sing N N 220 
ILE CA  HA   sing N N 221 
ILE C   O    doub N N 222 
ILE C   OXT  sing N N 223 
ILE CB  CG1  sing N N 224 
ILE CB  CG2  sing N N 225 
ILE CB  HB   sing N N 226 
ILE CG1 CD1  sing N N 227 
ILE CG1 HG12 sing N N 228 
ILE CG1 HG13 sing N N 229 
ILE CG2 HG21 sing N N 230 
ILE CG2 HG22 sing N N 231 
ILE CG2 HG23 sing N N 232 
ILE CD1 HD11 sing N N 233 
ILE CD1 HD12 sing N N 234 
ILE CD1 HD13 sing N N 235 
ILE OXT HXT  sing N N 236 
LEU N   CA   sing N N 237 
LEU N   H    sing N N 238 
LEU N   H2   sing N N 239 
LEU CA  C    sing N N 240 
LEU CA  CB   sing N N 241 
LEU CA  HA   sing N N 242 
LEU C   O    doub N N 243 
LEU C   OXT  sing N N 244 
LEU CB  CG   sing N N 245 
LEU CB  HB2  sing N N 246 
LEU CB  HB3  sing N N 247 
LEU CG  CD1  sing N N 248 
LEU CG  CD2  sing N N 249 
LEU CG  HG   sing N N 250 
LEU CD1 HD11 sing N N 251 
LEU CD1 HD12 sing N N 252 
LEU CD1 HD13 sing N N 253 
LEU CD2 HD21 sing N N 254 
LEU CD2 HD22 sing N N 255 
LEU CD2 HD23 sing N N 256 
LEU OXT HXT  sing N N 257 
LYS N   CA   sing N N 258 
LYS N   H    sing N N 259 
LYS N   H2   sing N N 260 
LYS CA  C    sing N N 261 
LYS CA  CB   sing N N 262 
LYS CA  HA   sing N N 263 
LYS C   O    doub N N 264 
LYS C   OXT  sing N N 265 
LYS CB  CG   sing N N 266 
LYS CB  HB2  sing N N 267 
LYS CB  HB3  sing N N 268 
LYS CG  CD   sing N N 269 
LYS CG  HG2  sing N N 270 
LYS CG  HG3  sing N N 271 
LYS CD  CE   sing N N 272 
LYS CD  HD2  sing N N 273 
LYS CD  HD3  sing N N 274 
LYS CE  NZ   sing N N 275 
LYS CE  HE2  sing N N 276 
LYS CE  HE3  sing N N 277 
LYS NZ  HZ1  sing N N 278 
LYS NZ  HZ2  sing N N 279 
LYS NZ  HZ3  sing N N 280 
LYS OXT HXT  sing N N 281 
MET N   CA   sing N N 282 
MET N   H    sing N N 283 
MET N   H2   sing N N 284 
MET CA  C    sing N N 285 
MET CA  CB   sing N N 286 
MET CA  HA   sing N N 287 
MET C   O    doub N N 288 
MET C   OXT  sing N N 289 
MET CB  CG   sing N N 290 
MET CB  HB2  sing N N 291 
MET CB  HB3  sing N N 292 
MET CG  SD   sing N N 293 
MET CG  HG2  sing N N 294 
MET CG  HG3  sing N N 295 
MET SD  CE   sing N N 296 
MET CE  HE1  sing N N 297 
MET CE  HE2  sing N N 298 
MET CE  HE3  sing N N 299 
MET OXT HXT  sing N N 300 
PHE N   CA   sing N N 301 
PHE N   H    sing N N 302 
PHE N   H2   sing N N 303 
PHE CA  C    sing N N 304 
PHE CA  CB   sing N N 305 
PHE CA  HA   sing N N 306 
PHE C   O    doub N N 307 
PHE C   OXT  sing N N 308 
PHE CB  CG   sing N N 309 
PHE CB  HB2  sing N N 310 
PHE CB  HB3  sing N N 311 
PHE CG  CD1  doub Y N 312 
PHE CG  CD2  sing Y N 313 
PHE CD1 CE1  sing Y N 314 
PHE CD1 HD1  sing N N 315 
PHE CD2 CE2  doub Y N 316 
PHE CD2 HD2  sing N N 317 
PHE CE1 CZ   doub Y N 318 
PHE CE1 HE1  sing N N 319 
PHE CE2 CZ   sing Y N 320 
PHE CE2 HE2  sing N N 321 
PHE CZ  HZ   sing N N 322 
PHE OXT HXT  sing N N 323 
PRO N   CA   sing N N 324 
PRO N   CD   sing N N 325 
PRO N   H    sing N N 326 
PRO CA  C    sing N N 327 
PRO CA  CB   sing N N 328 
PRO CA  HA   sing N N 329 
PRO C   O    doub N N 330 
PRO C   OXT  sing N N 331 
PRO CB  CG   sing N N 332 
PRO CB  HB2  sing N N 333 
PRO CB  HB3  sing N N 334 
PRO CG  CD   sing N N 335 
PRO CG  HG2  sing N N 336 
PRO CG  HG3  sing N N 337 
PRO CD  HD2  sing N N 338 
PRO CD  HD3  sing N N 339 
PRO OXT HXT  sing N N 340 
SER N   CA   sing N N 341 
SER N   H    sing N N 342 
SER N   H2   sing N N 343 
SER CA  C    sing N N 344 
SER CA  CB   sing N N 345 
SER CA  HA   sing N N 346 
SER C   O    doub N N 347 
SER C   OXT  sing N N 348 
SER CB  OG   sing N N 349 
SER CB  HB2  sing N N 350 
SER CB  HB3  sing N N 351 
SER OG  HG   sing N N 352 
SER OXT HXT  sing N N 353 
THR N   CA   sing N N 354 
THR N   H    sing N N 355 
THR N   H2   sing N N 356 
THR CA  C    sing N N 357 
THR CA  CB   sing N N 358 
THR CA  HA   sing N N 359 
THR C   O    doub N N 360 
THR C   OXT  sing N N 361 
THR CB  OG1  sing N N 362 
THR CB  CG2  sing N N 363 
THR CB  HB   sing N N 364 
THR OG1 HG1  sing N N 365 
THR CG2 HG21 sing N N 366 
THR CG2 HG22 sing N N 367 
THR CG2 HG23 sing N N 368 
THR OXT HXT  sing N N 369 
TRP N   CA   sing N N 370 
TRP N   H    sing N N 371 
TRP N   H2   sing N N 372 
TRP CA  C    sing N N 373 
TRP CA  CB   sing N N 374 
TRP CA  HA   sing N N 375 
TRP C   O    doub N N 376 
TRP C   OXT  sing N N 377 
TRP CB  CG   sing N N 378 
TRP CB  HB2  sing N N 379 
TRP CB  HB3  sing N N 380 
TRP CG  CD1  doub Y N 381 
TRP CG  CD2  sing Y N 382 
TRP CD1 NE1  sing Y N 383 
TRP CD1 HD1  sing N N 384 
TRP CD2 CE2  doub Y N 385 
TRP CD2 CE3  sing Y N 386 
TRP NE1 CE2  sing Y N 387 
TRP NE1 HE1  sing N N 388 
TRP CE2 CZ2  sing Y N 389 
TRP CE3 CZ3  doub Y N 390 
TRP CE3 HE3  sing N N 391 
TRP CZ2 CH2  doub Y N 392 
TRP CZ2 HZ2  sing N N 393 
TRP CZ3 CH2  sing Y N 394 
TRP CZ3 HZ3  sing N N 395 
TRP CH2 HH2  sing N N 396 
TRP OXT HXT  sing N N 397 
TYR N   CA   sing N N 398 
TYR N   H    sing N N 399 
TYR N   H2   sing N N 400 
TYR CA  C    sing N N 401 
TYR CA  CB   sing N N 402 
TYR CA  HA   sing N N 403 
TYR C   O    doub N N 404 
TYR C   OXT  sing N N 405 
TYR CB  CG   sing N N 406 
TYR CB  HB2  sing N N 407 
TYR CB  HB3  sing N N 408 
TYR CG  CD1  doub Y N 409 
TYR CG  CD2  sing Y N 410 
TYR CD1 CE1  sing Y N 411 
TYR CD1 HD1  sing N N 412 
TYR CD2 CE2  doub Y N 413 
TYR CD2 HD2  sing N N 414 
TYR CE1 CZ   doub Y N 415 
TYR CE1 HE1  sing N N 416 
TYR CE2 CZ   sing Y N 417 
TYR CE2 HE2  sing N N 418 
TYR CZ  OH   sing N N 419 
TYR OH  HH   sing N N 420 
TYR OXT HXT  sing N N 421 
VAL N   CA   sing N N 422 
VAL N   H    sing N N 423 
VAL N   H2   sing N N 424 
VAL CA  C    sing N N 425 
VAL CA  CB   sing N N 426 
VAL CA  HA   sing N N 427 
VAL C   O    doub N N 428 
VAL C   OXT  sing N N 429 
VAL CB  CG1  sing N N 430 
VAL CB  CG2  sing N N 431 
VAL CB  HB   sing N N 432 
VAL CG1 HG11 sing N N 433 
VAL CG1 HG12 sing N N 434 
VAL CG1 HG13 sing N N 435 
VAL CG2 HG21 sing N N 436 
VAL CG2 HG22 sing N N 437 
VAL CG2 HG23 sing N N 438 
VAL OXT HXT  sing N N 439 
# 
_pdbx_audit_support.funding_organization   'The Mark Foundation' 
_pdbx_audit_support.country                'United Kingdom' 
_pdbx_audit_support.grant_number           ? 
_pdbx_audit_support.ordinal                1 
# 
_pdbx_initial_refinement_model.id               1 
_pdbx_initial_refinement_model.entity_id_list   ? 
_pdbx_initial_refinement_model.type             'experimental model' 
_pdbx_initial_refinement_model.source_name      PDB 
_pdbx_initial_refinement_model.accession_code   6F59 
_pdbx_initial_refinement_model.details          ? 
# 
_atom_sites.entry_id                    6ZU8 
_atom_sites.Cartn_transf_matrix[1][1]   ? 
_atom_sites.Cartn_transf_matrix[1][2]   ? 
_atom_sites.Cartn_transf_matrix[1][3]   ? 
_atom_sites.Cartn_transf_matrix[2][1]   ? 
_atom_sites.Cartn_transf_matrix[2][2]   ? 
_atom_sites.Cartn_transf_matrix[2][3]   ? 
_atom_sites.Cartn_transf_matrix[3][1]   ? 
_atom_sites.Cartn_transf_matrix[3][2]   ? 
_atom_sites.Cartn_transf_matrix[3][3]   ? 
_atom_sites.Cartn_transf_vector[1]      ? 
_atom_sites.Cartn_transf_vector[2]      ? 
_atom_sites.Cartn_transf_vector[3]      ? 
_atom_sites.fract_transf_matrix[1][1]   0.01173436 
_atom_sites.fract_transf_matrix[1][2]   0.01992317 
_atom_sites.fract_transf_matrix[1][3]   0.00187602 
_atom_sites.fract_transf_matrix[2][1]   -0.01262132 
_atom_sites.fract_transf_matrix[2][2]   0.00868719 
_atom_sites.fract_transf_matrix[2][3]   -0.01331177 
_atom_sites.fract_transf_matrix[3][1]   -0.00713984 
_atom_sites.fract_transf_matrix[3][2]   0.00336124 
_atom_sites.fract_transf_matrix[3][3]   0.00896304 
_atom_sites.fract_transf_vector[1]      -0.146780 
_atom_sites.fract_transf_vector[2]      0.169952 
_atom_sites.fract_transf_vector[3]      -0.152005 
_atom_sites.solution_primary            ? 
_atom_sites.solution_secondary          ? 
_atom_sites.solution_hydrogens          ? 
_atom_sites.special_details             ? 
# 
loop_
_atom_type.symbol 
C  
CL 
F  
N  
O  
S  
ZN 
# 
loop_
_atom_site.group_PDB 
_atom_site.id 
_atom_site.type_symbol 
_atom_site.label_atom_id 
_atom_site.label_alt_id 
_atom_site.label_comp_id 
_atom_site.label_asym_id 
_atom_site.label_entity_id 
_atom_site.label_seq_id 
_atom_site.pdbx_PDB_ins_code 
_atom_site.Cartn_x 
_atom_site.Cartn_y 
_atom_site.Cartn_z 
_atom_site.occupancy 
_atom_site.B_iso_or_equiv 
_atom_site.pdbx_formal_charge 
_atom_site.auth_seq_id 
_atom_site.auth_comp_id 
_atom_site.auth_asym_id 
_atom_site.auth_atom_id 
_atom_site.pdbx_PDB_model_num 
ATOM   1    N  N   . GLU A 1 3   ? -4.411  -21.270 -14.653 1.00 61.29  ? 41  GLU A N   1 
ATOM   2    C  CA  . GLU A 1 3   ? -5.273  -20.277 -14.023 1.00 67.17  ? 41  GLU A CA  1 
ATOM   3    C  C   . GLU A 1 3   ? -4.455  -19.269 -13.223 1.00 61.87  ? 41  GLU A C   1 
ATOM   4    O  O   . GLU A 1 3   ? -3.797  -19.628 -12.246 1.00 60.71  ? 41  GLU A O   1 
ATOM   5    C  CB  . GLU A 1 3   ? -6.303  -20.956 -13.118 1.00 68.04  ? 41  GLU A CB  1 
ATOM   6    N  N   . LEU A 1 4   ? -4.502  -18.006 -13.643 1.00 62.89  ? 42  LEU A N   1 
ATOM   7    C  CA  . LEU A 1 4   ? -3.743  -16.960 -12.971 1.00 57.52  ? 42  LEU A CA  1 
ATOM   8    C  C   . LEU A 1 4   ? -4.271  -16.743 -11.558 1.00 59.96  ? 42  LEU A C   1 
ATOM   9    O  O   . LEU A 1 4   ? -5.466  -16.508 -11.358 1.00 61.62  ? 42  LEU A O   1 
ATOM   10   C  CB  . LEU A 1 4   ? -3.814  -15.658 -13.768 1.00 53.33  ? 42  LEU A CB  1 
ATOM   11   C  CG  . LEU A 1 4   ? -3.095  -14.462 -13.144 1.00 56.63  ? 42  LEU A CG  1 
ATOM   12   C  CD1 . LEU A 1 4   ? -1.623  -14.777 -12.931 1.00 56.68  ? 42  LEU A CD1 1 
ATOM   13   C  CD2 . LEU A 1 4   ? -3.260  -13.225 -14.010 1.00 62.12  ? 42  LEU A CD2 1 
ATOM   14   N  N   . ARG A 1 5   ? -3.374  -16.827 -10.578 1.00 57.38  ? 43  ARG A N   1 
ATOM   15   C  CA  . ARG A 1 5   ? -3.731  -16.660 -9.175  1.00 60.49  ? 43  ARG A CA  1 
ATOM   16   C  C   . ARG A 1 5   ? -2.716  -15.755 -8.499  1.00 56.62  ? 43  ARG A C   1 
ATOM   17   O  O   . ARG A 1 5   ? -1.507  -15.941 -8.663  1.00 54.30  ? 43  ARG A O   1 
ATOM   18   C  CB  . ARG A 1 5   ? -3.789  -18.010 -8.450  1.00 62.93  ? 43  ARG A CB  1 
ATOM   19   C  CG  . ARG A 1 5   ? -5.026  -18.839 -8.747  1.00 68.89  ? 43  ARG A CG  1 
ATOM   20   C  CD  . ARG A 1 5   ? -4.932  -20.184 -8.052  1.00 69.78  ? 43  ARG A CD  1 
ATOM   21   N  NE  . ARG A 1 5   ? -4.415  -20.047 -6.693  1.00 72.44  ? 43  ARG A NE  1 
ATOM   22   C  CZ  . ARG A 1 5   ? -4.101  -21.069 -5.905  1.00 76.13  ? 43  ARG A CZ  1 
ATOM   23   N  NH1 . ARG A 1 5   ? -3.636  -20.847 -4.683  1.00 77.81  ? 43  ARG A NH1 1 
ATOM   24   N  NH2 . ARG A 1 5   ? -4.248  -22.314 -6.336  1.00 76.13  ? 43  ARG A NH2 1 
ATOM   25   N  N   . VAL A 1 6   ? -3.212  -14.780 -7.740  1.00 49.40  ? 44  VAL A N   1 
ATOM   26   C  CA  . VAL A 1 6   ? -2.374  -13.856 -6.984  1.00 42.89  ? 44  VAL A CA  1 
ATOM   27   C  C   . VAL A 1 6   ? -2.831  -13.891 -5.535  1.00 49.21  ? 44  VAL A C   1 
ATOM   28   O  O   . VAL A 1 6   ? -3.964  -13.500 -5.228  1.00 60.74  ? 44  VAL A O   1 
ATOM   29   C  CB  . VAL A 1 6   ? -2.444  -12.424 -7.541  1.00 47.79  ? 44  VAL A CB  1 
ATOM   30   C  CG1 . VAL A 1 6   ? -1.600  -11.487 -6.694  1.00 42.11  ? 44  VAL A CG1 1 
ATOM   31   C  CG2 . VAL A 1 6   ? -1.984  -12.398 -8.989  1.00 46.24  ? 44  VAL A CG2 1 
ATOM   32   N  N   . GLY A 1 7   ? -1.958  -14.362 -4.647  1.00 43.32  ? 45  GLY A N   1 
ATOM   33   C  CA  . GLY A 1 7   ? -2.258  -14.463 -3.231  1.00 49.41  ? 45  GLY A CA  1 
ATOM   34   C  C   . GLY A 1 7   ? -1.424  -13.483 -2.427  1.00 50.27  ? 45  GLY A C   1 
ATOM   35   O  O   . GLY A 1 7   ? -0.301  -13.149 -2.808  1.00 43.84  ? 45  GLY A O   1 
ATOM   36   N  N   . LEU A 1 8   ? -1.980  -13.025 -1.309  1.00 45.21  ? 46  LEU A N   1 
ATOM   37   C  CA  . LEU A 1 8   ? -1.313  -12.052 -0.455  1.00 42.59  ? 46  LEU A CA  1 
ATOM   38   C  C   . LEU A 1 8   ? -0.406  -12.763 0.541   1.00 45.75  ? 46  LEU A C   1 
ATOM   39   O  O   . LEU A 1 8   ? -0.829  -13.709 1.213   1.00 50.83  ? 46  LEU A O   1 
ATOM   40   C  CB  . LEU A 1 8   ? -2.337  -11.190 0.287   1.00 40.55  ? 46  LEU A CB  1 
ATOM   41   C  CG  . LEU A 1 8   ? -1.768  -10.170 1.274   1.00 40.45  ? 46  LEU A CG  1 
ATOM   42   C  CD1 . LEU A 1 8   ? -0.911  -9.137  0.562   1.00 39.00  ? 46  LEU A CD1 1 
ATOM   43   C  CD2 . LEU A 1 8   ? -2.891  -9.496  2.057   1.00 45.06  ? 46  LEU A CD2 1 
ATOM   44   N  N   . GLU A 1 9   ? 0.837   -12.300 0.633   1.00 43.04  ? 47  GLU A N   1 
ATOM   45   C  CA  . GLU A 1 9   ? 1.791   -12.858 1.580   1.00 48.03  ? 47  GLU A CA  1 
ATOM   46   C  C   . GLU A 1 9   ? 1.616   -12.213 2.948   1.00 46.53  ? 47  GLU A C   1 
ATOM   47   O  O   . GLU A 1 9   ? 1.424   -10.997 3.056   1.00 46.28  ? 47  GLU A O   1 
ATOM   48   C  CB  . GLU A 1 9   ? 3.222   -12.648 1.079   1.00 51.70  ? 47  GLU A CB  1 
ATOM   49   C  CG  . GLU A 1 9   ? 4.296   -13.287 1.941   1.00 56.24  ? 47  GLU A CG  1 
ATOM   50   C  CD  . GLU A 1 9   ? 4.404   -14.785 1.731   1.00 59.67  ? 47  GLU A CD  1 
ATOM   51   O  OE1 . GLU A 1 9   ? 3.818   -15.295 0.756   1.00 57.78  ? 47  GLU A OE1 1 
ATOM   52   O  OE2 . GLU A 1 9   ? 5.081   -15.452 2.542   1.00 66.45  ? 47  GLU A OE2 1 
ATOM   53   N  N   . GLU A 1 10  ? 1.681   -13.038 3.995   1.00 39.99  ? 48  GLU A N   1 
ATOM   54   C  CA  . GLU A 1 10  ? 1.531   -12.582 5.379   1.00 50.13  ? 48  GLU A CA  1 
ATOM   55   C  C   . GLU A 1 10  ? 0.216   -11.826 5.576   1.00 48.42  ? 48  GLU A C   1 
ATOM   56   O  O   . GLU A 1 10  ? 0.170   -10.750 6.177   1.00 43.11  ? 48  GLU A O   1 
ATOM   57   C  CB  . GLU A 1 10  ? 2.725   -11.726 5.812   1.00 53.16  ? 48  GLU A CB  1 
ATOM   58   C  CG  . GLU A 1 10  ? 4.006   -12.513 6.035   1.00 60.62  ? 48  GLU A CG  1 
ATOM   59   C  CD  . GLU A 1 10  ? 5.101   -11.678 6.673   1.00 73.81  ? 48  GLU A CD  1 
ATOM   60   O  OE1 . GLU A 1 10  ? 5.238   -10.490 6.306   1.00 74.98  ? 48  GLU A OE1 1 
ATOM   61   O  OE2 . GLU A 1 10  ? 5.819   -12.208 7.547   1.00 78.82  ? 48  GLU A OE2 1 
ATOM   62   N  N   . SER A 1 11  ? -0.870  -12.412 5.063   1.00 45.16  ? 49  SER A N   1 
ATOM   63   C  CA  . SER A 1 11  ? -2.170  -11.752 5.130   1.00 45.85  ? 49  SER A CA  1 
ATOM   64   C  C   . SER A 1 11  ? -2.649  -11.583 6.567   1.00 52.00  ? 49  SER A C   1 
ATOM   65   O  O   . SER A 1 11  ? -3.375  -10.630 6.868   1.00 45.48  ? 49  SER A O   1 
ATOM   66   C  CB  . SER A 1 11  ? -3.199  -12.539 4.316   1.00 50.78  ? 49  SER A CB  1 
ATOM   67   O  OG  . SER A 1 11  ? -3.348  -13.855 4.820   1.00 56.49  ? 49  SER A OG  1 
ATOM   68   N  N   . GLU A 1 12  ? -2.257  -12.490 7.466   1.00 48.71  ? 50  GLU A N   1 
ATOM   69   C  CA  . GLU A 1 12  ? -2.717  -12.390 8.848   1.00 55.91  ? 50  GLU A CA  1 
ATOM   70   C  C   . GLU A 1 12  ? -2.065  -11.215 9.564   1.00 50.59  ? 50  GLU A C   1 
ATOM   71   O  O   . GLU A 1 12  ? -2.710  -10.547 10.381  1.00 50.57  ? 50  GLU A O   1 
ATOM   72   C  CB  . GLU A 1 12  ? -2.450  -13.700 9.590   1.00 55.06  ? 50  GLU A CB  1 
ATOM   73   C  CG  . GLU A 1 12  ? -3.246  -14.880 9.047   1.00 64.76  ? 50  GLU A CG  1 
ATOM   74   C  CD  . GLU A 1 12  ? -3.410  -15.997 10.061  1.00 74.70  ? 50  GLU A CD  1 
ATOM   75   O  OE1 . GLU A 1 12  ? -2.731  -15.959 11.109  1.00 77.53  ? 50  GLU A OE1 1 
ATOM   76   O  OE2 . GLU A 1 12  ? -4.225  -16.911 9.811   1.00 76.97  ? 50  GLU A OE2 1 
ATOM   77   N  N   . LEU A 1 13  ? -0.793  -10.936 9.268   1.00 49.64  ? 51  LEU A N   1 
ATOM   78   C  CA  . LEU A 1 13  ? -0.155  -9.751  9.833   1.00 50.50  ? 51  LEU A CA  1 
ATOM   79   C  C   . LEU A 1 13  ? -0.831  -8.480  9.339   1.00 48.26  ? 51  LEU A C   1 
ATOM   80   O  O   . LEU A 1 13  ? -1.063  -7.548  10.120  1.00 40.35  ? 51  LEU A O   1 
ATOM   81   C  CB  . LEU A 1 13  ? 1.335   -9.734  9.490   1.00 45.67  ? 51  LEU A CB  1 
ATOM   82   C  CG  . LEU A 1 13  ? 2.087   -8.464  9.895   1.00 43.44  ? 51  LEU A CG  1 
ATOM   83   C  CD1 . LEU A 1 13  ? 2.018   -8.250  11.399  1.00 46.56  ? 51  LEU A CD1 1 
ATOM   84   C  CD2 . LEU A 1 13  ? 3.533   -8.518  9.424   1.00 49.05  ? 51  LEU A CD2 1 
ATOM   85   N  N   . TRP A 1 14  ? -1.151  -8.424  8.042   1.00 42.87  ? 52  TRP A N   1 
ATOM   86   C  CA  . TRP A 1 14  ? -1.909  -7.298  7.504   1.00 42.47  ? 52  TRP A CA  1 
ATOM   87   C  C   . TRP A 1 14  ? -3.228  -7.119  8.241   1.00 44.59  ? 52  TRP A C   1 
ATOM   88   O  O   . TRP A 1 14  ? -3.663  -5.989  8.489   1.00 38.98  ? 52  TRP A O   1 
ATOM   89   C  CB  . TRP A 1 14  ? -2.172  -7.502  6.011   1.00 42.70  ? 52  TRP A CB  1 
ATOM   90   C  CG  . TRP A 1 14  ? -1.065  -7.057  5.100   1.00 43.47  ? 52  TRP A CG  1 
ATOM   91   C  CD1 . TRP A 1 14  ? -0.162  -7.852  4.454   1.00 41.98  ? 52  TRP A CD1 1 
ATOM   92   C  CD2 . TRP A 1 14  ? -0.760  -5.710  4.717   1.00 40.93  ? 52  TRP A CD2 1 
ATOM   93   N  NE1 . TRP A 1 14  ? 0.691   -7.082  3.698   1.00 40.11  ? 52  TRP A NE1 1 
ATOM   94   C  CE2 . TRP A 1 14  ? 0.344   -5.764  3.842   1.00 39.59  ? 52  TRP A CE2 1 
ATOM   95   C  CE3 . TRP A 1 14  ? -1.313  -4.463  5.032   1.00 39.04  ? 52  TRP A CE3 1 
ATOM   96   C  CZ2 . TRP A 1 14  ? 0.908   -4.620  3.279   1.00 37.62  ? 52  TRP A CZ2 1 
ATOM   97   C  CZ3 . TRP A 1 14  ? -0.754  -3.327  4.472   1.00 38.31  ? 52  TRP A CZ3 1 
ATOM   98   C  CH2 . TRP A 1 14  ? 0.346   -3.413  3.605   1.00 42.28  ? 52  TRP A CH2 1 
ATOM   99   N  N   . LEU A 1 15  ? -3.879  -8.228  8.601   1.00 48.60  ? 53  LEU A N   1 
ATOM   100  C  CA  . LEU A 1 15  ? -5.176  -8.150  9.264   1.00 51.45  ? 53  LEU A CA  1 
ATOM   101  C  C   . LEU A 1 15  ? -5.071  -7.540  10.656  1.00 46.78  ? 53  LEU A C   1 
ATOM   102  O  O   . LEU A 1 15  ? -6.020  -6.895  11.115  1.00 47.44  ? 53  LEU A O   1 
ATOM   103  C  CB  . LEU A 1 15  ? -5.809  -9.538  9.335   1.00 55.74  ? 53  LEU A CB  1 
ATOM   104  C  CG  . LEU A 1 15  ? -6.409  -10.029 8.019   1.00 57.22  ? 53  LEU A CG  1 
ATOM   105  C  CD1 . LEU A 1 15  ? -6.356  -11.542 7.936   1.00 71.24  ? 53  LEU A CD1 1 
ATOM   106  C  CD2 . LEU A 1 15  ? -7.840  -9.533  7.877   1.00 63.97  ? 53  LEU A CD2 1 
ATOM   107  N  N   . ARG A 1 16  ? -3.939  -7.733  11.340  1.00 47.20  ? 54  ARG A N   1 
ATOM   108  C  CA  . ARG A 1 16  ? -3.746  -7.093  12.638  1.00 48.25  ? 54  ARG A CA  1 
ATOM   109  C  C   . ARG A 1 16  ? -3.858  -5.581  12.521  1.00 48.71  ? 54  ARG A C   1 
ATOM   110  O  O   . ARG A 1 16  ? -4.473  -4.925  13.372  1.00 42.02  ? 54  ARG A O   1 
ATOM   111  C  CB  . ARG A 1 16  ? -2.388  -7.479  13.223  1.00 50.03  ? 54  ARG A CB  1 
ATOM   112  C  CG  . ARG A 1 16  ? -2.199  -8.965  13.461  1.00 54.29  ? 54  ARG A CG  1 
ATOM   113  C  CD  . ARG A 1 16  ? -0.865  -9.235  14.141  1.00 54.31  ? 54  ARG A CD  1 
ATOM   114  N  NE  . ARG A 1 16  ? -0.596  -10.664 14.271  1.00 68.22  ? 54  ARG A NE  1 
ATOM   115  C  CZ  . ARG A 1 16  ? -0.959  -11.401 15.314  1.00 73.63  ? 54  ARG A CZ  1 
ATOM   116  N  NH1 . ARG A 1 16  ? -0.671  -12.695 15.345  1.00 78.17  ? 54  ARG A NH1 1 
ATOM   117  N  NH2 . ARG A 1 16  ? -1.612  -10.846 16.326  1.00 76.72  ? 54  ARG A NH2 1 
ATOM   118  N  N   . PHE A 1 17  ? -3.271  -5.008  11.470  1.00 42.05  ? 55  PHE A N   1 
ATOM   119  C  CA  . PHE A 1 17  ? -3.402  -3.578  11.224  1.00 40.11  ? 55  PHE A CA  1 
ATOM   120  C  C   . PHE A 1 17  ? -4.762  -3.244  10.625  1.00 42.99  ? 55  PHE A C   1 
ATOM   121  O  O   . PHE A 1 17  ? -5.343  -2.200  10.943  1.00 44.43  ? 55  PHE A O   1 
ATOM   122  C  CB  . PHE A 1 17  ? -2.278  -3.103  10.301  1.00 35.31  ? 55  PHE A CB  1 
ATOM   123  C  CG  . PHE A 1 17  ? -0.905  -3.243  10.895  1.00 39.76  ? 55  PHE A CG  1 
ATOM   124  C  CD1 . PHE A 1 17  ? -0.308  -2.179  11.551  1.00 38.42  ? 55  PHE A CD1 1 
ATOM   125  C  CD2 . PHE A 1 17  ? -0.208  -4.437  10.793  1.00 39.23  ? 55  PHE A CD2 1 
ATOM   126  C  CE1 . PHE A 1 17  ? 0.956   -2.304  12.096  1.00 38.19  ? 55  PHE A CE1 1 
ATOM   127  C  CE2 . PHE A 1 17  ? 1.054   -4.569  11.338  1.00 34.94  ? 55  PHE A CE2 1 
ATOM   128  C  CZ  . PHE A 1 17  ? 1.637   -3.501  11.991  1.00 34.87  ? 55  PHE A CZ  1 
ATOM   129  N  N   . LYS A 1 18  ? -5.282  -4.127  9.768   1.00 35.03  ? 56  LYS A N   1 
ATOM   130  C  CA  . LYS A 1 18  ? -6.571  -3.889  9.126   1.00 41.41  ? 56  LYS A CA  1 
ATOM   131  C  C   . LYS A 1 18  ? -7.685  -3.718  10.150  1.00 46.69  ? 56  LYS A C   1 
ATOM   132  O  O   . LYS A 1 18  ? -8.543  -2.839  10.003  1.00 47.11  ? 56  LYS A O   1 
ATOM   133  C  CB  . LYS A 1 18  ? -6.892  -5.040  8.172   1.00 43.05  ? 56  LYS A CB  1 
ATOM   134  C  CG  . LYS A 1 18  ? -8.319  -5.061  7.651   1.00 44.67  ? 56  LYS A CG  1 
ATOM   135  C  CD  . LYS A 1 18  ? -8.558  -3.959  6.638   1.00 43.68  ? 56  LYS A CD  1 
ATOM   136  C  CE  . LYS A 1 18  ? -9.966  -4.042  6.070   1.00 45.32  ? 56  LYS A CE  1 
ATOM   137  N  NZ  . LYS A 1 18  ? -10.164 -3.084  4.951   1.00 45.29  ? 56  LYS A NZ  1 
ATOM   138  N  N   . GLU A 1 19  ? -7.684  -4.546  11.199  1.00 48.27  ? 57  GLU A N   1 
ATOM   139  C  CA  . GLU A 1 19  ? -8.762  -4.512  12.181  1.00 47.39  ? 57  GLU A CA  1 
ATOM   140  C  C   . GLU A 1 19  ? -8.836  -3.168  12.893  1.00 48.82  ? 57  GLU A C   1 
ATOM   141  O  O   . GLU A 1 19  ? -9.929  -2.719  13.255  1.00 50.83  ? 57  GLU A O   1 
ATOM   142  C  CB  . GLU A 1 19  ? -8.581  -5.642  13.195  1.00 42.27  ? 57  GLU A CB  1 
ATOM   143  N  N   . LEU A 1 20  ? -7.697  -2.513  13.102  1.00 42.21  ? 58  LEU A N   1 
ATOM   144  C  CA  . LEU A 1 20  ? -7.649  -1.227  13.786  1.00 41.64  ? 58  LEU A CA  1 
ATOM   145  C  C   . LEU A 1 20  ? -7.688  -0.044  12.829  1.00 50.49  ? 58  LEU A C   1 
ATOM   146  O  O   . LEU A 1 20  ? -7.542  1.098   13.282  1.00 43.80  ? 58  LEU A O   1 
ATOM   147  C  CB  . LEU A 1 20  ? -6.384  -1.138  14.644  1.00 43.39  ? 58  LEU A CB  1 
ATOM   148  C  CG  . LEU A 1 20  ? -6.017  -2.383  15.450  1.00 47.33  ? 58  LEU A CG  1 
ATOM   149  C  CD1 . LEU A 1 20  ? -4.695  -2.174  16.169  1.00 49.66  ? 58  LEU A CD1 1 
ATOM   150  C  CD2 . LEU A 1 20  ? -7.117  -2.729  16.435  1.00 51.17  ? 58  LEU A CD2 1 
ATOM   151  N  N   . THR A 1 21  ? -7.900  -0.296  11.534  1.00 40.16  ? 59  THR A N   1 
ATOM   152  C  CA  . THR A 1 21  ? -7.738  0.676   10.454  1.00 39.37  ? 59  THR A CA  1 
ATOM   153  C  C   . THR A 1 21  ? -6.268  1.063   10.326  1.00 44.66  ? 59  THR A C   1 
ATOM   154  O  O   . THR A 1 21  ? -5.718  1.759   11.185  1.00 38.19  ? 59  THR A O   1 
ATOM   155  C  CB  . THR A 1 21  ? -8.618  1.917   10.659  1.00 44.41  ? 59  THR A CB  1 
ATOM   156  O  OG1 . THR A 1 21  ? -9.997  1.530   10.668  1.00 43.76  ? 59  THR A OG1 1 
ATOM   157  C  CG2 . THR A 1 21  ? -8.388  2.918   9.534   1.00 39.05  ? 59  THR A CG2 1 
ATOM   158  N  N   . ASN A 1 22  ? -5.630  0.602   9.253   1.00 37.27  ? 60  ASN A N   1 
ATOM   159  C  CA  . ASN A 1 22  ? -4.200  0.798   9.067   1.00 37.80  ? 60  ASN A CA  1 
ATOM   160  C  C   . ASN A 1 22  ? -3.889  2.250   8.715   1.00 30.96  ? 60  ASN A C   1 
ATOM   161  O  O   . ASN A 1 22  ? -4.718  2.969   8.151   1.00 34.52  ? 60  ASN A O   1 
ATOM   162  C  CB  . ASN A 1 22  ? -3.684  -0.128  7.964   1.00 38.59  ? 60  ASN A CB  1 
ATOM   163  C  CG  . ASN A 1 22  ? -2.203  -0.414  8.084   1.00 39.16  ? 60  ASN A CG  1 
ATOM   164  O  OD1 . ASN A 1 22  ? -1.492  0.241   8.845   1.00 40.65  ? 60  ASN A OD1 1 
ATOM   165  N  ND2 . ASN A 1 22  ? -1.727  -1.400  7.329   1.00 41.18  ? 60  ASN A ND2 1 
ATOM   166  N  N   . GLU A 1 23  ? -2.676  2.676   9.058   1.00 35.19  ? 61  GLU A N   1 
ATOM   167  C  CA  . GLU A 1 23  ? -2.173  4.004   8.729   1.00 35.94  ? 61  GLU A CA  1 
ATOM   168  C  C   . GLU A 1 23  ? -0.765  3.880   8.160   1.00 39.18  ? 61  GLU A C   1 
ATOM   169  O  O   . GLU A 1 23  ? 0.017   3.036   8.606   1.00 36.64  ? 61  GLU A O   1 
ATOM   170  C  CB  . GLU A 1 23  ? -2.149  4.916   9.964   1.00 34.94  ? 61  GLU A CB  1 
ATOM   171  C  CG  . GLU A 1 23  ? -3.511  5.167   10.603  1.00 38.06  ? 61  GLU A CG  1 
ATOM   172  C  CD  . GLU A 1 23  ? -3.405  5.959   11.890  1.00 42.29  ? 61  GLU A CD  1 
ATOM   173  O  OE1 . GLU A 1 23  ? -4.027  5.551   12.892  1.00 47.25  ? 61  GLU A OE1 1 
ATOM   174  O  OE2 . GLU A 1 23  ? -2.692  6.984   11.905  1.00 39.85  ? 61  GLU A OE2 1 
ATOM   175  N  N   . MET A 1 24  ? -0.444  4.726   7.182   1.00 37.61  ? 62  MET A N   1 
ATOM   176  C  CA  . MET A 1 24  ? 0.899   4.811   6.625   1.00 38.64  ? 62  MET A CA  1 
ATOM   177  C  C   . MET A 1 24  ? 1.356   6.262   6.635   1.00 36.55  ? 62  MET A C   1 
ATOM   178  O  O   . MET A 1 24  ? 0.589   7.165   6.292   1.00 34.59  ? 62  MET A O   1 
ATOM   179  C  CB  . MET A 1 24  ? 0.962   4.264   5.188   1.00 35.77  ? 62  MET A CB  1 
ATOM   180  C  CG  . MET A 1 24  ? 0.529   2.813   5.027   1.00 39.41  ? 62  MET A CG  1 
ATOM   181  S  SD  . MET A 1 24  ? 1.714   1.585   5.602   1.00 46.33  ? 62  MET A SD  1 
ATOM   182  C  CE  . MET A 1 24  ? 0.921   0.082   5.034   1.00 34.44  ? 62  MET A CE  1 
ATOM   183  N  N   . ILE A 1 25  ? 2.612   6.477   7.014   1.00 36.65  ? 63  ILE A N   1 
ATOM   184  C  CA  . ILE A 1 25  ? 3.182   7.817   7.097   1.00 40.43  ? 63  ILE A CA  1 
ATOM   185  C  C   . ILE A 1 25  ? 3.576   8.297   5.707   1.00 47.57  ? 63  ILE A C   1 
ATOM   186  O  O   . ILE A 1 25  ? 4.178   7.553   4.922   1.00 39.54  ? 63  ILE A O   1 
ATOM   187  C  CB  . ILE A 1 25  ? 4.394   7.825   8.044   1.00 41.70  ? 63  ILE A CB  1 
ATOM   188  C  CG1 . ILE A 1 25  ? 3.987   7.371   9.450   1.00 50.04  ? 63  ILE A CG1 1 
ATOM   189  C  CG2 . ILE A 1 25  ? 5.036   9.202   8.081   1.00 44.88  ? 63  ILE A CG2 1 
ATOM   190  C  CD1 . ILE A 1 25  ? 2.953   8.256   10.101  1.00 46.25  ? 63  ILE A CD1 1 
ATOM   191  N  N   . VAL A 1 26  ? 3.247   9.551   5.397   1.00 38.94  ? 64  VAL A N   1 
ATOM   192  C  CA  . VAL A 1 26  ? 3.702   10.213  4.179   1.00 42.27  ? 64  VAL A CA  1 
ATOM   193  C  C   . VAL A 1 26  ? 4.506   11.445  4.574   1.00 47.45  ? 64  VAL A C   1 
ATOM   194  O  O   . VAL A 1 26  ? 4.094   12.205  5.459   1.00 44.59  ? 64  VAL A O   1 
ATOM   195  C  CB  . VAL A 1 26  ? 2.531   10.591  3.252   1.00 42.60  ? 64  VAL A CB  1 
ATOM   196  C  CG1 . VAL A 1 26  ? 1.974   9.353   2.566   1.00 36.50  ? 64  VAL A CG1 1 
ATOM   197  C  CG2 . VAL A 1 26  ? 1.431   11.320  4.023   1.00 42.34  ? 64  VAL A CG2 1 
ATOM   198  N  N   . THR A 1 27  ? 5.661   11.625  3.933   1.00 44.32  ? 65  THR A N   1 
ATOM   199  C  CA  . THR A 1 27  ? 6.553   12.748  4.182   1.00 42.72  ? 65  THR A CA  1 
ATOM   200  C  C   . THR A 1 27  ? 6.988   13.346  2.850   1.00 46.41  ? 65  THR A C   1 
ATOM   201  O  O   . THR A 1 27  ? 6.686   12.821  1.776   1.00 43.61  ? 65  THR A O   1 
ATOM   202  C  CB  . THR A 1 27  ? 7.790   12.323  4.988   1.00 48.52  ? 65  THR A CB  1 
ATOM   203  O  OG1 . THR A 1 27  ? 8.515   11.326  4.257   1.00 45.27  ? 65  THR A OG1 1 
ATOM   204  C  CG2 . THR A 1 27  ? 7.390   11.767  6.348   1.00 43.94  ? 65  THR A CG2 1 
ATOM   205  N  N   . LYS A 1 28  ? 7.716   14.463  2.928   1.00 46.97  ? 66  LYS A N   1 
ATOM   206  C  CA  . LYS A 1 28  ? 8.177   15.126  1.711   1.00 48.59  ? 66  LYS A CA  1 
ATOM   207  C  C   . LYS A 1 28  ? 9.129   14.236  0.920   1.00 47.64  ? 66  LYS A C   1 
ATOM   208  O  O   . LYS A 1 28  ? 9.085   14.209  -0.316  1.00 53.13  ? 66  LYS A O   1 
ATOM   209  C  CB  . LYS A 1 28  ? 8.850   16.453  2.061   1.00 58.68  ? 66  LYS A CB  1 
ATOM   210  N  N   . ASN A 1 29  ? 9.992   13.497  1.612   1.00 52.57  ? 67  ASN A N   1 
ATOM   211  C  CA  . ASN A 1 29  ? 10.962  12.635  0.951   1.00 51.02  ? 67  ASN A CA  1 
ATOM   212  C  C   . ASN A 1 29  ? 10.474  11.202  0.783   1.00 54.78  ? 67  ASN A C   1 
ATOM   213  O  O   . ASN A 1 29  ? 11.070  10.450  0.006   1.00 45.01  ? 67  ASN A O   1 
ATOM   214  C  CB  . ASN A 1 29  ? 12.284  12.646  1.722   1.00 54.97  ? 67  ASN A CB  1 
ATOM   215  C  CG  . ASN A 1 29  ? 12.956  14.004  1.698   1.00 61.34  ? 67  ASN A CG  1 
ATOM   216  O  OD1 . ASN A 1 29  ? 13.068  14.635  0.645   1.00 64.55  ? 67  ASN A OD1 1 
ATOM   217  N  ND2 . ASN A 1 29  ? 13.395  14.470  2.861   1.00 62.21  ? 67  ASN A ND2 1 
ATOM   218  N  N   . GLY A 1 30  ? 9.422   10.811  1.479   1.00 46.45  ? 68  GLY A N   1 
ATOM   219  C  CA  . GLY A 1 30  ? 8.841   9.500   1.274   1.00 45.61  ? 68  GLY A CA  1 
ATOM   220  C  C   . GLY A 1 30  ? 9.170   8.545   2.409   1.00 45.45  ? 68  GLY A C   1 
ATOM   221  O  O   . GLY A 1 30  ? 10.246  8.602   3.018   1.00 45.55  ? 68  GLY A O   1 
ATOM   222  N  N   . ARG A 1 31  ? 8.223   7.655   2.700   1.00 39.69  ? 69  ARG A N   1 
ATOM   223  C  CA  . ARG A 1 31  ? 8.384   6.637   3.727   1.00 43.68  ? 69  ARG A CA  1 
ATOM   224  C  C   . ARG A 1 31  ? 7.970   5.280   3.179   1.00 42.76  ? 69  ARG A C   1 
ATOM   225  O  O   . ARG A 1 31  ? 6.970   5.165   2.464   1.00 38.13  ? 69  ARG A O   1 
ATOM   226  C  CB  . ARG A 1 31  ? 7.552   6.960   4.974   1.00 39.43  ? 69  ARG A CB  1 
ATOM   227  C  CG  . ARG A 1 31  ? 8.044   8.158   5.761   1.00 45.19  ? 69  ARG A CG  1 
ATOM   228  C  CD  . ARG A 1 31  ? 9.284   7.827   6.567   1.00 44.52  ? 69  ARG A CD  1 
ATOM   229  N  NE  . ARG A 1 31  ? 9.613   8.899   7.500   1.00 54.82  ? 69  ARG A NE  1 
ATOM   230  C  CZ  . ARG A 1 31  ? 9.056   9.042   8.699   1.00 58.30  ? 69  ARG A CZ  1 
ATOM   231  N  NH1 . ARG A 1 31  ? 8.139   8.176   9.113   1.00 52.08  ? 69  ARG A NH1 1 
ATOM   232  N  NH2 . ARG A 1 31  ? 9.412   10.049  9.483   1.00 60.73  ? 69  ARG A NH2 1 
ATOM   233  N  N   . ARG A 1 32  ? 8.748   4.256   3.521   1.00 41.10  ? 70  ARG A N   1 
ATOM   234  C  CA  . ARG A 1 32  ? 8.398   2.890   3.169   1.00 38.36  ? 70  ARG A CA  1 
ATOM   235  C  C   . ARG A 1 32  ? 7.162   2.441   3.942   1.00 39.15  ? 70  ARG A C   1 
ATOM   236  O  O   . ARG A 1 32  ? 6.877   2.928   5.039   1.00 39.64  ? 70  ARG A O   1 
ATOM   237  C  CB  . ARG A 1 32  ? 9.569   1.950   3.462   1.00 38.34  ? 70  ARG A CB  1 
ATOM   238  C  CG  . ARG A 1 32  ? 10.838  2.270   2.679   1.00 43.37  ? 70  ARG A CG  1 
ATOM   239  C  CD  . ARG A 1 32  ? 12.057  1.577   3.276   1.00 40.62  ? 70  ARG A CD  1 
ATOM   240  N  NE  . ARG A 1 32  ? 13.261  1.796   2.476   1.00 39.83  ? 70  ARG A NE  1 
ATOM   241  C  CZ  . ARG A 1 32  ? 13.991  2.907   2.513   1.00 42.44  ? 70  ARG A CZ  1 
ATOM   242  N  NH1 . ARG A 1 32  ? 15.071  3.020   1.752   1.00 39.76  ? 70  ARG A NH1 1 
ATOM   243  N  NH2 . ARG A 1 32  ? 13.639  3.911   3.306   1.00 40.86  ? 70  ARG A NH2 1 
ATOM   244  N  N   . MET A 1 33  ? 6.426   1.501   3.357   1.00 37.43  ? 71  MET A N   1 
ATOM   245  C  CA  . MET A 1 33  ? 5.234   0.965   3.995   1.00 40.44  ? 71  MET A CA  1 
ATOM   246  C  C   . MET A 1 33  ? 5.603   -0.115  5.004   1.00 42.96  ? 71  MET A C   1 
ATOM   247  O  O   . MET A 1 33  ? 6.625   -0.795  4.872   1.00 39.04  ? 71  MET A O   1 
ATOM   248  C  CB  . MET A 1 33  ? 4.283   0.370   2.954   1.00 41.46  ? 71  MET A CB  1 
ATOM   249  C  CG  . MET A 1 33  ? 3.896   1.302   1.823   1.00 39.73  ? 71  MET A CG  1 
ATOM   250  S  SD  . MET A 1 33  ? 3.084   0.409   0.476   1.00 49.26  ? 71  MET A SD  1 
ATOM   251  C  CE  . MET A 1 33  ? 1.633   -0.218  1.314   1.00 33.74  ? 71  MET A CE  1 
ATOM   252  N  N   . PHE A 1 34  ? 4.753   -0.272  6.022   1.00 37.06  ? 72  PHE A N   1 
ATOM   253  C  CA  . PHE A 1 34  ? 4.816   -1.448  6.875   1.00 36.72  ? 72  PHE A CA  1 
ATOM   254  C  C   . PHE A 1 34  ? 3.383   -1.857  7.196   1.00 36.47  ? 72  PHE A C   1 
ATOM   255  O  O   . PHE A 1 34  ? 2.586   -1.014  7.647   1.00 39.87  ? 72  PHE A O   1 
ATOM   256  C  CB  . PHE A 1 34  ? 5.604   -1.250  8.169   1.00 37.66  ? 72  PHE A CB  1 
ATOM   257  C  CG  . PHE A 1 34  ? 5.811   -2.527  8.930   1.00 43.77  ? 72  PHE A CG  1 
ATOM   258  C  CD1 . PHE A 1 34  ? 6.911   -3.327  8.675   1.00 39.38  ? 72  PHE A CD1 1 
ATOM   259  C  CD2 . PHE A 1 34  ? 4.883   -2.952  9.869   1.00 37.60  ? 72  PHE A CD2 1 
ATOM   260  C  CE1 . PHE A 1 34  ? 7.095   -4.511  9.356   1.00 44.70  ? 72  PHE A CE1 1 
ATOM   261  C  CE2 . PHE A 1 34  ? 5.061   -4.136  10.552  1.00 39.86  ? 72  PHE A CE2 1 
ATOM   262  C  CZ  . PHE A 1 34  ? 6.168   -4.916  10.296  1.00 45.07  ? 72  PHE A CZ  1 
ATOM   263  N  N   . PRO A 1 35  ? 3.017   -3.132  6.983   1.00 37.27  ? 73  PRO A N   1 
ATOM   264  C  CA  . PRO A 1 35  ? 3.868   -4.181  6.402   1.00 36.54  ? 73  PRO A CA  1 
ATOM   265  C  C   . PRO A 1 35  ? 4.176   -3.954  4.922   1.00 40.87  ? 73  PRO A C   1 
ATOM   266  O  O   . PRO A 1 35  ? 3.470   -3.187  4.266   1.00 39.63  ? 73  PRO A O   1 
ATOM   267  C  CB  . PRO A 1 35  ? 3.029   -5.451  6.582   1.00 39.27  ? 73  PRO A CB  1 
ATOM   268  C  CG  . PRO A 1 35  ? 2.040   -5.120  7.651   1.00 36.18  ? 73  PRO A CG  1 
ATOM   269  C  CD  . PRO A 1 35  ? 1.733   -3.671  7.458   1.00 37.73  ? 73  PRO A CD  1 
ATOM   270  N  N   . VAL A 1 36  ? 5.231   -4.593  4.414   1.00 40.77  ? 74  VAL A N   1 
ATOM   271  C  CA  . VAL A 1 36  ? 5.536   -4.493  2.994   1.00 38.48  ? 74  VAL A CA  1 
ATOM   272  C  C   . VAL A 1 36  ? 4.550   -5.343  2.208   1.00 37.95  ? 74  VAL A C   1 
ATOM   273  O  O   . VAL A 1 36  ? 4.107   -6.404  2.669   1.00 37.37  ? 74  VAL A O   1 
ATOM   274  C  CB  . VAL A 1 36  ? 6.983   -4.925  2.705   1.00 44.16  ? 74  VAL A CB  1 
ATOM   275  C  CG1 . VAL A 1 36  ? 7.951   -3.866  3.161   1.00 43.74  ? 74  VAL A CG1 1 
ATOM   276  C  CG2 . VAL A 1 36  ? 7.292   -6.259  3.367   1.00 46.47  ? 74  VAL A CG2 1 
ATOM   277  N  N   . LEU A 1 37  ? 4.200   -4.875  1.015   1.00 33.01  ? 75  LEU A N   1 
ATOM   278  C  CA  . LEU A 1 37  ? 3.305   -5.617  0.140   1.00 41.46  ? 75  LEU A CA  1 
ATOM   279  C  C   . LEU A 1 37  ? 4.094   -6.702  -0.585  1.00 37.51  ? 75  LEU A C   1 
ATOM   280  O  O   . LEU A 1 37  ? 5.040   -6.406  -1.323  1.00 33.79  ? 75  LEU A O   1 
ATOM   281  C  CB  . LEU A 1 37  ? 2.630   -4.676  -0.854  1.00 34.85  ? 75  LEU A CB  1 
ATOM   282  C  CG  . LEU A 1 37  ? 1.670   -5.339  -1.843  1.00 37.27  ? 75  LEU A CG  1 
ATOM   283  C  CD1 . LEU A 1 37  ? 0.538   -6.039  -1.118  1.00 39.20  ? 75  LEU A CD1 1 
ATOM   284  C  CD2 . LEU A 1 37  ? 1.128   -4.314  -2.822  1.00 44.63  ? 75  LEU A CD2 1 
ATOM   285  N  N   . LYS A 1 38  ? 3.711   -7.956  -0.362  1.00 35.26  ? 76  LYS A N   1 
ATOM   286  C  CA  . LYS A 1 38  ? 4.292   -9.100  -1.048  1.00 38.53  ? 76  LYS A CA  1 
ATOM   287  C  C   . LYS A 1 38  ? 3.169   -10.008 -1.520  1.00 39.20  ? 76  LYS A C   1 
ATOM   288  O  O   . LYS A 1 38  ? 2.191   -10.218 -0.798  1.00 41.77  ? 76  LYS A O   1 
ATOM   289  C  CB  . LYS A 1 38  ? 5.254   -9.879  -0.142  1.00 42.99  ? 76  LYS A CB  1 
ATOM   290  C  CG  . LYS A 1 38  ? 6.483   -9.094  0.287   1.00 47.99  ? 76  LYS A CG  1 
ATOM   291  C  CD  . LYS A 1 38  ? 7.440   -9.965  1.090   1.00 53.34  ? 76  LYS A CD  1 
ATOM   292  C  CE  . LYS A 1 38  ? 8.679   -9.189  1.508   1.00 53.55  ? 76  LYS A CE  1 
ATOM   293  N  NZ  . LYS A 1 38  ? 9.590   -10.018 2.340   1.00 61.40  ? 76  LYS A NZ  1 
ATOM   294  N  N   . VAL A 1 39  ? 3.308   -10.539 -2.732  1.00 34.46  ? 77  VAL A N   1 
ATOM   295  C  CA  . VAL A 1 39  ? 2.280   -11.381 -3.328  1.00 41.06  ? 77  VAL A CA  1 
ATOM   296  C  C   . VAL A 1 39  ? 2.914   -12.634 -3.912  1.00 47.58  ? 77  VAL A C   1 
ATOM   297  O  O   . VAL A 1 39  ? 4.087   -12.642 -4.300  1.00 41.98  ? 77  VAL A O   1 
ATOM   298  C  CB  . VAL A 1 39  ? 1.477   -10.632 -4.415  1.00 42.50  ? 77  VAL A CB  1 
ATOM   299  C  CG1 . VAL A 1 39  ? 0.593   -9.571  -3.785  1.00 39.21  ? 77  VAL A CG1 1 
ATOM   300  C  CG2 . VAL A 1 39  ? 2.415   -10.013 -5.442  1.00 41.13  ? 77  VAL A CG2 1 
ATOM   301  N  N   . ASN A 1 40  ? 2.122   -13.701 -3.967  1.00 41.92  ? 78  ASN A N   1 
ATOM   302  C  CA  . ASN A 1 40  ? 2.506   -14.952 -4.606  1.00 48.04  ? 78  ASN A CA  1 
ATOM   303  C  C   . ASN A 1 40  ? 1.740   -15.081 -5.914  1.00 47.80  ? 78  ASN A C   1 
ATOM   304  O  O   . ASN A 1 40  ? 0.512   -14.945 -5.932  1.00 46.85  ? 78  ASN A O   1 
ATOM   305  C  CB  . ASN A 1 40  ? 2.213   -16.146 -3.695  1.00 51.31  ? 78  ASN A CB  1 
ATOM   306  C  CG  . ASN A 1 40  ? 2.803   -15.981 -2.308  1.00 56.77  ? 78  ASN A CG  1 
ATOM   307  O  OD1 . ASN A 1 40  ? 2.079   -15.959 -1.312  1.00 58.42  ? 78  ASN A OD1 1 
ATOM   308  N  ND2 . ASN A 1 40  ? 4.124   -15.866 -2.236  1.00 58.99  ? 78  ASN A ND2 1 
ATOM   309  N  N   . VAL A 1 41  ? 2.459   -15.337 -7.003  1.00 47.00  ? 79  VAL A N   1 
ATOM   310  C  CA  . VAL A 1 41  ? 1.875   -15.374 -8.339  1.00 39.16  ? 79  VAL A CA  1 
ATOM   311  C  C   . VAL A 1 41  ? 2.011   -16.785 -8.893  1.00 45.80  ? 79  VAL A C   1 
ATOM   312  O  O   . VAL A 1 41  ? 3.085   -17.391 -8.809  1.00 47.76  ? 79  VAL A O   1 
ATOM   313  C  CB  . VAL A 1 41  ? 2.543   -14.354 -9.279  1.00 41.37  ? 79  VAL A CB  1 
ATOM   314  C  CG1 . VAL A 1 41  ? 1.824   -14.313 -10.617 1.00 47.29  ? 79  VAL A CG1 1 
ATOM   315  C  CG2 . VAL A 1 41  ? 2.571   -12.978 -8.638  1.00 44.62  ? 79  VAL A CG2 1 
ATOM   316  N  N   . SER A 1 42  ? 0.924   -17.300 -9.461  1.00 46.01  ? 80  SER A N   1 
ATOM   317  C  CA  . SER A 1 42  ? 0.923   -18.601 -10.110 1.00 51.10  ? 80  SER A CA  1 
ATOM   318  C  C   . SER A 1 42  ? -0.022  -18.551 -11.298 1.00 55.23  ? 80  SER A C   1 
ATOM   319  O  O   . SER A 1 42  ? -1.037  -17.849 -11.270 1.00 60.14  ? 80  SER A O   1 
ATOM   320  C  CB  . SER A 1 42  ? 0.504   -19.722 -9.148  1.00 57.20  ? 80  SER A CB  1 
ATOM   321  O  OG  . SER A 1 42  ? -0.828  -19.532 -8.700  1.00 62.90  ? 80  SER A OG  1 
ATOM   322  N  N   . GLY A 1 43  ? 0.323   -19.287 -12.347 1.00 54.91  ? 81  GLY A N   1 
ATOM   323  C  CA  . GLY A 1 43  ? -0.473  -19.302 -13.552 1.00 49.64  ? 81  GLY A CA  1 
ATOM   324  C  C   . GLY A 1 43  ? -0.014  -18.370 -14.647 1.00 48.30  ? 81  GLY A C   1 
ATOM   325  O  O   . GLY A 1 43  ? -0.779  -18.135 -15.589 1.00 53.66  ? 81  GLY A O   1 
ATOM   326  N  N   . LEU A 1 44  ? 1.193   -17.823 -14.552 1.00 45.46  ? 82  LEU A N   1 
ATOM   327  C  CA  . LEU A 1 44  ? 1.749   -17.071 -15.662 1.00 43.80  ? 82  LEU A CA  1 
ATOM   328  C  C   . LEU A 1 44  ? 2.403   -18.019 -16.658 1.00 42.61  ? 82  LEU A C   1 
ATOM   329  O  O   . LEU A 1 44  ? 2.717   -19.169 -16.345 1.00 43.82  ? 82  LEU A O   1 
ATOM   330  C  CB  . LEU A 1 44  ? 2.783   -16.053 -15.176 1.00 43.00  ? 82  LEU A CB  1 
ATOM   331  C  CG  . LEU A 1 44  ? 2.334   -14.889 -14.294 1.00 50.85  ? 82  LEU A CG  1 
ATOM   332  C  CD1 . LEU A 1 44  ? 3.541   -14.048 -13.906 1.00 43.99  ? 82  LEU A CD1 1 
ATOM   333  C  CD2 . LEU A 1 44  ? 1.296   -14.039 -15.004 1.00 42.03  ? 82  LEU A CD2 1 
ATOM   334  N  N   . ASP A 1 45  ? 2.595   -17.527 -17.873 1.00 44.91  ? 83  ASP A N   1 
ATOM   335  C  CA  . ASP A 1 45  ? 3.425   -18.230 -18.843 1.00 46.04  ? 83  ASP A CA  1 
ATOM   336  C  C   . ASP A 1 45  ? 4.880   -18.047 -18.437 1.00 43.84  ? 83  ASP A C   1 
ATOM   337  O  O   . ASP A 1 45  ? 5.405   -16.932 -18.561 1.00 44.82  ? 83  ASP A O   1 
ATOM   338  C  CB  . ASP A 1 45  ? 3.180   -17.695 -20.256 1.00 46.44  ? 83  ASP A CB  1 
ATOM   339  C  CG  . ASP A 1 45  ? 3.948   -18.465 -21.322 1.00 52.56  ? 83  ASP A CG  1 
ATOM   340  O  OD1 . ASP A 1 45  ? 4.626   -19.458 -20.984 1.00 55.77  ? 83  ASP A OD1 1 
ATOM   341  O  OD2 . ASP A 1 45  ? 3.870   -18.075 -22.506 1.00 49.68  ? 83  ASP A OD2 1 
ATOM   342  N  N   . PRO A 1 46  ? 5.565   -19.086 -17.950 1.00 49.19  ? 84  PRO A N   1 
ATOM   343  C  CA  . PRO A 1 46  ? 6.916   -18.881 -17.402 1.00 43.16  ? 84  PRO A CA  1 
ATOM   344  C  C   . PRO A 1 46  ? 7.924   -18.388 -18.421 1.00 44.45  ? 84  PRO A C   1 
ATOM   345  O  O   . PRO A 1 46  ? 8.946   -17.812 -18.027 1.00 39.90  ? 84  PRO A O   1 
ATOM   346  C  CB  . PRO A 1 46  ? 7.292   -20.272 -16.871 1.00 43.66  ? 84  PRO A CB  1 
ATOM   347  C  CG  . PRO A 1 46  ? 6.465   -21.215 -17.676 1.00 49.64  ? 84  PRO A CG  1 
ATOM   348  C  CD  . PRO A 1 46  ? 5.164   -20.502 -17.918 1.00 51.08  ? 84  PRO A CD  1 
ATOM   349  N  N   . ASN A 1 47  ? 7.673   -18.589 -19.713 1.00 48.70  ? 85  ASN A N   1 
ATOM   350  C  CA  . ASN A 1 47  ? 8.587   -18.159 -20.760 1.00 45.42  ? 85  ASN A CA  1 
ATOM   351  C  C   . ASN A 1 47  ? 8.211   -16.813 -21.367 1.00 45.17  ? 85  ASN A C   1 
ATOM   352  O  O   . ASN A 1 47  ? 9.016   -16.239 -22.108 1.00 46.29  ? 85  ASN A O   1 
ATOM   353  C  CB  . ASN A 1 47  ? 8.654   -19.223 -21.861 1.00 47.32  ? 85  ASN A CB  1 
ATOM   354  C  CG  . ASN A 1 47  ? 8.977   -20.598 -21.313 1.00 44.32  ? 85  ASN A CG  1 
ATOM   355  O  OD1 . ASN A 1 47  ? 9.881   -20.752 -20.493 1.00 47.96  ? 85  ASN A OD1 1 
ATOM   356  N  ND2 . ASN A 1 47  ? 8.227   -21.603 -21.748 1.00 45.80  ? 85  ASN A ND2 1 
ATOM   357  N  N   . ALA A 1 48  ? 7.022   -16.295 -21.069 1.00 47.44  ? 86  ALA A N   1 
ATOM   358  C  CA  . ALA A 1 48  ? 6.622   -14.982 -21.542 1.00 43.55  ? 86  ALA A CA  1 
ATOM   359  C  C   . ALA A 1 48  ? 7.275   -13.892 -20.696 1.00 41.84  ? 86  ALA A C   1 
ATOM   360  O  O   . ALA A 1 48  ? 7.829   -14.145 -19.625 1.00 42.94  ? 86  ALA A O   1 
ATOM   361  C  CB  . ALA A 1 48  ? 5.100   -14.844 -21.512 1.00 37.15  ? 86  ALA A CB  1 
ATOM   362  N  N   . MET A 1 49  ? 7.203   -12.660 -21.190 1.00 42.70  ? 87  MET A N   1 
ATOM   363  C  CA  . MET A 1 49  ? 7.769   -11.507 -20.503 1.00 42.47  ? 87  MET A CA  1 
ATOM   364  C  C   . MET A 1 49  ? 6.666   -10.696 -19.837 1.00 45.50  ? 87  MET A C   1 
ATOM   365  O  O   . MET A 1 49  ? 5.616   -10.444 -20.436 1.00 43.14  ? 87  MET A O   1 
ATOM   366  C  CB  . MET A 1 49  ? 8.556   -10.628 -21.477 1.00 46.02  ? 87  MET A CB  1 
ATOM   367  C  CG  . MET A 1 49  ? 9.911   -11.198 -21.851 1.00 54.81  ? 87  MET A CG  1 
ATOM   368  S  SD  . MET A 1 49  ? 11.037  -11.221 -20.444 1.00 56.33  ? 87  MET A SD  1 
ATOM   369  C  CE  . MET A 1 49  ? 11.555  -9.508  -20.399 1.00 47.94  ? 87  MET A CE  1 
ATOM   370  N  N   . TYR A 1 50  ? 6.913   -10.286 -18.592 1.00 42.95  ? 88  TYR A N   1 
ATOM   371  C  CA  . TYR A 1 50  ? 5.931   -9.553  -17.808 1.00 38.42  ? 88  TYR A CA  1 
ATOM   372  C  C   . TYR A 1 50  ? 6.604   -8.415  -17.057 1.00 38.71  ? 88  TYR A C   1 
ATOM   373  O  O   . TYR A 1 50  ? 7.788   -8.484  -16.714 1.00 32.91  ? 88  TYR A O   1 
ATOM   374  C  CB  . TYR A 1 50  ? 5.213   -10.456 -16.798 1.00 35.76  ? 88  TYR A CB  1 
ATOM   375  C  CG  . TYR A 1 50  ? 4.436   -11.598 -17.405 1.00 37.76  ? 88  TYR A CG  1 
ATOM   376  C  CD1 . TYR A 1 50  ? 3.146   -11.409 -17.882 1.00 42.77  ? 88  TYR A CD1 1 
ATOM   377  C  CD2 . TYR A 1 50  ? 4.985   -12.869 -17.487 1.00 40.24  ? 88  TYR A CD2 1 
ATOM   378  C  CE1 . TYR A 1 50  ? 2.427   -12.454 -18.432 1.00 40.20  ? 88  TYR A CE1 1 
ATOM   379  C  CE2 . TYR A 1 50  ? 4.275   -13.920 -18.033 1.00 40.67  ? 88  TYR A CE2 1 
ATOM   380  C  CZ  . TYR A 1 50  ? 2.997   -13.707 -18.503 1.00 43.83  ? 88  TYR A CZ  1 
ATOM   381  O  OH  . TYR A 1 50  ? 2.288   -14.752 -19.048 1.00 47.32  ? 88  TYR A OH  1 
ATOM   382  N  N   . SER A 1 51  ? 5.827   -7.367  -16.795 1.00 37.75  ? 89  SER A N   1 
ATOM   383  C  CA  . SER A 1 51  ? 6.229   -6.275  -15.920 1.00 34.85  ? 89  SER A CA  1 
ATOM   384  C  C   . SER A 1 51  ? 5.176   -6.100  -14.836 1.00 35.14  ? 89  SER A C   1 
ATOM   385  O  O   . SER A 1 51  ? 3.976   -6.196  -15.107 1.00 36.59  ? 89  SER A O   1 
ATOM   386  C  CB  . SER A 1 51  ? 6.412   -4.971  -16.702 1.00 33.97  ? 89  SER A CB  1 
ATOM   387  O  OG  . SER A 1 51  ? 7.563   -5.030  -17.529 1.00 40.09  ? 89  SER A OG  1 
ATOM   388  N  N   . PHE A 1 52  ? 5.628   -5.856  -13.608 1.00 35.86  ? 90  PHE A N   1 
ATOM   389  C  CA  . PHE A 1 52  ? 4.751   -5.710  -12.452 1.00 31.91  ? 90  PHE A CA  1 
ATOM   390  C  C   . PHE A 1 52  ? 4.698   -4.249  -12.033 1.00 37.20  ? 90  PHE A C   1 
ATOM   391  O  O   . PHE A 1 52  ? 5.742   -3.626  -11.803 1.00 36.72  ? 90  PHE A O   1 
ATOM   392  C  CB  . PHE A 1 52  ? 5.227   -6.575  -11.283 1.00 32.12  ? 90  PHE A CB  1 
ATOM   393  C  CG  . PHE A 1 52  ? 4.717   -7.986  -11.328 1.00 38.19  ? 90  PHE A CG  1 
ATOM   394  C  CD1 . PHE A 1 52  ? 3.964   -8.495  -10.285 1.00 37.01  ? 90  PHE A CD1 1 
ATOM   395  C  CD2 . PHE A 1 52  ? 4.977   -8.798  -12.419 1.00 37.66  ? 90  PHE A CD2 1 
ATOM   396  C  CE1 . PHE A 1 52  ? 3.490   -9.791  -10.322 1.00 38.61  ? 90  PHE A CE1 1 
ATOM   397  C  CE2 . PHE A 1 52  ? 4.501   -10.094 -12.465 1.00 39.79  ? 90  PHE A CE2 1 
ATOM   398  C  CZ  . PHE A 1 52  ? 3.758   -10.592 -11.412 1.00 36.44  ? 90  PHE A CZ  1 
ATOM   399  N  N   . LEU A 1 53  ? 3.485   -3.715  -11.925 1.00 32.99  ? 91  LEU A N   1 
ATOM   400  C  CA  . LEU A 1 53  ? 3.258   -2.317  -11.597 1.00 37.39  ? 91  LEU A CA  1 
ATOM   401  C  C   . LEU A 1 53  ? 2.416   -2.217  -10.333 1.00 40.48  ? 91  LEU A C   1 
ATOM   402  O  O   . LEU A 1 53  ? 1.605   -3.099  -10.038 1.00 37.14  ? 91  LEU A O   1 
ATOM   403  C  CB  . LEU A 1 53  ? 2.553   -1.576  -12.745 1.00 39.39  ? 91  LEU A CB  1 
ATOM   404  C  CG  . LEU A 1 53  ? 3.267   -1.454  -14.095 1.00 41.73  ? 91  LEU A CG  1 
ATOM   405  C  CD1 . LEU A 1 53  ? 4.718   -1.046  -13.907 1.00 39.64  ? 91  LEU A CD1 1 
ATOM   406  C  CD2 . LEU A 1 53  ? 3.165   -2.737  -14.918 1.00 47.82  ? 91  LEU A CD2 1 
ATOM   407  N  N   . LEU A 1 54  ? 2.610   -1.130  -9.594  1.00 38.70  ? 92  LEU A N   1 
ATOM   408  C  CA  . LEU A 1 54  ? 1.877   -0.881  -8.362  1.00 36.92  ? 92  LEU A CA  1 
ATOM   409  C  C   . LEU A 1 54  ? 1.370   0.551   -8.361  1.00 35.08  ? 92  LEU A C   1 
ATOM   410  O  O   . LEU A 1 54  ? 2.132   1.481   -8.642  1.00 35.81  ? 92  LEU A O   1 
ATOM   411  C  CB  . LEU A 1 54  ? 2.759   -1.132  -7.131  1.00 38.07  ? 92  LEU A CB  1 
ATOM   412  C  CG  . LEU A 1 54  ? 2.153   -0.800  -5.762  1.00 39.74  ? 92  LEU A CG  1 
ATOM   413  C  CD1 . LEU A 1 54  ? 1.055   -1.787  -5.400  1.00 35.96  ? 92  LEU A CD1 1 
ATOM   414  C  CD2 . LEU A 1 54  ? 3.224   -0.759  -4.683  1.00 32.88  ? 92  LEU A CD2 1 
ATOM   415  N  N   . ASP A 1 55  ? 0.085   0.726   -8.057  1.00 34.67  ? 93  ASP A N   1 
ATOM   416  C  CA  . ASP A 1 55  ? -0.474  2.044   -7.795  1.00 35.81  ? 93  ASP A CA  1 
ATOM   417  C  C   . ASP A 1 55  ? -1.443  1.927   -6.626  1.00 37.69  ? 93  ASP A C   1 
ATOM   418  O  O   . ASP A 1 55  ? -1.705  0.834   -6.114  1.00 34.41  ? 93  ASP A O   1 
ATOM   419  C  CB  . ASP A 1 55  ? -1.132  2.645   -9.050  1.00 40.27  ? 93  ASP A CB  1 
ATOM   420  C  CG  . ASP A 1 55  ? -2.324  1.837   -9.559  1.00 44.11  ? 93  ASP A CG  1 
ATOM   421  O  OD1 . ASP A 1 55  ? -2.792  0.905   -8.874  1.00 44.44  ? 93  ASP A OD1 1 
ATOM   422  O  OD2 . ASP A 1 55  ? -2.802  2.150   -10.669 1.00 45.26  ? 93  ASP A OD2 1 
ATOM   423  N  N   . PHE A 1 56  ? -1.974  3.067   -6.196  1.00 30.41  ? 94  PHE A N   1 
ATOM   424  C  CA  . PHE A 1 56  ? -2.865  3.129   -5.044  1.00 39.44  ? 94  PHE A CA  1 
ATOM   425  C  C   . PHE A 1 56  ? -4.152  3.817   -5.464  1.00 40.30  ? 94  PHE A C   1 
ATOM   426  O  O   . PHE A 1 56  ? -4.118  4.939   -5.979  1.00 39.46  ? 94  PHE A O   1 
ATOM   427  C  CB  . PHE A 1 56  ? -2.204  3.869   -3.876  1.00 34.64  ? 94  PHE A CB  1 
ATOM   428  C  CG  . PHE A 1 56  ? -0.950  3.206   -3.376  1.00 41.87  ? 94  PHE A CG  1 
ATOM   429  C  CD1 . PHE A 1 56  ? -0.971  2.435   -2.224  1.00 39.50  ? 94  PHE A CD1 1 
ATOM   430  C  CD2 . PHE A 1 56  ? 0.248   3.342   -4.064  1.00 38.81  ? 94  PHE A CD2 1 
ATOM   431  C  CE1 . PHE A 1 56  ? 0.177   1.821   -1.760  1.00 38.54  ? 94  PHE A CE1 1 
ATOM   432  C  CE2 . PHE A 1 56  ? 1.403   2.725   -3.607  1.00 35.52  ? 94  PHE A CE2 1 
ATOM   433  C  CZ  . PHE A 1 56  ? 1.367   1.962   -2.455  1.00 39.27  ? 94  PHE A CZ  1 
ATOM   434  N  N   . VAL A 1 57  ? -5.276  3.143   -5.258  1.00 40.93  ? 95  VAL A N   1 
ATOM   435  C  CA  . VAL A 1 57  ? -6.584  3.677   -5.603  1.00 43.42  ? 95  VAL A CA  1 
ATOM   436  C  C   . VAL A 1 57  ? -7.280  4.120   -4.330  1.00 40.87  ? 95  VAL A C   1 
ATOM   437  O  O   . VAL A 1 57  ? -7.007  3.614   -3.234  1.00 40.24  ? 95  VAL A O   1 
ATOM   438  C  CB  . VAL A 1 57  ? -7.439  2.646   -6.368  1.00 47.61  ? 95  VAL A CB  1 
ATOM   439  C  CG1 . VAL A 1 57  ? -6.768  2.270   -7.669  1.00 47.95  ? 95  VAL A CG1 1 
ATOM   440  C  CG2 . VAL A 1 57  ? -7.686  1.416   -5.510  1.00 48.09  ? 95  VAL A CG2 1 
ATOM   441  N  N   . ALA A 1 58  ? -8.186  5.080   -4.474  1.00 44.79  ? 96  ALA A N   1 
ATOM   442  C  CA  . ALA A 1 58  ? -8.992  5.518   -3.345  1.00 45.31  ? 96  ALA A CA  1 
ATOM   443  C  C   . ALA A 1 58  ? -9.935  4.401   -2.919  1.00 44.85  ? 96  ALA A C   1 
ATOM   444  O  O   . ALA A 1 58  ? -10.694 3.869   -3.735  1.00 47.37  ? 96  ALA A O   1 
ATOM   445  C  CB  . ALA A 1 58  ? -9.779  6.774   -3.711  1.00 49.10  ? 96  ALA A CB  1 
ATOM   446  N  N   . ALA A 1 59  ? -9.863  4.024   -1.640  1.00 42.64  ? 97  ALA A N   1 
ATOM   447  C  CA  . ALA A 1 59  ? -10.791 3.028   -1.114  1.00 47.41  ? 97  ALA A CA  1 
ATOM   448  C  C   . ALA A 1 59  ? -12.191 3.605   -0.957  1.00 54.90  ? 97  ALA A C   1 
ATOM   449  O  O   . ALA A 1 59  ? -13.179 2.864   -1.029  1.00 59.13  ? 97  ALA A O   1 
ATOM   450  C  CB  . ALA A 1 59  ? -10.284 2.482   0.220   1.00 39.90  ? 97  ALA A CB  1 
ATOM   451  N  N   . ASP A 1 60  ? -12.294 4.914   -0.739  1.00 56.94  ? 98  ASP A N   1 
ATOM   452  C  CA  . ASP A 1 60  ? -13.566 5.623   -0.754  1.00 59.86  ? 98  ASP A CA  1 
ATOM   453  C  C   . ASP A 1 60  ? -13.300 7.054   -1.209  1.00 68.95  ? 98  ASP A C   1 
ATOM   454  O  O   . ASP A 1 60  ? -12.151 7.462   -1.395  1.00 63.64  ? 98  ASP A O   1 
ATOM   455  C  CB  . ASP A 1 60  ? -14.255 5.570   0.613   1.00 51.41  ? 98  ASP A CB  1 
ATOM   456  C  CG  . ASP A 1 60  ? -13.331 5.953   1.749   1.00 54.44  ? 98  ASP A CG  1 
ATOM   457  O  OD1 . ASP A 1 60  ? -12.859 7.108   1.769   1.00 57.56  ? 98  ASP A OD1 1 
ATOM   458  O  OD2 . ASP A 1 60  ? -13.084 5.098   2.626   1.00 55.73  ? 98  ASP A OD2 1 
ATOM   459  N  N   . ASN A 1 61  ? -14.376 7.822   -1.387  1.00 72.10  ? 99  ASN A N   1 
ATOM   460  C  CA  . ASN A 1 61  ? -14.288 9.140   -2.005  1.00 72.82  ? 99  ASN A CA  1 
ATOM   461  C  C   . ASN A 1 61  ? -14.541 10.282  -1.023  1.00 73.51  ? 99  ASN A C   1 
ATOM   462  O  O   . ASN A 1 61  ? -14.939 11.373  -1.443  1.00 77.50  ? 99  ASN A O   1 
ATOM   463  C  CB  . ASN A 1 61  ? -15.260 9.234   -3.182  1.00 75.45  ? 99  ASN A CB  1 
ATOM   464  C  CG  . ASN A 1 61  ? -16.624 8.655   -2.859  1.00 81.73  ? 99  ASN A CG  1 
ATOM   465  O  OD1 . ASN A 1 61  ? -17.362 9.195   -2.033  1.00 79.43  ? 99  ASN A OD1 1 
ATOM   466  N  ND2 . ASN A 1 61  ? -16.969 7.554   -3.517  1.00 79.45  ? 99  ASN A ND2 1 
ATOM   467  N  N   . HIS A 1 62  ? -14.308 10.066  0.268   0.94 67.90  ? 100 HIS A N   1 
ATOM   468  C  CA  . HIS A 1 62  ? -14.469 11.119  1.260   0.94 72.84  ? 100 HIS A CA  1 
ATOM   469  C  C   . HIS A 1 62  ? -13.273 11.131  2.203   0.94 67.10  ? 100 HIS A C   1 
ATOM   470  O  O   . HIS A 1 62  ? -12.491 10.180  2.263   0.94 69.52  ? 100 HIS A O   1 
ATOM   471  C  CB  . HIS A 1 62  ? -15.773 10.958  2.057   0.94 68.15  ? 100 HIS A CB  1 
ATOM   472  C  CG  . HIS A 1 62  ? -15.933 9.615   2.697   0.94 66.70  ? 100 HIS A CG  1 
ATOM   473  N  ND1 . HIS A 1 62  ? -16.838 8.678   2.245   0.94 70.29  ? 100 HIS A ND1 1 
ATOM   474  C  CD2 . HIS A 1 62  ? -15.307 9.051   3.758   0.94 57.32  ? 100 HIS A CD2 1 
ATOM   475  C  CE1 . HIS A 1 62  ? -16.762 7.596   2.998   0.94 62.42  ? 100 HIS A CE1 1 
ATOM   476  N  NE2 . HIS A 1 62  ? -15.840 7.796   3.923   0.94 61.86  ? 100 HIS A NE2 1 
ATOM   477  N  N   . ARG A 1 63  ? -13.136 12.235  2.933   1.00 63.56  ? 101 ARG A N   1 
ATOM   478  C  CA  . ARG A 1 63  ? -12.028 12.407  3.857   1.00 55.73  ? 101 ARG A CA  1 
ATOM   479  C  C   . ARG A 1 63  ? -12.289 11.652  5.158   1.00 58.31  ? 101 ARG A C   1 
ATOM   480  O  O   . ARG A 1 63  ? -13.370 11.103  5.390   1.00 56.27  ? 101 ARG A O   1 
ATOM   481  C  CB  . ARG A 1 63  ? -11.791 13.889  4.139   1.00 62.73  ? 101 ARG A CB  1 
ATOM   482  C  CG  . ARG A 1 63  ? -11.154 14.647  2.986   1.00 65.96  ? 101 ARG A CG  1 
ATOM   483  C  CD  . ARG A 1 63  ? -11.068 16.132  3.292   1.00 69.92  ? 101 ARG A CD  1 
ATOM   484  N  NE  . ARG A 1 63  ? -10.463 16.385  4.597   1.00 71.02  ? 101 ARG A NE  1 
ATOM   485  C  CZ  . ARG A 1 63  ? -9.171  16.627  4.790   1.00 63.48  ? 101 ARG A CZ  1 
ATOM   486  N  NH1 . ARG A 1 63  ? -8.338  16.652  3.758   1.00 59.98  ? 101 ARG A NH1 1 
ATOM   487  N  NH2 . ARG A 1 63  ? -8.711  16.846  6.014   1.00 59.96  ? 101 ARG A NH2 1 
ATOM   488  N  N   . TRP A 1 64  ? -11.276 11.633  6.021   1.00 52.17  ? 102 TRP A N   1 
ATOM   489  C  CA  . TRP A 1 64  ? -11.343 10.899  7.272   1.00 49.49  ? 102 TRP A CA  1 
ATOM   490  C  C   . TRP A 1 64  ? -10.774 11.741  8.402   1.00 55.94  ? 102 TRP A C   1 
ATOM   491  O  O   . TRP A 1 64  ? -9.887  12.575  8.195   1.00 54.94  ? 102 TRP A O   1 
ATOM   492  C  CB  . TRP A 1 64  ? -10.585 9.568   7.188   1.00 52.59  ? 102 TRP A CB  1 
ATOM   493  C  CG  . TRP A 1 64  ? -11.268 8.545   6.340   1.00 51.47  ? 102 TRP A CG  1 
ATOM   494  C  CD1 . TRP A 1 64  ? -11.017 8.265   5.032   1.00 46.36  ? 102 TRP A CD1 1 
ATOM   495  C  CD2 . TRP A 1 64  ? -12.322 7.665   6.746   1.00 53.55  ? 102 TRP A CD2 1 
ATOM   496  N  NE1 . TRP A 1 64  ? -11.848 7.262   4.594   1.00 43.80  ? 102 TRP A NE1 1 
ATOM   497  C  CE2 . TRP A 1 64  ? -12.659 6.876   5.628   1.00 48.88  ? 102 TRP A CE2 1 
ATOM   498  C  CE3 . TRP A 1 64  ? -13.014 7.467   7.944   1.00 55.58  ? 102 TRP A CE3 1 
ATOM   499  C  CZ2 . TRP A 1 64  ? -13.658 5.906   5.673   1.00 52.79  ? 102 TRP A CZ2 1 
ATOM   500  C  CZ3 . TRP A 1 64  ? -14.004 6.502   7.988   1.00 52.70  ? 102 TRP A CZ3 1 
ATOM   501  C  CH2 . TRP A 1 64  ? -14.317 5.734   6.859   1.00 55.30  ? 102 TRP A CH2 1 
ATOM   502  N  N   . LYS A 1 65  ? -11.302 11.511  9.603   1.00 49.21  ? 103 LYS A N   1 
ATOM   503  C  CA  . LYS A 1 65  ? -10.830 12.148  10.822  1.00 45.35  ? 103 LYS A CA  1 
ATOM   504  C  C   . LYS A 1 65  ? -10.793 11.107  11.928  1.00 44.61  ? 103 LYS A C   1 
ATOM   505  O  O   . LYS A 1 65  ? -11.539 10.125  11.898  1.00 52.19  ? 103 LYS A O   1 
ATOM   506  C  CB  . LYS A 1 65  ? -11.731 13.321  11.232  1.00 59.08  ? 103 LYS A CB  1 
ATOM   507  C  CG  . LYS A 1 65  ? -11.821 14.437  10.202  1.00 61.22  ? 103 LYS A CG  1 
ATOM   508  C  CD  . LYS A 1 65  ? -13.153 15.162  10.296  1.00 69.81  ? 103 LYS A CD  1 
ATOM   509  C  CE  . LYS A 1 65  ? -14.296 14.267  9.844   1.00 72.27  ? 103 LYS A CE  1 
ATOM   510  N  NZ  . LYS A 1 65  ? -14.086 13.773  8.455   1.00 60.76  ? 103 LYS A NZ  1 
ATOM   511  N  N   . TYR A 1 66  ? -9.920  11.325  12.908  1.00 44.81  ? 104 TYR A N   1 
ATOM   512  C  CA  . TYR A 1 66  ? -9.794  10.436  14.061  1.00 46.36  ? 104 TYR A CA  1 
ATOM   513  C  C   . TYR A 1 66  ? -10.126 11.235  15.318  1.00 53.64  ? 104 TYR A C   1 
ATOM   514  O  O   . TYR A 1 66  ? -9.274  11.953  15.850  1.00 49.97  ? 104 TYR A O   1 
ATOM   515  C  CB  . TYR A 1 66  ? -8.398  9.826   14.138  1.00 41.80  ? 104 TYR A CB  1 
ATOM   516  C  CG  . TYR A 1 66  ? -8.257  8.769   15.208  1.00 41.63  ? 104 TYR A CG  1 
ATOM   517  C  CD1 . TYR A 1 66  ? -8.773  7.494   15.023  1.00 45.63  ? 104 TYR A CD1 1 
ATOM   518  C  CD2 . TYR A 1 66  ? -7.608  9.046   16.403  1.00 41.38  ? 104 TYR A CD2 1 
ATOM   519  C  CE1 . TYR A 1 66  ? -8.650  6.523   16.000  1.00 45.37  ? 104 TYR A CE1 1 
ATOM   520  C  CE2 . TYR A 1 66  ? -7.474  8.082   17.384  1.00 44.38  ? 104 TYR A CE2 1 
ATOM   521  C  CZ  . TYR A 1 66  ? -7.998  6.822   17.179  1.00 46.91  ? 104 TYR A CZ  1 
ATOM   522  O  OH  . TYR A 1 66  ? -7.870  5.861   18.157  1.00 48.08  ? 104 TYR A OH  1 
ATOM   523  N  N   . VAL A 1 67  ? -11.365 11.109  15.792  1.00 51.89  ? 105 VAL A N   1 
ATOM   524  C  CA  . VAL A 1 67  ? -11.845 11.842  16.958  1.00 52.91  ? 105 VAL A CA  1 
ATOM   525  C  C   . VAL A 1 67  ? -12.446 10.855  17.950  1.00 57.34  ? 105 VAL A C   1 
ATOM   526  O  O   . VAL A 1 67  ? -13.143 9.914   17.556  1.00 58.54  ? 105 VAL A O   1 
ATOM   527  C  CB  . VAL A 1 67  ? -12.883 12.916  16.569  1.00 52.43  ? 105 VAL A CB  1 
ATOM   528  C  CG1 . VAL A 1 67  ? -13.290 13.727  17.789  1.00 62.74  ? 105 VAL A CG1 1 
ATOM   529  C  CG2 . VAL A 1 67  ? -12.334 13.826  15.482  1.00 51.40  ? 105 VAL A CG2 1 
ATOM   530  N  N   . ASN A 1 68  ? -12.171 11.078  19.239  1.00 53.72  ? 106 ASN A N   1 
ATOM   531  C  CA  . ASN A 1 68  ? -12.698 10.259  20.335  1.00 59.28  ? 106 ASN A CA  1 
ATOM   532  C  C   . ASN A 1 68  ? -12.258 8.803   20.226  1.00 64.70  ? 106 ASN A C   1 
ATOM   533  O  O   . ASN A 1 68  ? -12.975 7.893   20.647  1.00 61.93  ? 106 ASN A O   1 
ATOM   534  C  CB  . ASN A 1 68  ? -14.225 10.346  20.419  1.00 65.32  ? 106 ASN A CB  1 
ATOM   535  C  CG  . ASN A 1 68  ? -14.708 11.717  20.846  1.00 66.19  ? 106 ASN A CG  1 
ATOM   536  O  OD1 . ASN A 1 68  ? -14.437 12.163  21.960  1.00 72.80  ? 106 ASN A OD1 1 
ATOM   537  N  ND2 . ASN A 1 68  ? -15.437 12.390  19.963  1.00 68.76  ? 106 ASN A ND2 1 
ATOM   538  N  N   . GLY A 1 69  ? -11.071 8.572   19.671  1.00 58.51  ? 107 GLY A N   1 
ATOM   539  C  CA  . GLY A 1 69  ? -10.561 7.221   19.550  1.00 52.30  ? 107 GLY A CA  1 
ATOM   540  C  C   . GLY A 1 69  ? -11.250 6.379   18.501  1.00 44.44  ? 107 GLY A C   1 
ATOM   541  O  O   . GLY A 1 69  ? -11.315 5.154   18.646  1.00 57.47  ? 107 GLY A O   1 
ATOM   542  N  N   . GLU A 1 70  ? -11.770 7.000   17.445  1.00 48.45  ? 108 GLU A N   1 
ATOM   543  C  CA  . GLU A 1 70  ? -12.413 6.264   16.368  1.00 56.45  ? 108 GLU A CA  1 
ATOM   544  C  C   . GLU A 1 70  ? -12.338 7.084   15.089  1.00 53.19  ? 108 GLU A C   1 
ATOM   545  O  O   . GLU A 1 70  ? -12.278 8.317   15.126  1.00 49.65  ? 108 GLU A O   1 
ATOM   546  C  CB  . GLU A 1 70  ? -13.871 5.925   16.705  1.00 58.44  ? 108 GLU A CB  1 
ATOM   547  C  CG  . GLU A 1 70  ? -14.762 7.133   16.943  1.00 69.35  ? 108 GLU A CG  1 
ATOM   548  C  CD  . GLU A 1 70  ? -16.171 6.746   17.355  1.00 80.87  ? 108 GLU A CD  1 
ATOM   549  O  OE1 . GLU A 1 70  ? -16.472 5.534   17.381  1.00 82.95  ? 108 GLU A OE1 1 
ATOM   550  O  OE2 . GLU A 1 70  ? -16.977 7.653   17.654  1.00 75.90  ? 108 GLU A OE2 1 
ATOM   551  N  N   . TRP A 1 71  ? -12.334 6.384   13.957  1.00 53.15  ? 109 TRP A N   1 
ATOM   552  C  CA  . TRP A 1 71  ? -12.260 7.020   12.649  1.00 49.80  ? 109 TRP A CA  1 
ATOM   553  C  C   . TRP A 1 71  ? -13.660 7.380   12.170  1.00 49.85  ? 109 TRP A C   1 
ATOM   554  O  O   . TRP A 1 71  ? -14.569 6.543   12.206  1.00 49.16  ? 109 TRP A O   1 
ATOM   555  C  CB  . TRP A 1 71  ? -11.570 6.102   11.638  1.00 50.10  ? 109 TRP A CB  1 
ATOM   556  C  CG  . TRP A 1 71  ? -10.076 6.082   11.765  1.00 47.62  ? 109 TRP A CG  1 
ATOM   557  C  CD1 . TRP A 1 71  ? -9.316  5.133   12.382  1.00 41.66  ? 109 TRP A CD1 1 
ATOM   558  C  CD2 . TRP A 1 71  ? -9.162  7.065   11.263  1.00 41.77  ? 109 TRP A CD2 1 
ATOM   559  N  NE1 . TRP A 1 71  ? -7.983  5.463   12.296  1.00 43.57  ? 109 TRP A NE1 1 
ATOM   560  C  CE2 . TRP A 1 71  ? -7.863  6.646   11.613  1.00 47.33  ? 109 TRP A CE2 1 
ATOM   561  C  CE3 . TRP A 1 71  ? -9.316  8.260   10.554  1.00 44.25  ? 109 TRP A CE3 1 
ATOM   562  C  CZ2 . TRP A 1 71  ? -6.726  7.378   11.274  1.00 43.94  ? 109 TRP A CZ2 1 
ATOM   563  C  CZ3 . TRP A 1 71  ? -8.185  8.986   10.219  1.00 44.07  ? 109 TRP A CZ3 1 
ATOM   564  C  CH2 . TRP A 1 71  ? -6.908  8.543   10.580  1.00 38.19  ? 109 TRP A CH2 1 
ATOM   565  N  N   . VAL A 1 72  ? -13.827 8.619   11.718  1.00 47.10  ? 110 VAL A N   1 
ATOM   566  C  CA  . VAL A 1 72  ? -15.131 9.129   11.303  1.00 49.96  ? 110 VAL A CA  1 
ATOM   567  C  C   . VAL A 1 72  ? -15.030 9.724   9.904   1.00 55.65  ? 110 VAL A C   1 
ATOM   568  O  O   . VAL A 1 72  ? -14.146 10.554  9.647   1.00 59.16  ? 110 VAL A O   1 
ATOM   569  C  CB  . VAL A 1 72  ? -15.661 10.171  12.301  1.00 50.67  ? 110 VAL A CB  1 
ATOM   570  C  CG1 . VAL A 1 72  ? -16.957 10.776  11.797  1.00 57.59  ? 110 VAL A CG1 1 
ATOM   571  C  CG2 . VAL A 1 72  ? -15.856 9.543   13.673  1.00 56.46  ? 110 VAL A CG2 1 
ATOM   572  N  N   . PRO A 1 73  ? -15.903 9.339   8.976   1.00 54.62  ? 111 PRO A N   1 
ATOM   573  C  CA  . PRO A 1 73  ? -15.904 9.971   7.653   1.00 61.99  ? 111 PRO A CA  1 
ATOM   574  C  C   . PRO A 1 73  ? -16.412 11.401  7.731   1.00 65.83  ? 111 PRO A C   1 
ATOM   575  O  O   . PRO A 1 73  ? -16.910 11.868  8.756   1.00 66.07  ? 111 PRO A O   1 
ATOM   576  C  CB  . PRO A 1 73  ? -16.850 9.085   6.837   1.00 61.52  ? 111 PRO A CB  1 
ATOM   577  C  CG  . PRO A 1 73  ? -17.764 8.493   7.855   1.00 65.09  ? 111 PRO A CG  1 
ATOM   578  C  CD  . PRO A 1 73  ? -16.924 8.282   9.086   1.00 61.49  ? 111 PRO A CD  1 
ATOM   579  N  N   . GLY A 1 74  ? -16.281 12.104  6.614   1.00 61.30  ? 112 GLY A N   1 
ATOM   580  C  CA  . GLY A 1 74  ? -16.748 13.471  6.548   1.00 67.91  ? 112 GLY A CA  1 
ATOM   581  C  C   . GLY A 1 74  ? -16.299 14.137  5.268   1.00 70.64  ? 112 GLY A C   1 
ATOM   582  O  O   . GLY A 1 74  ? -15.641 13.532  4.415   1.00 72.10  ? 112 GLY A O   1 
ATOM   583  N  N   . GLY A 1 75  ? -16.673 15.409  5.152   1.00 77.33  ? 113 GLY A N   1 
ATOM   584  C  CA  . GLY A 1 75  ? -16.334 16.196  3.986   1.00 84.81  ? 113 GLY A CA  1 
ATOM   585  C  C   . GLY A 1 75  ? -17.229 15.919  2.797   1.00 91.65  ? 113 GLY A C   1 
ATOM   586  O  O   . GLY A 1 75  ? -17.739 14.806  2.641   1.00 94.87  ? 113 GLY A O   1 
ATOM   587  N  N   . LYS A 1 76  ? -17.435 16.929  1.962   1.00 90.61  ? 114 LYS A N   1 
ATOM   588  C  CA  . LYS A 1 76  ? -18.174 16.740  0.724   1.00 91.23  ? 114 LYS A CA  1 
ATOM   589  C  C   . LYS A 1 76  ? -17.419 15.755  -0.160  1.00 95.91  ? 114 LYS A C   1 
ATOM   590  O  O   . LYS A 1 76  ? -16.284 16.047  -0.568  1.00 96.19  ? 114 LYS A O   1 
ATOM   591  C  CB  . LYS A 1 76  ? -18.363 18.069  0.000   1.00 85.91  ? 114 LYS A CB  1 
ATOM   592  N  N   . PRO A 1 77  ? -17.990 14.589  -0.470  1.00 95.12  ? 115 PRO A N   1 
ATOM   593  C  CA  . PRO A 1 77  ? -17.241 13.574  -1.223  1.00 87.64  ? 115 PRO A CA  1 
ATOM   594  C  C   . PRO A 1 77  ? -16.795 14.044  -2.597  1.00 90.57  ? 115 PRO A C   1 
ATOM   595  O  O   . PRO A 1 77  ? -17.607 14.185  -3.517  1.00 93.40  ? 115 PRO A O   1 
ATOM   596  C  CB  . PRO A 1 77  ? -18.234 12.406  -1.326  1.00 86.55  ? 115 PRO A CB  1 
ATOM   597  C  CG  . PRO A 1 77  ? -19.578 13.016  -1.088  1.00 92.94  ? 115 PRO A CG  1 
ATOM   598  C  CD  . PRO A 1 77  ? -19.346 14.135  -0.123  1.00 91.18  ? 115 PRO A CD  1 
ATOM   599  N  N   . GLU A 1 78  ? -15.494 14.298  -2.736  1.00 94.84  ? 116 GLU A N   1 
ATOM   600  C  CA  . GLU A 1 78  ? -14.877 14.618  -4.012  1.00 90.80  ? 116 GLU A CA  1 
ATOM   601  C  C   . GLU A 1 78  ? -14.002 13.456  -4.452  1.00 85.74  ? 116 GLU A C   1 
ATOM   602  O  O   . GLU A 1 78  ? -13.125 13.029  -3.688  1.00 84.60  ? 116 GLU A O   1 
ATOM   603  C  CB  . GLU A 1 78  ? -14.039 15.897  -3.909  1.00 91.01  ? 116 GLU A CB  1 
ATOM   604  N  N   . PRO A 1 79  ? -14.206 12.921  -5.654  1.00 81.76  ? 117 PRO A N   1 
ATOM   605  C  CA  . PRO A 1 79  ? -13.467 11.719  -6.062  1.00 83.50  ? 117 PRO A CA  1 
ATOM   606  C  C   . PRO A 1 79  ? -11.970 11.977  -6.146  1.00 79.50  ? 117 PRO A C   1 
ATOM   607  O  O   . PRO A 1 79  ? -11.525 13.062  -6.522  1.00 83.76  ? 117 PRO A O   1 
ATOM   608  C  CB  . PRO A 1 79  ? -14.059 11.389  -7.438  1.00 87.33  ? 117 PRO A CB  1 
ATOM   609  C  CG  . PRO A 1 79  ? -15.382 12.091  -7.467  1.00 85.28  ? 117 PRO A CG  1 
ATOM   610  C  CD  . PRO A 1 79  ? -15.186 13.339  -6.668  1.00 82.71  ? 117 PRO A CD  1 
ATOM   611  N  N   . GLN A 1 80  ? -11.193 10.958  -5.787  1.00 74.58  ? 118 GLN A N   1 
ATOM   612  C  CA  . GLN A 1 80  ? -9.738  11.014  -5.840  1.00 70.94  ? 118 GLN A CA  1 
ATOM   613  C  C   . GLN A 1 80  ? -9.235  10.088  -6.935  1.00 68.74  ? 118 GLN A C   1 
ATOM   614  O  O   . GLN A 1 80  ? -9.601  8.908   -6.977  1.00 64.77  ? 118 GLN A O   1 
ATOM   615  C  CB  . GLN A 1 80  ? -9.119  10.628  -4.494  1.00 70.78  ? 118 GLN A CB  1 
ATOM   616  N  N   . ALA A 1 81  ? -8.397  10.627  -7.815  1.00 64.56  ? 119 ALA A N   1 
ATOM   617  C  CA  . ALA A 1 81  ? -7.822  9.843   -8.890  1.00 56.15  ? 119 ALA A CA  1 
ATOM   618  C  C   . ALA A 1 81  ? -6.751  8.897   -8.347  1.00 53.04  ? 119 ALA A C   1 
ATOM   619  O  O   . ALA A 1 81  ? -6.171  9.144   -7.286  1.00 49.11  ? 119 ALA A O   1 
ATOM   620  C  CB  . ALA A 1 81  ? -7.227  10.765  -9.951  1.00 51.96  ? 119 ALA A CB  1 
ATOM   621  N  N   . PRO A 1 82  ? -6.482  7.798   -9.053  1.00 50.03  ? 120 PRO A N   1 
ATOM   622  C  CA  . PRO A 1 82  ? -5.419  6.883   -8.620  1.00 46.73  ? 120 PRO A CA  1 
ATOM   623  C  C   . PRO A 1 82  ? -4.062  7.571   -8.582  1.00 41.94  ? 120 PRO A C   1 
ATOM   624  O  O   . PRO A 1 82  ? -3.817  8.569   -9.259  1.00 38.28  ? 120 PRO A O   1 
ATOM   625  C  CB  . PRO A 1 82  ? -5.444  5.775   -9.681  1.00 45.58  ? 120 PRO A CB  1 
ATOM   626  C  CG  . PRO A 1 82  ? -6.808  5.845   -10.276 1.00 52.05  ? 120 PRO A CG  1 
ATOM   627  C  CD  . PRO A 1 82  ? -7.215  7.284   -10.223 1.00 58.27  ? 120 PRO A CD  1 
ATOM   628  N  N   . SER A 1 83  ? -3.169  7.011   -7.772  1.00 40.88  ? 121 SER A N   1 
ATOM   629  C  CA  . SER A 1 83  ? -1.815  7.532   -7.693  1.00 42.21  ? 121 SER A CA  1 
ATOM   630  C  C   . SER A 1 83  ? -1.025  7.145   -8.940  1.00 36.37  ? 121 SER A C   1 
ATOM   631  O  O   . SER A 1 83  ? -1.478  6.372   -9.788  1.00 34.50  ? 121 SER A O   1 
ATOM   632  C  CB  . SER A 1 83  ? -1.111  7.006   -6.444  1.00 41.38  ? 121 SER A CB  1 
ATOM   633  O  OG  . SER A 1 83  ? -0.738  5.645   -6.602  1.00 36.45  ? 121 SER A OG  1 
ATOM   634  N  N   . CYS A 1 84  ? 0.181   7.699   -9.045  1.00 41.87  ? 122 CYS A N   1 
ATOM   635  C  CA  . CYS A 1 84  ? 1.092   7.285   -10.101 1.00 43.92  ? 122 CYS A CA  1 
ATOM   636  C  C   . CYS A 1 84  ? 1.479   5.821   -9.915  1.00 39.03  ? 122 CYS A C   1 
ATOM   637  O  O   . CYS A 1 84  ? 1.276   5.224   -8.856  1.00 38.52  ? 122 CYS A O   1 
ATOM   638  C  CB  . CYS A 1 84  ? 2.344   8.161   -10.109 1.00 41.10  ? 122 CYS A CB  1 
ATOM   639  S  SG  . CYS A 1 84  ? 2.054   9.879   -10.574 1.00 48.15  ? 122 CYS A SG  1 
ATOM   640  N  N   . VAL A 1 85  ? 2.043   5.247   -10.959 1.00 39.23  ? 123 VAL A N   1 
ATOM   641  C  CA  . VAL A 1 85  ? 2.438   3.844   -10.954 1.00 38.89  ? 123 VAL A CA  1 
ATOM   642  C  C   . VAL A 1 85  ? 3.900   3.734   -10.552 1.00 40.80  ? 123 VAL A C   1 
ATOM   643  O  O   . VAL A 1 85  ? 4.737   4.551   -10.953 1.00 39.14  ? 123 VAL A O   1 
ATOM   644  C  CB  . VAL A 1 85  ? 2.176   3.203   -12.331 1.00 40.70  ? 123 VAL A CB  1 
ATOM   645  C  CG1 . VAL A 1 85  ? 3.078   2.002   -12.554 1.00 47.43  ? 123 VAL A CG1 1 
ATOM   646  C  CG2 . VAL A 1 85  ? 0.715   2.796   -12.448 1.00 43.08  ? 123 VAL A CG2 1 
ATOM   647  N  N   . TYR A 1 86  ? 4.201   2.736   -9.727  1.00 40.36  ? 124 TYR A N   1 
ATOM   648  C  CA  . TYR A 1 86  ? 5.566   2.370   -9.375  1.00 39.71  ? 124 TYR A CA  1 
ATOM   649  C  C   . TYR A 1 86  ? 5.916   1.082   -10.111 1.00 37.68  ? 124 TYR A C   1 
ATOM   650  O  O   . TYR A 1 86  ? 5.181   0.093   -10.023 1.00 38.28  ? 124 TYR A O   1 
ATOM   651  C  CB  . TYR A 1 86  ? 5.711   2.199   -7.862  1.00 40.88  ? 124 TYR A CB  1 
ATOM   652  C  CG  . TYR A 1 86  ? 6.999   1.530   -7.422  1.00 41.09  ? 124 TYR A CG  1 
ATOM   653  C  CD1 . TYR A 1 86  ? 8.180   2.251   -7.315  1.00 44.69  ? 124 TYR A CD1 1 
ATOM   654  C  CD2 . TYR A 1 86  ? 7.025   0.179   -7.101  1.00 39.94  ? 124 TYR A CD2 1 
ATOM   655  C  CE1 . TYR A 1 86  ? 9.354   1.641   -6.910  1.00 45.00  ? 124 TYR A CE1 1 
ATOM   656  C  CE2 . TYR A 1 86  ? 8.194   -0.438  -6.695  1.00 39.43  ? 124 TYR A CE2 1 
ATOM   657  C  CZ  . TYR A 1 86  ? 9.353   0.297   -6.598  1.00 38.80  ? 124 TYR A CZ  1 
ATOM   658  O  OH  . TYR A 1 86  ? 10.516  -0.318  -6.194  1.00 42.68  ? 124 TYR A OH  1 
ATOM   659  N  N   . ILE A 1 87  ? 7.019   1.102   -10.850 1.00 38.93  ? 125 ILE A N   1 
ATOM   660  C  CA  . ILE A 1 87  ? 7.457   -0.054  -11.623 1.00 36.75  ? 125 ILE A CA  1 
ATOM   661  C  C   . ILE A 1 87  ? 8.347   -0.924  -10.748 1.00 36.26  ? 125 ILE A C   1 
ATOM   662  O  O   . ILE A 1 87  ? 9.334   -0.444  -10.177 1.00 38.65  ? 125 ILE A O   1 
ATOM   663  C  CB  . ILE A 1 87  ? 8.202   0.383   -12.894 1.00 38.48  ? 125 ILE A CB  1 
ATOM   664  C  CG1 . ILE A 1 87  ? 7.362   1.383   -13.695 1.00 42.16  ? 125 ILE A CG1 1 
ATOM   665  C  CG2 . ILE A 1 87  ? 8.565   -0.835  -13.743 1.00 32.03  ? 125 ILE A CG2 1 
ATOM   666  C  CD1 . ILE A 1 87  ? 8.063   1.907   -14.927 1.00 39.56  ? 125 ILE A CD1 1 
ATOM   667  N  N   . HIS A 1 88  ? 8.003   -2.203  -10.640 1.00 33.84  ? 126 HIS A N   1 
ATOM   668  C  CA  . HIS A 1 88  ? 8.841   -3.128  -9.894  1.00 34.55  ? 126 HIS A CA  1 
ATOM   669  C  C   . HIS A 1 88  ? 10.212  -3.205  -10.561 1.00 40.01  ? 126 HIS A C   1 
ATOM   670  O  O   . HIS A 1 88  ? 10.290  -3.390  -11.784 1.00 35.59  ? 126 HIS A O   1 
ATOM   671  C  CB  . HIS A 1 88  ? 8.200   -4.512  -9.831  1.00 37.38  ? 126 HIS A CB  1 
ATOM   672  C  CG  . HIS A 1 88  ? 8.886   -5.454  -8.892  1.00 37.57  ? 126 HIS A CG  1 
ATOM   673  N  ND1 . HIS A 1 88  ? 10.103  -6.035  -9.177  1.00 39.17  ? 126 HIS A ND1 1 
ATOM   674  C  CD2 . HIS A 1 88  ? 8.525   -5.916  -7.671  1.00 36.46  ? 126 HIS A CD2 1 
ATOM   675  C  CE1 . HIS A 1 88  ? 10.461  -6.815  -8.174  1.00 37.76  ? 126 HIS A CE1 1 
ATOM   676  N  NE2 . HIS A 1 88  ? 9.523   -6.759  -7.246  1.00 38.11  ? 126 HIS A NE2 1 
ATOM   677  N  N   . PRO A 1 89  ? 11.304  -3.064  -9.807  1.00 40.66  ? 127 PRO A N   1 
ATOM   678  C  CA  . PRO A 1 89  ? 12.625  -2.897  -10.443 1.00 38.43  ? 127 PRO A CA  1 
ATOM   679  C  C   . PRO A 1 89  ? 13.086  -4.090  -11.266 1.00 40.84  ? 127 PRO A C   1 
ATOM   680  O  O   . PRO A 1 89  ? 14.011  -3.939  -12.073 1.00 35.05  ? 127 PRO A O   1 
ATOM   681  C  CB  . PRO A 1 89  ? 13.559  -2.644  -9.250  1.00 43.03  ? 127 PRO A CB  1 
ATOM   682  C  CG  . PRO A 1 89  ? 12.821  -3.175  -8.054  1.00 41.73  ? 127 PRO A CG  1 
ATOM   683  C  CD  . PRO A 1 89  ? 11.370  -2.958  -8.340  1.00 35.89  ? 127 PRO A CD  1 
ATOM   684  N  N   . ASP A 1 90  ? 12.486  -5.266  -11.097 1.00 38.52  ? 128 ASP A N   1 
ATOM   685  C  CA  . ASP A 1 90  ? 12.862  -6.411  -11.915 1.00 39.71  ? 128 ASP A CA  1 
ATOM   686  C  C   . ASP A 1 90  ? 12.191  -6.404  -13.283 1.00 41.59  ? 128 ASP A C   1 
ATOM   687  O  O   . ASP A 1 90  ? 12.483  -7.285  -14.098 1.00 38.64  ? 128 ASP A O   1 
ATOM   688  C  CB  . ASP A 1 90  ? 12.527  -7.716  -11.186 1.00 38.53  ? 128 ASP A CB  1 
ATOM   689  C  CG  . ASP A 1 90  ? 13.290  -7.870  -9.885  1.00 46.81  ? 128 ASP A CG  1 
ATOM   690  O  OD1 . ASP A 1 90  ? 14.143  -7.006  -9.587  1.00 46.22  ? 128 ASP A OD1 1 
ATOM   691  O  OD2 . ASP A 1 90  ? 13.035  -8.855  -9.161  1.00 40.59  ? 128 ASP A OD2 1 
ATOM   692  N  N   . SER A 1 91  ? 11.312  -5.436  -13.556 1.00 38.01  ? 129 SER A N   1 
ATOM   693  C  CA  . SER A 1 91  ? 10.576  -5.385  -14.811 1.00 36.48  ? 129 SER A CA  1 
ATOM   694  C  C   . SER A 1 91  ? 11.484  -4.898  -15.940 1.00 38.59  ? 129 SER A C   1 
ATOM   695  O  O   . SER A 1 91  ? 12.302  -3.998  -15.735 1.00 36.72  ? 129 SER A O   1 
ATOM   696  C  CB  . SER A 1 91  ? 9.368   -4.456  -14.690 1.00 37.47  ? 129 SER A CB  1 
ATOM   697  O  OG  . SER A 1 91  ? 8.493   -4.878  -13.652 1.00 36.43  ? 129 SER A OG  1 
ATOM   698  N  N   . PRO A 1 92  ? 11.370  -5.483  -17.141 1.00 39.78  ? 130 PRO A N   1 
ATOM   699  C  CA  . PRO A 1 92  ? 10.528  -6.650  -17.420 1.00 39.87  ? 130 PRO A CA  1 
ATOM   700  C  C   . PRO A 1 92  ? 11.285  -7.946  -17.151 1.00 40.73  ? 130 PRO A C   1 
ATOM   701  O  O   . PRO A 1 92  ? 12.513  -7.920  -17.106 1.00 45.21  ? 130 PRO A O   1 
ATOM   702  C  CB  . PRO A 1 92  ? 10.212  -6.496  -18.905 1.00 40.68  ? 130 PRO A CB  1 
ATOM   703  C  CG  . PRO A 1 92  ? 11.443  -5.857  -19.456 1.00 39.76  ? 130 PRO A CG  1 
ATOM   704  C  CD  . PRO A 1 92  ? 11.967  -4.937  -18.373 1.00 45.09  ? 130 PRO A CD  1 
ATOM   705  N  N   . ASN A 1 93  ? 10.576  -9.059  -16.980 1.00 38.45  ? 131 ASN A N   1 
ATOM   706  C  CA  . ASN A 1 93  ? 11.239  -10.321 -16.685 1.00 36.52  ? 131 ASN A CA  1 
ATOM   707  C  C   . ASN A 1 93  ? 10.298  -11.467 -17.013 1.00 37.62  ? 131 ASN A C   1 
ATOM   708  O  O   . ASN A 1 93  ? 9.091   -11.276 -17.182 1.00 36.67  ? 131 ASN A O   1 
ATOM   709  C  CB  . ASN A 1 93  ? 11.688  -10.386 -15.222 1.00 40.47  ? 131 ASN A CB  1 
ATOM   710  C  CG  . ASN A 1 93  ? 13.069  -10.987 -15.065 1.00 41.67  ? 131 ASN A CG  1 
ATOM   711  O  OD1 . ASN A 1 93  ? 13.338  -12.090 -15.543 1.00 41.41  ? 131 ASN A OD1 1 
ATOM   712  N  ND2 . ASN A 1 93  ? 13.959  -10.257 -14.405 1.00 43.70  ? 131 ASN A ND2 1 
ATOM   713  N  N   . PHE A 1 94  ? 10.872  -12.664 -17.103 1.00 40.07  ? 132 PHE A N   1 
ATOM   714  C  CA  . PHE A 1 94  ? 10.104  -13.846 -17.461 1.00 39.72  ? 132 PHE A CA  1 
ATOM   715  C  C   . PHE A 1 94  ? 9.084   -14.180 -16.379 1.00 37.30  ? 132 PHE A C   1 
ATOM   716  O  O   . PHE A 1 94  ? 9.267   -13.861 -15.203 1.00 37.40  ? 132 PHE A O   1 
ATOM   717  C  CB  . PHE A 1 94  ? 11.026  -15.047 -17.671 1.00 40.80  ? 132 PHE A CB  1 
ATOM   718  C  CG  . PHE A 1 94  ? 11.994  -14.883 -18.807 1.00 36.20  ? 132 PHE A CG  1 
ATOM   719  C  CD1 . PHE A 1 94  ? 11.555  -14.921 -20.120 1.00 39.57  ? 132 PHE A CD1 1 
ATOM   720  C  CD2 . PHE A 1 94  ? 13.345  -14.705 -18.561 1.00 43.64  ? 132 PHE A CD2 1 
ATOM   721  C  CE1 . PHE A 1 94  ? 12.448  -14.777 -21.173 1.00 46.54  ? 132 PHE A CE1 1 
ATOM   722  C  CE2 . PHE A 1 94  ? 14.243  -14.561 -19.605 1.00 44.09  ? 132 PHE A CE2 1 
ATOM   723  C  CZ  . PHE A 1 94  ? 13.792  -14.597 -20.913 1.00 44.38  ? 132 PHE A CZ  1 
ATOM   724  N  N   . GLY A 1 95  ? 8.003   -14.845 -16.793 1.00 35.08  ? 133 GLY A N   1 
ATOM   725  C  CA  . GLY A 1 95  ? 7.026   -15.320 -15.832 1.00 40.54  ? 133 GLY A CA  1 
ATOM   726  C  C   . GLY A 1 95  ? 7.620   -16.276 -14.818 1.00 43.42  ? 133 GLY A C   1 
ATOM   727  O  O   . GLY A 1 95  ? 7.146   -16.355 -13.682 1.00 42.76  ? 133 GLY A O   1 
ATOM   728  N  N   . ALA A 1 96  ? 8.666   -17.008 -15.208 1.00 40.37  ? 134 ALA A N   1 
ATOM   729  C  CA  . ALA A 1 96  ? 9.350   -17.882 -14.264 1.00 39.02  ? 134 ALA A CA  1 
ATOM   730  C  C   . ALA A 1 96  ? 10.005  -17.088 -13.141 1.00 37.59  ? 134 ALA A C   1 
ATOM   731  O  O   . ALA A 1 96  ? 10.082  -17.565 -12.003 1.00 41.55  ? 134 ALA A O   1 
ATOM   732  C  CB  . ALA A 1 96  ? 10.389  -18.728 -14.998 1.00 37.12  ? 134 ALA A CB  1 
ATOM   733  N  N   . HIS A 1 97  ? 10.483  -15.879 -13.442 1.00 37.89  ? 135 HIS A N   1 
ATOM   734  C  CA  . HIS A 1 97  ? 11.088  -15.038 -12.414 1.00 37.74  ? 135 HIS A CA  1 
ATOM   735  C  C   . HIS A 1 97  ? 10.055  -14.596 -11.387 1.00 39.82  ? 135 HIS A C   1 
ATOM   736  O  O   . HIS A 1 97  ? 10.332  -14.591 -10.183 1.00 41.07  ? 135 HIS A O   1 
ATOM   737  C  CB  . HIS A 1 97  ? 11.753  -13.828 -13.070 1.00 42.79  ? 135 HIS A CB  1 
ATOM   738  C  CG  . HIS A 1 97  ? 12.313  -12.836 -12.099 1.00 40.30  ? 135 HIS A CG  1 
ATOM   739  N  ND1 . HIS A 1 97  ? 13.599  -12.918 -11.610 1.00 46.44  ? 135 HIS A ND1 1 
ATOM   740  C  CD2 . HIS A 1 97  ? 11.765  -11.735 -11.533 1.00 38.67  ? 135 HIS A CD2 1 
ATOM   741  C  CE1 . HIS A 1 97  ? 13.817  -11.913 -10.782 1.00 48.53  ? 135 HIS A CE1 1 
ATOM   742  N  NE2 . HIS A 1 97  ? 12.721  -11.180 -10.718 1.00 47.41  ? 135 HIS A NE2 1 
ATOM   743  N  N   . TRP A 1 98  ? 8.858   -14.228 -11.843 1.00 40.51  ? 136 TRP A N   1 
ATOM   744  C  CA  . TRP A 1 98  ? 7.833   -13.726 -10.937 1.00 40.87  ? 136 TRP A CA  1 
ATOM   745  C  C   . TRP A 1 98  ? 7.195   -14.833 -10.108 1.00 39.67  ? 136 TRP A C   1 
ATOM   746  O  O   . TRP A 1 98  ? 6.670   -14.553 -9.027  1.00 42.83  ? 136 TRP A O   1 
ATOM   747  C  CB  . TRP A 1 98  ? 6.757   -12.984 -11.730 1.00 38.82  ? 136 TRP A CB  1 
ATOM   748  C  CG  . TRP A 1 98  ? 7.279   -11.842 -12.559 1.00 38.88  ? 136 TRP A CG  1 
ATOM   749  C  CD1 . TRP A 1 98  ? 7.342   -11.776 -13.923 1.00 40.64  ? 136 TRP A CD1 1 
ATOM   750  C  CD2 . TRP A 1 98  ? 7.815   -10.604 -12.074 1.00 34.94  ? 136 TRP A CD2 1 
ATOM   751  N  NE1 . TRP A 1 98  ? 7.880   -10.574 -14.316 1.00 37.15  ? 136 TRP A NE1 1 
ATOM   752  C  CE2 . TRP A 1 98  ? 8.178   -9.835  -13.201 1.00 35.47  ? 136 TRP A CE2 1 
ATOM   753  C  CE3 . TRP A 1 98  ? 8.022   -10.071 -10.797 1.00 36.03  ? 136 TRP A CE3 1 
ATOM   754  C  CZ2 . TRP A 1 98  ? 8.736   -8.564  -13.088 1.00 34.19  ? 136 TRP A CZ2 1 
ATOM   755  C  CZ3 . TRP A 1 98  ? 8.575   -8.809  -10.687 1.00 37.63  ? 136 TRP A CZ3 1 
ATOM   756  C  CH2 . TRP A 1 98  ? 8.926   -8.069  -11.826 1.00 34.84  ? 136 TRP A CH2 1 
ATOM   757  N  N   . MET A 1 99  ? 7.238   -16.079 -10.578 1.00 40.62  ? 137 MET A N   1 
ATOM   758  C  CA  . MET A 1 99  ? 6.552   -17.176 -9.908  1.00 42.71  ? 137 MET A CA  1 
ATOM   759  C  C   . MET A 1 99  ? 7.458   -18.013 -9.016  1.00 47.49  ? 137 MET A C   1 
ATOM   760  O  O   . MET A 1 99  ? 6.954   -18.889 -8.305  1.00 43.95  ? 137 MET A O   1 
ATOM   761  C  CB  . MET A 1 99  ? 5.883   -18.093 -10.942 1.00 41.91  ? 137 MET A CB  1 
ATOM   762  C  CG  . MET A 1 99  ? 4.724   -17.459 -11.686 1.00 40.11  ? 137 MET A CG  1 
ATOM   763  S  SD  . MET A 1 99  ? 3.843   -18.645 -12.719 1.00 47.95  ? 137 MET A SD  1 
ATOM   764  C  CE  . MET A 1 99  ? 5.058   -18.961 -13.999 1.00 43.81  ? 137 MET A CE  1 
ATOM   765  N  N   . LYS A 1 100 ? 8.770   -17.773 -9.029  1.00 45.04  ? 138 LYS A N   1 
ATOM   766  C  CA  . LYS A 1 100 ? 9.680   -18.587 -8.234  1.00 50.40  ? 138 LYS A CA  1 
ATOM   767  C  C   . LYS A 1 100 ? 9.731   -18.162 -6.774  1.00 53.16  ? 138 LYS A C   1 
ATOM   768  O  O   . LYS A 1 100 ? 10.120  -18.967 -5.922  1.00 51.70  ? 138 LYS A O   1 
ATOM   769  C  CB  . LYS A 1 100 ? 11.090  -18.536 -8.825  1.00 49.69  ? 138 LYS A CB  1 
ATOM   770  C  CG  . LYS A 1 100 ? 11.886  -17.306 -8.418  1.00 52.01  ? 138 LYS A CG  1 
ATOM   771  C  CD  . LYS A 1 100 ? 13.264  -17.301 -9.052  1.00 58.63  ? 138 LYS A CD  1 
ATOM   772  C  CE  . LYS A 1 100 ? 14.188  -16.310 -8.360  1.00 62.92  ? 138 LYS A CE  1 
ATOM   773  N  NZ  . LYS A 1 100 ? 13.630  -14.929 -8.349  1.00 59.37  ? 138 LYS A NZ  1 
ATOM   774  N  N   . ALA A 1 101 ? 9.348   -16.927 -6.467  1.00 49.28  ? 139 ALA A N   1 
ATOM   775  C  CA  . ALA A 1 101 ? 9.460   -16.386 -5.121  1.00 47.96  ? 139 ALA A CA  1 
ATOM   776  C  C   . ALA A 1 101 ? 8.420   -15.285 -4.964  1.00 50.58  ? 139 ALA A C   1 
ATOM   777  O  O   . ALA A 1 101 ? 7.893   -14.783 -5.964  1.00 48.18  ? 139 ALA A O   1 
ATOM   778  C  CB  . ALA A 1 101 ? 10.875  -15.842 -4.857  1.00 46.80  ? 139 ALA A CB  1 
ATOM   779  N  N   . PRO A 1 102 ? 8.090   -14.905 -3.731  1.00 48.54  ? 140 PRO A N   1 
ATOM   780  C  CA  . PRO A 1 102 ? 7.154   -13.790 -3.537  1.00 45.02  ? 140 PRO A CA  1 
ATOM   781  C  C   . PRO A 1 102 ? 7.669   -12.512 -4.183  1.00 42.51  ? 140 PRO A C   1 
ATOM   782  O  O   . PRO A 1 102 ? 8.842   -12.154 -4.048  1.00 43.70  ? 140 PRO A O   1 
ATOM   783  C  CB  . PRO A 1 102 ? 7.070   -13.661 -2.012  1.00 48.86  ? 140 PRO A CB  1 
ATOM   784  C  CG  . PRO A 1 102 ? 7.397   -15.019 -1.508  1.00 53.18  ? 140 PRO A CG  1 
ATOM   785  C  CD  . PRO A 1 102 ? 8.418   -15.574 -2.459  1.00 44.41  ? 140 PRO A CD  1 
ATOM   786  N  N   . VAL A 1 103 ? 6.780   -11.829 -4.897  1.00 38.31  ? 141 VAL A N   1 
ATOM   787  C  CA  . VAL A 1 103 ? 7.100   -10.545 -5.511  1.00 36.29  ? 141 VAL A CA  1 
ATOM   788  C  C   . VAL A 1 103 ? 6.927   -9.456  -4.461  1.00 40.13  ? 141 VAL A C   1 
ATOM   789  O  O   . VAL A 1 103 ? 5.832   -9.267  -3.923  1.00 41.30  ? 141 VAL A O   1 
ATOM   790  C  CB  . VAL A 1 103 ? 6.212   -10.282 -6.735  1.00 36.98  ? 141 VAL A CB  1 
ATOM   791  C  CG1 . VAL A 1 103 ? 6.606   -8.976  -7.405  1.00 38.46  ? 141 VAL A CG1 1 
ATOM   792  C  CG2 . VAL A 1 103 ? 6.299   -11.444 -7.712  1.00 39.90  ? 141 VAL A CG2 1 
ATOM   793  N  N   . SER A 1 104 ? 8.006   -8.735  -4.170  1.00 41.96  ? 142 SER A N   1 
ATOM   794  C  CA  . SER A 1 104 ? 8.033   -7.757  -3.093  1.00 41.45  ? 142 SER A CA  1 
ATOM   795  C  C   . SER A 1 104 ? 8.101   -6.344  -3.650  1.00 36.94  ? 142 SER A C   1 
ATOM   796  O  O   . SER A 1 104 ? 8.876   -6.063  -4.569  1.00 38.40  ? 142 SER A O   1 
ATOM   797  C  CB  . SER A 1 104 ? 9.226   -7.998  -2.165  1.00 42.92  ? 142 SER A CB  1 
ATOM   798  O  OG  . SER A 1 104 ? 9.377   -6.929  -1.244  1.00 45.13  ? 142 SER A OG  1 
ATOM   799  N  N   . PHE A 1 105 ? 7.289   -5.457  -3.083  1.00 38.10  ? 143 PHE A N   1 
ATOM   800  C  CA  . PHE A 1 105 ? 7.323   -4.029  -3.376  1.00 37.62  ? 143 PHE A CA  1 
ATOM   801  C  C   . PHE A 1 105 ? 7.865   -3.249  -2.183  1.00 39.46  ? 143 PHE A C   1 
ATOM   802  O  O   . PHE A 1 105 ? 7.373   -2.173  -1.845  1.00 41.70  ? 143 PHE A O   1 
ATOM   803  C  CB  . PHE A 1 105 ? 5.938   -3.523  -3.769  1.00 36.98  ? 143 PHE A CB  1 
ATOM   804  C  CG  . PHE A 1 105 ? 5.428   -4.099  -5.058  1.00 38.85  ? 143 PHE A CG  1 
ATOM   805  C  CD1 . PHE A 1 105 ? 5.573   -3.403  -6.247  1.00 38.89  ? 143 PHE A CD1 1 
ATOM   806  C  CD2 . PHE A 1 105 ? 4.815   -5.341  -5.085  1.00 40.80  ? 143 PHE A CD2 1 
ATOM   807  C  CE1 . PHE A 1 105 ? 5.111   -3.932  -7.437  1.00 39.99  ? 143 PHE A CE1 1 
ATOM   808  C  CE2 . PHE A 1 105 ? 4.353   -5.877  -6.275  1.00 36.40  ? 143 PHE A CE2 1 
ATOM   809  C  CZ  . PHE A 1 105 ? 4.499   -5.168  -7.450  1.00 37.15  ? 143 PHE A CZ  1 
ATOM   810  N  N   . SER A 1 106 ? 8.900   -3.793  -1.539  1.00 36.78  ? 144 SER A N   1 
ATOM   811  C  CA  . SER A 1 106 ? 9.367   -3.263  -0.263  1.00 45.24  ? 144 SER A CA  1 
ATOM   812  C  C   . SER A 1 106 ? 10.026  -1.897  -0.388  1.00 39.48  ? 144 SER A C   1 
ATOM   813  O  O   . SER A 1 106 ? 10.169  -1.202  0.623   1.00 42.18  ? 144 SER A O   1 
ATOM   814  C  CB  . SER A 1 106 ? 10.351  -4.244  0.377   1.00 45.97  ? 144 SER A CB  1 
ATOM   815  O  OG  . SER A 1 106 ? 11.521  -4.365  -0.412  1.00 44.75  ? 144 SER A OG  1 
ATOM   816  N  N   . LYS A 1 107 ? 10.430  -1.493  -1.588  1.00 35.85  ? 145 LYS A N   1 
ATOM   817  C  CA  . LYS A 1 107 ? 11.198  -0.268  -1.765  1.00 38.48  ? 145 LYS A CA  1 
ATOM   818  C  C   . LYS A 1 107 ? 10.343  0.938   -2.133  1.00 40.88  ? 145 LYS A C   1 
ATOM   819  O  O   . LYS A 1 107 ? 10.875  2.050   -2.218  1.00 39.38  ? 145 LYS A O   1 
ATOM   820  C  CB  . LYS A 1 107 ? 12.280  -0.483  -2.826  1.00 39.40  ? 145 LYS A CB  1 
ATOM   821  C  CG  . LYS A 1 107 ? 13.265  -1.587  -2.470  1.00 37.91  ? 145 LYS A CG  1 
ATOM   822  C  CD  . LYS A 1 107 ? 14.273  -1.820  -3.581  1.00 48.55  ? 145 LYS A CD  1 
ATOM   823  C  CE  . LYS A 1 107 ? 15.116  -0.581  -3.827  1.00 57.05  ? 145 LYS A CE  1 
ATOM   824  N  NZ  . LYS A 1 107 ? 16.185  -0.833  -4.828  1.00 58.38  ? 145 LYS A NZ  1 
ATOM   825  N  N   . VAL A 1 108 ? 9.039   0.756   -2.350  1.00 34.13  ? 146 VAL A N   1 
ATOM   826  C  CA  . VAL A 1 108 ? 8.184   1.887   -2.687  1.00 38.65  ? 146 VAL A CA  1 
ATOM   827  C  C   . VAL A 1 108 ? 8.094   2.832   -1.494  1.00 40.49  ? 146 VAL A C   1 
ATOM   828  O  O   . VAL A 1 108 ? 8.048   2.401   -0.332  1.00 39.32  ? 146 VAL A O   1 
ATOM   829  C  CB  . VAL A 1 108 ? 6.794   1.404   -3.139  1.00 39.46  ? 146 VAL A CB  1 
ATOM   830  C  CG1 . VAL A 1 108 ? 6.021   0.779   -1.983  1.00 34.49  ? 146 VAL A CG1 1 
ATOM   831  C  CG2 . VAL A 1 108 ? 6.006   2.549   -3.765  1.00 44.13  ? 146 VAL A CG2 1 
ATOM   832  N  N   . LYS A 1 109 ? 8.093   4.132   -1.776  1.00 40.07  ? 147 LYS A N   1 
ATOM   833  C  CA  . LYS A 1 109 ? 8.063   5.160   -0.744  1.00 42.68  ? 147 LYS A CA  1 
ATOM   834  C  C   . LYS A 1 109 ? 6.873   6.079   -0.979  1.00 41.66  ? 147 LYS A C   1 
ATOM   835  O  O   . LYS A 1 109 ? 6.720   6.640   -2.068  1.00 45.44  ? 147 LYS A O   1 
ATOM   836  C  CB  . LYS A 1 109 ? 9.371   5.959   -0.727  1.00 41.81  ? 147 LYS A CB  1 
ATOM   837  C  CG  . LYS A 1 109 ? 10.591  5.114   -0.373  1.00 42.30  ? 147 LYS A CG  1 
ATOM   838  C  CD  . LYS A 1 109 ? 11.887  5.900   -0.484  1.00 54.31  ? 147 LYS A CD  1 
ATOM   839  C  CE  . LYS A 1 109 ? 12.015  6.940   0.619   1.00 56.53  ? 147 LYS A CE  1 
ATOM   840  N  NZ  . LYS A 1 109 ? 13.346  7.613   0.581   1.00 63.31  ? 147 LYS A NZ  1 
ATOM   841  N  N   . LEU A 1 110 ? 6.034   6.224   0.042   1.00 39.62  ? 148 LEU A N   1 
ATOM   842  C  CA  . LEU A 1 110 ? 4.844   7.057   -0.048  1.00 38.25  ? 148 LEU A CA  1 
ATOM   843  C  C   . LEU A 1 110 ? 5.176   8.467   0.416   1.00 40.57  ? 148 LEU A C   1 
ATOM   844  O  O   . LEU A 1 110 ? 5.758   8.654   1.489   1.00 40.42  ? 148 LEU A O   1 
ATOM   845  C  CB  . LEU A 1 110 ? 3.709   6.476   0.795   1.00 38.73  ? 148 LEU A CB  1 
ATOM   846  C  CG  . LEU A 1 110 ? 3.396   4.998   0.556   1.00 45.12  ? 148 LEU A CG  1 
ATOM   847  C  CD1 . LEU A 1 110 ? 2.210   4.562   1.402   1.00 37.30  ? 148 LEU A CD1 1 
ATOM   848  C  CD2 . LEU A 1 110 ? 3.140   4.732   -0.921  1.00 46.37  ? 148 LEU A CD2 1 
ATOM   849  N  N   . THR A 1 111 ? 4.800   9.451   -0.393  1.00 42.24  ? 149 THR A N   1 
ATOM   850  C  CA  . THR A 1 111 ? 5.073   10.847  -0.098  1.00 44.30  ? 149 THR A CA  1 
ATOM   851  C  C   . THR A 1 111 ? 3.796   11.663  -0.234  1.00 42.71  ? 149 THR A C   1 
ATOM   852  O  O   . THR A 1 111 ? 2.777   11.194  -0.746  1.00 41.17  ? 149 THR A O   1 
ATOM   853  C  CB  . THR A 1 111 ? 6.149   11.419  -1.027  1.00 51.55  ? 149 THR A CB  1 
ATOM   854  O  OG1 . THR A 1 111 ? 6.586   12.686  -0.520  1.00 52.58  ? 149 THR A OG1 1 
ATOM   855  C  CG2 . THR A 1 111 ? 5.582   11.612  -2.421  1.00 48.04  ? 149 THR A CG2 1 
ATOM   856  N  N   . ASN A 1 112 ? 3.871   12.910  0.228   1.00 46.48  ? 150 ASN A N   1 
ATOM   857  C  CA  . ASN A 1 112 ? 2.824   13.898  0.004   1.00 48.15  ? 150 ASN A CA  1 
ATOM   858  C  C   . ASN A 1 112 ? 3.358   15.093  -0.781  1.00 54.27  ? 150 ASN A C   1 
ATOM   859  O  O   . ASN A 1 112 ? 2.878   16.215  -0.621  1.00 56.49  ? 150 ASN A O   1 
ATOM   860  C  CB  . ASN A 1 112 ? 2.208   14.353  1.328   1.00 51.24  ? 150 ASN A CB  1 
ATOM   861  C  CG  . ASN A 1 112 ? 3.219   15.004  2.254   1.00 50.26  ? 150 ASN A CG  1 
ATOM   862  O  OD1 . ASN A 1 112 ? 4.426   14.918  2.038   1.00 47.37  ? 150 ASN A OD1 1 
ATOM   863  N  ND2 . ASN A 1 112 ? 2.725   15.648  3.306   1.00 58.30  ? 150 ASN A ND2 1 
ATOM   864  N  N   . LYS A 1 113 ? 4.353   14.864  -1.636  1.00 54.35  ? 151 LYS A N   1 
ATOM   865  C  CA  . LYS A 1 113 ? 5.004   15.957  -2.349  1.00 65.29  ? 151 LYS A CA  1 
ATOM   866  C  C   . LYS A 1 113 ? 5.449   15.548  -3.747  1.00 71.96  ? 151 LYS A C   1 
ATOM   867  O  O   . LYS A 1 113 ? 4.803   15.903  -4.738  1.00 80.79  ? 151 LYS A O   1 
ATOM   868  C  CB  . LYS A 1 113 ? 6.204   16.468  -1.551  1.00 67.32  ? 151 LYS A CB  1 
ATOM   869  N  N   . LEU A 1 114 ? 6.549   14.804  -3.842  1.00 76.49  ? 152 LEU A N   1 
ATOM   870  C  CA  . LEU A 1 114 ? 7.215   14.533  -5.111  1.00 85.44  ? 152 LEU A CA  1 
ATOM   871  C  C   . LEU A 1 114 ? 6.992   13.087  -5.528  1.00 88.53  ? 152 LEU A C   1 
ATOM   872  O  O   . LEU A 1 114 ? 7.360   12.163  -4.797  1.00 93.41  ? 152 LEU A O   1 
ATOM   873  C  CB  . LEU A 1 114 ? 8.715   14.816  -5.008  1.00 82.91  ? 152 LEU A CB  1 
ATOM   874  C  CG  . LEU A 1 114 ? 9.229   15.626  -3.814  1.00 81.13  ? 152 LEU A CG  1 
ATOM   875  C  CD1 . LEU A 1 114 ? 10.743  15.446  -3.691  1.00 79.10  ? 152 LEU A CD1 1 
ATOM   876  C  CD2 . LEU A 1 114 ? 8.854   17.105  -3.930  1.00 78.28  ? 152 LEU A CD2 1 
ATOM   877  N  N   . ASN A 1 115 ? 6.438   12.894  -6.725  1.00 91.85  ? 153 ASN A N   1 
ATOM   878  C  CA  . ASN A 1 115 ? 6.021   11.578  -7.190  1.00 86.33  ? 153 ASN A CA  1 
ATOM   879  C  C   . ASN A 1 115 ? 7.001   10.956  -8.181  1.00 87.23  ? 153 ASN A C   1 
ATOM   880  O  O   . ASN A 1 115 ? 6.623   10.041  -8.920  1.00 84.58  ? 153 ASN A O   1 
ATOM   881  C  CB  . ASN A 1 115 ? 4.632   11.667  -7.820  1.00 75.12  ? 153 ASN A CB  1 
ATOM   882  C  CG  . ASN A 1 115 ? 3.839   10.383  -7.671  1.00 81.99  ? 153 ASN A CG  1 
ATOM   883  O  OD1 . ASN A 1 115 ? 2.636   10.414  -7.416  1.00 81.46  ? 153 ASN A OD1 1 
ATOM   884  N  ND2 . ASN A 1 115 ? 4.507   9.246   -7.829  1.00 77.88  ? 153 ASN A ND2 1 
ATOM   885  N  N   . GLY A 1 116 ? 8.249   11.420  -8.208  1.00 90.13  ? 154 GLY A N   1 
ATOM   886  C  CA  . GLY A 1 116 ? 9.200   10.917  -9.185  1.00 82.96  ? 154 GLY A CA  1 
ATOM   887  C  C   . GLY A 1 116 ? 9.869   9.627   -8.734  1.00 87.11  ? 154 GLY A C   1 
ATOM   888  O  O   . GLY A 1 116 ? 10.313  9.493   -7.594  1.00 84.41  ? 154 GLY A O   1 
ATOM   889  N  N   . GLY A 1 117 ? 9.940   8.671   -9.657  1.00 87.54  ? 155 GLY A N   1 
ATOM   890  C  CA  . GLY A 1 117 ? 10.675  7.444   -9.391  1.00 88.42  ? 155 GLY A CA  1 
ATOM   891  C  C   . GLY A 1 117 ? 9.931   6.543   -8.427  1.00 99.65  ? 155 GLY A C   1 
ATOM   892  O  O   . GLY A 1 117 ? 8.724   6.309   -8.558  1.00 87.35  ? 155 GLY A O   1 
ATOM   893  N  N   . GLY A 1 118 ? 10.661  6.023   -7.439  1.00 93.01  ? 156 GLY A N   1 
ATOM   894  C  CA  . GLY A 1 118 ? 10.082  5.153   -6.437  1.00 77.40  ? 156 GLY A CA  1 
ATOM   895  C  C   . GLY A 1 118 ? 9.182   5.838   -5.433  1.00 71.16  ? 156 GLY A C   1 
ATOM   896  O  O   . GLY A 1 118 ? 8.703   5.178   -4.506  1.00 60.03  ? 156 GLY A O   1 
ATOM   897  N  N   . GLN A 1 119 ? 8.939   7.135   -5.591  1.00 79.86  ? 157 GLN A N   1 
ATOM   898  C  CA  . GLN A 1 119 ? 8.095   7.900   -4.685  1.00 66.85  ? 157 GLN A CA  1 
ATOM   899  C  C   . GLN A 1 119 ? 6.690   8.013   -5.263  1.00 71.06  ? 157 GLN A C   1 
ATOM   900  O  O   . GLN A 1 119 ? 6.519   8.401   -6.423  1.00 76.58  ? 157 GLN A O   1 
ATOM   901  C  CB  . GLN A 1 119 ? 8.679   9.292   -4.444  1.00 73.56  ? 157 GLN A CB  1 
ATOM   902  C  CG  . GLN A 1 119 ? 10.104  9.290   -3.916  1.00 71.90  ? 157 GLN A CG  1 
ATOM   903  C  CD  . GLN A 1 119 ? 10.654  10.689  -3.728  1.00 78.24  ? 157 GLN A CD  1 
ATOM   904  O  OE1 . GLN A 1 119 ? 10.451  11.568  -4.566  1.00 81.76  ? 157 GLN A OE1 1 
ATOM   905  N  NE2 . GLN A 1 119 ? 11.353  10.906  -2.619  1.00 65.32  ? 157 GLN A NE2 1 
ATOM   906  N  N   . ILE A 1 120 ? 5.692   7.674   -4.453  1.00 56.91  ? 158 ILE A N   1 
ATOM   907  C  CA  . ILE A 1 120 ? 4.288   7.782   -4.826  1.00 50.89  ? 158 ILE A CA  1 
ATOM   908  C  C   . ILE A 1 120 ? 3.661   8.873   -3.971  1.00 51.99  ? 158 ILE A C   1 
ATOM   909  O  O   . ILE A 1 120 ? 3.885   8.917   -2.755  1.00 49.24  ? 158 ILE A O   1 
ATOM   910  C  CB  . ILE A 1 120 ? 3.553   6.442   -4.646  1.00 52.39  ? 158 ILE A CB  1 
ATOM   911  C  CG1 . ILE A 1 120 ? 4.200   5.353   -5.508  1.00 47.37  ? 158 ILE A CG1 1 
ATOM   912  C  CG2 . ILE A 1 120 ? 2.080   6.591   -4.979  1.00 52.56  ? 158 ILE A CG2 1 
ATOM   913  C  CD1 . ILE A 1 120 ? 4.246   5.685   -6.985  1.00 52.98  ? 158 ILE A CD1 1 
ATOM   914  N  N   . MET A 1 121 ? 2.892   9.759   -4.601  1.00 49.65  ? 159 MET A N   1 
ATOM   915  C  CA  . MET A 1 121 ? 2.242   10.861  -3.902  1.00 55.84  ? 159 MET A CA  1 
ATOM   916  C  C   . MET A 1 121 ? 0.813   10.474  -3.550  1.00 48.57  ? 159 MET A C   1 
ATOM   917  O  O   . MET A 1 121 ? 0.049   10.041  -4.420  1.00 48.48  ? 159 MET A O   1 
ATOM   918  C  CB  . MET A 1 121 ? 2.245   12.136  -4.748  1.00 60.15  ? 159 MET A CB  1 
ATOM   919  C  CG  . MET A 1 121 ? 2.269   13.416  -3.917  1.00 58.93  ? 159 MET A CG  1 
ATOM   920  S  SD  . MET A 1 121 ? 0.973   14.601  -4.328  1.00 79.71  ? 159 MET A SD  1 
ATOM   921  C  CE  . MET A 1 121 ? -0.494  13.663  -3.909  1.00 57.48  ? 159 MET A CE  1 
ATOM   922  N  N   . LEU A 1 122 ? 0.459   10.632  -2.275  1.00 48.18  ? 160 LEU A N   1 
ATOM   923  C  CA  . LEU A 1 122 ? -0.881  10.349  -1.784  1.00 38.64  ? 160 LEU A CA  1 
ATOM   924  C  C   . LEU A 1 122 ? -1.418  11.577  -1.067  1.00 49.48  ? 160 LEU A C   1 
ATOM   925  O  O   . LEU A 1 122 ? -0.651  12.396  -0.555  1.00 49.91  ? 160 LEU A O   1 
ATOM   926  C  CB  . LEU A 1 122 ? -0.895  9.150   -0.822  1.00 39.47  ? 160 LEU A CB  1 
ATOM   927  C  CG  . LEU A 1 122 ? -0.313  7.817   -1.296  1.00 42.65  ? 160 LEU A CG  1 
ATOM   928  C  CD1 . LEU A 1 122 ? -0.384  6.780   -0.179  1.00 35.00  ? 160 LEU A CD1 1 
ATOM   929  C  CD2 . LEU A 1 122 ? -1.030  7.320   -2.540  1.00 40.47  ? 160 LEU A CD2 1 
ATOM   930  N  N   . ASN A 1 123 ? -2.745  11.700  -1.033  1.00 44.08  ? 161 ASN A N   1 
ATOM   931  C  CA  . ASN A 1 123 ? -3.386  12.779  -0.293  1.00 50.24  ? 161 ASN A CA  1 
ATOM   932  C  C   . ASN A 1 123 ? -3.561  12.376  1.166   1.00 47.87  ? 161 ASN A C   1 
ATOM   933  O  O   . ASN A 1 123 ? -4.045  11.279  1.462   1.00 48.44  ? 161 ASN A O   1 
ATOM   934  C  CB  . ASN A 1 123 ? -4.744  13.128  -0.903  1.00 52.51  ? 161 ASN A CB  1 
ATOM   935  C  CG  . ASN A 1 123 ? -4.625  13.998  -2.139  1.00 65.52  ? 161 ASN A CG  1 
ATOM   936  O  OD1 . ASN A 1 123 ? -3.691  14.790  -2.269  1.00 62.31  ? 161 ASN A OD1 1 
ATOM   937  N  ND2 . ASN A 1 123 ? -5.581  13.861  -3.051  1.00 63.67  ? 161 ASN A ND2 1 
ATOM   938  N  N   . SER A 1 124 ? -3.171  13.269  2.071   1.00 49.79  ? 162 SER A N   1 
ATOM   939  C  CA  . SER A 1 124 ? -3.317  13.004  3.495   1.00 46.09  ? 162 SER A CA  1 
ATOM   940  C  C   . SER A 1 124 ? -4.787  12.825  3.858   1.00 47.11  ? 162 SER A C   1 
ATOM   941  O  O   . SER A 1 124 ? -5.678  13.415  3.241   1.00 47.23  ? 162 SER A O   1 
ATOM   942  C  CB  . SER A 1 124 ? -2.707  14.147  4.309   1.00 41.22  ? 162 SER A CB  1 
ATOM   943  O  OG  . SER A 1 124 ? -2.806  13.900  5.699   1.00 60.00  ? 162 SER A OG  1 
ATOM   944  N  N   . LEU A 1 125 ? -5.031  11.978  4.860   1.00 44.06  ? 163 LEU A N   1 
ATOM   945  C  CA  . LEU A 1 125 ? -6.366  11.751  5.421   1.00 49.22  ? 163 LEU A CA  1 
ATOM   946  C  C   . LEU A 1 125 ? -7.340  11.178  4.393   1.00 47.10  ? 163 LEU A C   1 
ATOM   947  O  O   . LEU A 1 125 ? -8.548  11.420  4.462   1.00 52.54  ? 163 LEU A O   1 
ATOM   948  C  CB  . LEU A 1 125 ? -6.928  13.033  6.041   1.00 47.32  ? 163 LEU A CB  1 
ATOM   949  C  CG  . LEU A 1 125 ? -6.087  13.570  7.199   1.00 50.44  ? 163 LEU A CG  1 
ATOM   950  C  CD1 . LEU A 1 125 ? -6.663  14.871  7.729   1.00 57.29  ? 163 LEU A CD1 1 
ATOM   951  C  CD2 . LEU A 1 125 ? -5.987  12.530  8.304   1.00 48.43  ? 163 LEU A CD2 1 
ATOM   952  N  N   . HIS A 1 126 ? -6.824  10.412  3.435   1.00 50.24  ? 164 HIS A N   1 
ATOM   953  C  CA  . HIS A 1 126 ? -7.642  9.633   2.522   1.00 43.52  ? 164 HIS A CA  1 
ATOM   954  C  C   . HIS A 1 126 ? -7.267  8.163   2.661   1.00 39.72  ? 164 HIS A C   1 
ATOM   955  O  O   . HIS A 1 126 ? -6.130  7.832   3.004   1.00 38.07  ? 164 HIS A O   1 
ATOM   956  C  CB  . HIS A 1 126 ? -7.465  10.094  1.070   1.00 46.99  ? 164 HIS A CB  1 
ATOM   957  C  CG  . HIS A 1 126 ? -8.064  11.437  0.788   1.00 49.58  ? 164 HIS A CG  1 
ATOM   958  N  ND1 . HIS A 1 126 ? -7.414  12.618  1.078   1.00 52.80  ? 164 HIS A ND1 1 
ATOM   959  C  CD2 . HIS A 1 126 ? -9.256  11.786  0.251   1.00 54.63  ? 164 HIS A CD2 1 
ATOM   960  C  CE1 . HIS A 1 126 ? -8.179  13.637  0.727   1.00 58.44  ? 164 HIS A CE1 1 
ATOM   961  N  NE2 . HIS A 1 126 ? -9.302  13.159  0.223   1.00 59.80  ? 164 HIS A NE2 1 
ATOM   962  N  N   . LYS A 1 127 ? -8.234  7.286   2.407   1.00 40.80  ? 165 LYS A N   1 
ATOM   963  C  CA  . LYS A 1 127 ? -8.043  5.849   2.560   1.00 35.41  ? 165 LYS A CA  1 
ATOM   964  C  C   . LYS A 1 127 ? -7.689  5.244   1.208   1.00 39.77  ? 165 LYS A C   1 
ATOM   965  O  O   . LYS A 1 127 ? -8.466  5.350   0.252   1.00 41.34  ? 165 LYS A O   1 
ATOM   966  C  CB  . LYS A 1 127 ? -9.291  5.182   3.139   1.00 38.27  ? 165 LYS A CB  1 
ATOM   967  C  CG  . LYS A 1 127 ? -9.099  3.703   3.428   1.00 37.45  ? 165 LYS A CG  1 
ATOM   968  C  CD  . LYS A 1 127 ? -10.354 3.050   3.982   1.00 40.63  ? 165 LYS A CD  1 
ATOM   969  C  CE  . LYS A 1 127 ? -10.599 3.446   5.430   1.00 44.56  ? 165 LYS A CE  1 
ATOM   970  N  NZ  . LYS A 1 127 ? -11.648 2.592   6.046   1.00 40.14  ? 165 LYS A NZ  1 
ATOM   971  N  N   . TYR A 1 128 ? -6.526  4.606   1.133   1.00 35.94  ? 166 TYR A N   1 
ATOM   972  C  CA  . TYR A 1 128 ? -5.991  4.073   -0.110  1.00 39.42  ? 166 TYR A CA  1 
ATOM   973  C  C   . TYR A 1 128 ? -5.895  2.554   -0.058  1.00 35.51  ? 166 TYR A C   1 
ATOM   974  O  O   . TYR A 1 128 ? -5.888  1.944   1.013   1.00 38.81  ? 166 TYR A O   1 
ATOM   975  C  CB  . TYR A 1 128 ? -4.609  4.666   -0.405  1.00 35.24  ? 166 TYR A CB  1 
ATOM   976  C  CG  . TYR A 1 128 ? -4.647  6.121   -0.812  1.00 35.27  ? 166 TYR A CG  1 
ATOM   977  C  CD1 . TYR A 1 128 ? -4.899  6.484   -2.129  1.00 36.94  ? 166 TYR A CD1 1 
ATOM   978  C  CD2 . TYR A 1 128 ? -4.431  7.129   0.119   1.00 39.22  ? 166 TYR A CD2 1 
ATOM   979  C  CE1 . TYR A 1 128 ? -4.935  7.810   -2.509  1.00 39.65  ? 166 TYR A CE1 1 
ATOM   980  C  CE2 . TYR A 1 128 ? -4.462  8.459   -0.254  1.00 41.72  ? 166 TYR A CE2 1 
ATOM   981  C  CZ  . TYR A 1 128 ? -4.715  8.792   -1.568  1.00 40.09  ? 166 TYR A CZ  1 
ATOM   982  O  OH  . TYR A 1 128 ? -4.749  10.112  -1.949  1.00 42.95  ? 166 TYR A OH  1 
ATOM   983  N  N   . GLU A 1 129 ? -5.818  1.951   -1.243  1.00 40.96  ? 167 GLU A N   1 
ATOM   984  C  CA  . GLU A 1 129 ? -5.645  0.510   -1.360  1.00 41.21  ? 167 GLU A CA  1 
ATOM   985  C  C   . GLU A 1 129 ? -4.622  0.192   -2.445  1.00 38.65  ? 167 GLU A C   1 
ATOM   986  O  O   . GLU A 1 129 ? -4.790  0.604   -3.601  1.00 38.97  ? 167 GLU A O   1 
ATOM   987  C  CB  . GLU A 1 129 ? -6.976  -0.177  -1.667  1.00 42.21  ? 167 GLU A CB  1 
ATOM   988  C  CG  . GLU A 1 129 ? -6.856  -1.679  -1.860  1.00 41.31  ? 167 GLU A CG  1 
ATOM   989  C  CD  . GLU A 1 129 ? -8.202  -2.367  -1.951  1.00 52.78  ? 167 GLU A CD  1 
ATOM   990  O  OE1 . GLU A 1 129 ? -9.176  -1.864  -1.350  1.00 58.49  ? 167 GLU A OE1 1 
ATOM   991  O  OE2 . GLU A 1 129 ? -8.288  -3.413  -2.625  1.00 41.40  ? 167 GLU A OE2 1 
ATOM   992  N  N   . PRO A 1 130 ? -3.550  -0.523  -2.111  1.00 41.19  ? 168 PRO A N   1 
ATOM   993  C  CA  . PRO A 1 130 ? -2.572  -0.905  -3.136  1.00 37.46  ? 168 PRO A CA  1 
ATOM   994  C  C   . PRO A 1 130 ? -3.211  -1.765  -4.215  1.00 39.56  ? 168 PRO A C   1 
ATOM   995  O  O   . PRO A 1 130 ? -4.103  -2.576  -3.952  1.00 41.48  ? 168 PRO A O   1 
ATOM   996  C  CB  . PRO A 1 130 ? -1.516  -1.687  -2.346  1.00 36.79  ? 168 PRO A CB  1 
ATOM   997  C  CG  . PRO A 1 130 ? -1.665  -1.207  -0.937  1.00 36.32  ? 168 PRO A CG  1 
ATOM   998  C  CD  . PRO A 1 130 ? -3.131  -0.937  -0.760  1.00 35.61  ? 168 PRO A CD  1 
ATOM   999  N  N   . ARG A 1 131 ? -2.750  -1.569  -5.445  1.00 36.96  ? 169 ARG A N   1 
ATOM   1000 C  CA  . ARG A 1 131 ? -3.244  -2.324  -6.588  1.00 37.38  ? 169 ARG A CA  1 
ATOM   1001 C  C   . ARG A 1 131 ? -2.065  -2.706  -7.467  1.00 35.77  ? 169 ARG A C   1 
ATOM   1002 O  O   . ARG A 1 131 ? -1.285  -1.841  -7.873  1.00 38.71  ? 169 ARG A O   1 
ATOM   1003 C  CB  . ARG A 1 131 ? -4.271  -1.513  -7.387  1.00 38.79  ? 169 ARG A CB  1 
ATOM   1004 C  CG  . ARG A 1 131 ? -4.824  -2.232  -8.608  1.00 44.38  ? 169 ARG A CG  1 
ATOM   1005 C  CD  . ARG A 1 131 ? -5.944  -1.435  -9.264  1.00 47.44  ? 169 ARG A CD  1 
ATOM   1006 N  NE  . ARG A 1 131 ? -5.466  -0.171  -9.818  1.00 45.38  ? 169 ARG A NE  1 
ATOM   1007 C  CZ  . ARG A 1 131 ? -6.203  0.643   -10.565 1.00 50.94  ? 169 ARG A CZ  1 
ATOM   1008 N  NH1 . ARG A 1 131 ? -7.461  0.331   -10.843 1.00 50.98  ? 169 ARG A NH1 1 
ATOM   1009 N  NH2 . ARG A 1 131 ? -5.684  1.773   -11.031 1.00 43.19  ? 169 ARG A NH2 1 
ATOM   1010 N  N   . ILE A 1 132 ? -1.946  -3.998  -7.761  1.00 37.05  ? 170 ILE A N   1 
ATOM   1011 C  CA  . ILE A 1 132 ? -0.832  -4.537  -8.530  1.00 38.81  ? 170 ILE A CA  1 
ATOM   1012 C  C   . ILE A 1 132 ? -1.301  -4.818  -9.950  1.00 43.70  ? 170 ILE A C   1 
ATOM   1013 O  O   . ILE A 1 132 ? -2.359  -5.426  -10.156 1.00 42.90  ? 170 ILE A O   1 
ATOM   1014 C  CB  . ILE A 1 132 ? -0.270  -5.804  -7.868  1.00 41.12  ? 170 ILE A CB  1 
ATOM   1015 C  CG1 . ILE A 1 132 ? 0.426   -5.439  -6.557  1.00 40.62  ? 170 ILE A CG1 1 
ATOM   1016 C  CG2 . ILE A 1 132 ? 0.682   -6.530  -8.811  1.00 36.90  ? 170 ILE A CG2 1 
ATOM   1017 C  CD1 . ILE A 1 132 ? 0.921   -6.628  -5.784  1.00 53.65  ? 170 ILE A CD1 1 
ATOM   1018 N  N   . HIS A 1 133 ? -0.520  -4.371  -10.928 1.00 38.99  ? 171 HIS A N   1 
ATOM   1019 C  CA  . HIS A 1 133 ? -0.805  -4.604  -12.336 1.00 39.98  ? 171 HIS A CA  1 
ATOM   1020 C  C   . HIS A 1 133 ? 0.260   -5.521  -12.918 1.00 39.97  ? 171 HIS A C   1 
ATOM   1021 O  O   . HIS A 1 133 ? 1.458   -5.289  -12.725 1.00 38.75  ? 171 HIS A O   1 
ATOM   1022 C  CB  . HIS A 1 133 ? -0.850  -3.288  -13.115 1.00 39.81  ? 171 HIS A CB  1 
ATOM   1023 C  CG  . HIS A 1 133 ? -1.801  -2.284  -12.546 1.00 47.55  ? 171 HIS A CG  1 
ATOM   1024 N  ND1 . HIS A 1 133 ? -3.170  -2.432  -12.618 1.00 41.33  ? 171 HIS A ND1 1 
ATOM   1025 C  CD2 . HIS A 1 133 ? -1.582  -1.118  -11.892 1.00 45.66  ? 171 HIS A CD2 1 
ATOM   1026 C  CE1 . HIS A 1 133 ? -3.752  -1.403  -12.030 1.00 51.08  ? 171 HIS A CE1 1 
ATOM   1027 N  NE2 . HIS A 1 133 ? -2.812  -0.589  -11.584 1.00 53.60  ? 171 HIS A NE2 1 
ATOM   1028 N  N   . ILE A 1 134 ? -0.182  -6.565  -13.612 1.00 44.71  ? 172 ILE A N   1 
ATOM   1029 C  CA  . ILE A 1 134 ? 0.700   -7.477  -14.330 1.00 44.93  ? 172 ILE A CA  1 
ATOM   1030 C  C   . ILE A 1 134 ? 0.463   -7.260  -15.816 1.00 46.71  ? 172 ILE A C   1 
ATOM   1031 O  O   . ILE A 1 134 ? -0.650  -7.474  -16.311 1.00 48.54  ? 172 ILE A O   1 
ATOM   1032 C  CB  . ILE A 1 134 ? 0.447   -8.941  -13.936 1.00 42.88  ? 172 ILE A CB  1 
ATOM   1033 C  CG1 . ILE A 1 134 ? 0.629   -9.122  -12.430 1.00 41.09  ? 172 ILE A CG1 1 
ATOM   1034 C  CG2 . ILE A 1 134 ? 1.373   -9.865  -14.715 1.00 49.43  ? 172 ILE A CG2 1 
ATOM   1035 C  CD1 . ILE A 1 134 ? 0.203   -10.483 -11.922 1.00 45.65  ? 172 ILE A CD1 1 
ATOM   1036 N  N   . VAL A 1 135 ? 1.502   -6.829  -16.527 1.00 43.59  ? 173 VAL A N   1 
ATOM   1037 C  CA  . VAL A 1 135 ? 1.393   -6.454  -17.931 1.00 42.60  ? 173 VAL A CA  1 
ATOM   1038 C  C   . VAL A 1 135 ? 2.241   -7.409  -18.758 1.00 46.00  ? 173 VAL A C   1 
ATOM   1039 O  O   . VAL A 1 135 ? 3.467   -7.466  -18.591 1.00 42.14  ? 173 VAL A O   1 
ATOM   1040 C  CB  . VAL A 1 135 ? 1.818   -4.998  -18.168 1.00 46.18  ? 173 VAL A CB  1 
ATOM   1041 C  CG1 . VAL A 1 135 ? 1.804   -4.679  -19.655 1.00 42.56  ? 173 VAL A CG1 1 
ATOM   1042 C  CG2 . VAL A 1 135 ? 0.898   -4.053  -17.411 1.00 49.44  ? 173 VAL A CG2 1 
ATOM   1043 N  N   . ARG A 1 136 ? 1.591   -8.152  -19.651 1.00 43.79  ? 174 ARG A N   1 
ATOM   1044 C  CA  . ARG A 1 136 ? 2.311   -9.018  -20.572 1.00 44.97  ? 174 ARG A CA  1 
ATOM   1045 C  C   . ARG A 1 136 ? 3.060   -8.171  -21.593 1.00 44.26  ? 174 ARG A C   1 
ATOM   1046 O  O   . ARG A 1 136 ? 2.486   -7.269  -22.211 1.00 49.17  ? 174 ARG A O   1 
ATOM   1047 C  CB  . ARG A 1 136 ? 1.345   -9.969  -21.277 1.00 51.78  ? 174 ARG A CB  1 
ATOM   1048 N  N   . VAL A 1 137 ? 4.344   -8.458  -21.762 1.00 47.38  ? 175 VAL A N   1 
ATOM   1049 C  CA  . VAL A 1 137 ? 5.196   -7.663  -22.633 1.00 49.78  ? 175 VAL A CA  1 
ATOM   1050 C  C   . VAL A 1 137 ? 5.230   -8.246  -24.040 1.00 43.23  ? 175 VAL A C   1 
ATOM   1051 O  O   . VAL A 1 137 ? 4.881   -7.568  -25.004 1.00 55.21  ? 175 VAL A O   1 
ATOM   1052 C  CB  . VAL A 1 137 ? 6.613   -7.554  -22.057 1.00 50.28  ? 175 VAL A CB  1 
ATOM   1053 C  CG1 . VAL A 1 137 ? 7.526   -6.861  -23.042 1.00 54.19  ? 175 VAL A CG1 1 
ATOM   1054 C  CG2 . VAL A 1 137 ? 6.583   -6.816  -20.725 1.00 47.37  ? 175 VAL A CG2 1 
ATOM   1055 N  N   . ARG A 1 142 ? -1.105  -4.945  -25.171 1.00 68.30  ? 180 ARG A N   1 
ATOM   1056 C  CA  . ARG A 1 142 ? -0.816  -5.081  -23.747 1.00 67.83  ? 180 ARG A CA  1 
ATOM   1057 C  C   . ARG A 1 142 ? -2.020  -5.618  -22.974 1.00 61.86  ? 180 ARG A C   1 
ATOM   1058 O  O   . ARG A 1 142 ? -2.926  -4.867  -22.613 1.00 71.48  ? 180 ARG A O   1 
ATOM   1059 C  CB  . ARG A 1 142 ? -0.365  -3.736  -23.163 1.00 59.90  ? 180 ARG A CB  1 
ATOM   1060 C  CG  . ARG A 1 142 ? -1.137  -2.537  -23.694 1.00 64.92  ? 180 ARG A CG  1 
ATOM   1061 C  CD  . ARG A 1 142 ? -0.789  -1.256  -22.947 1.00 62.39  ? 180 ARG A CD  1 
ATOM   1062 N  NE  . ARG A 1 142 ? 0.592   -0.835  -23.163 1.00 63.49  ? 180 ARG A NE  1 
ATOM   1063 C  CZ  . ARG A 1 142 ? 1.083   0.336   -22.769 1.00 58.67  ? 180 ARG A CZ  1 
ATOM   1064 N  NH1 . ARG A 1 142 ? 2.352   0.642   -23.004 1.00 57.57  ? 180 ARG A NH1 1 
ATOM   1065 N  NH2 . ARG A 1 142 ? 0.301   1.208   -22.144 1.00 60.78  ? 180 ARG A NH2 1 
ATOM   1066 N  N   . MET A 1 143 ? -2.029  -6.926  -22.730 1.00 62.26  ? 181 MET A N   1 
ATOM   1067 C  CA  . MET A 1 143 ? -3.061  -7.543  -21.906 1.00 63.67  ? 181 MET A CA  1 
ATOM   1068 C  C   . MET A 1 143 ? -2.713  -7.335  -20.435 1.00 59.45  ? 181 MET A C   1 
ATOM   1069 O  O   . MET A 1 143 ? -1.660  -7.787  -19.972 1.00 58.93  ? 181 MET A O   1 
ATOM   1070 C  CB  . MET A 1 143 ? -3.194  -9.029  -22.231 1.00 69.70  ? 181 MET A CB  1 
ATOM   1071 C  CG  . MET A 1 143 ? -3.736  -9.319  -23.623 1.00 75.69  ? 181 MET A CG  1 
ATOM   1072 S  SD  . MET A 1 143 ? -2.632  -8.783  -24.944 1.00 102.86 ? 181 MET A SD  1 
ATOM   1073 C  CE  . MET A 1 143 ? -3.614  -9.183  -26.388 1.00 80.98  ? 181 MET A CE  1 
ATOM   1074 N  N   . ILE A 1 144 ? -3.593  -6.657  -19.704 1.00 52.55  ? 182 ILE A N   1 
ATOM   1075 C  CA  . ILE A 1 144 ? -3.323  -6.233  -18.337 1.00 54.80  ? 182 ILE A CA  1 
ATOM   1076 C  C   . ILE A 1 144 ? -4.321  -6.892  -17.395 1.00 56.59  ? 182 ILE A C   1 
ATOM   1077 O  O   . ILE A 1 144 ? -5.513  -6.990  -17.704 1.00 55.41  ? 182 ILE A O   1 
ATOM   1078 C  CB  . ILE A 1 144 ? -3.387  -4.698  -18.201 1.00 54.62  ? 182 ILE A CB  1 
ATOM   1079 C  CG1 . ILE A 1 144 ? -2.444  -4.035  -19.206 1.00 54.92  ? 182 ILE A CG1 1 
ATOM   1080 C  CG2 . ILE A 1 144 ? -3.039  -4.273  -16.784 1.00 52.13  ? 182 ILE A CG2 1 
ATOM   1081 C  CD1 . ILE A 1 144 ? -2.471  -2.524  -19.157 1.00 60.23  ? 182 ILE A CD1 1 
ATOM   1082 N  N   . THR A 1 145 ? -3.826  -7.349  -16.247 1.00 56.95  ? 183 THR A N   1 
ATOM   1083 C  CA  . THR A 1 145 ? -4.655  -7.830  -15.153 1.00 50.15  ? 183 THR A CA  1 
ATOM   1084 C  C   . THR A 1 145 ? -4.303  -7.056  -13.892 1.00 48.75  ? 183 THR A C   1 
ATOM   1085 O  O   . THR A 1 145 ? -3.131  -6.749  -13.652 1.00 51.62  ? 183 THR A O   1 
ATOM   1086 C  CB  . THR A 1 145 ? -4.466  -9.333  -14.914 1.00 54.46  ? 183 THR A CB  1 
ATOM   1087 O  OG1 . THR A 1 145 ? -3.097  -9.603  -14.589 1.00 51.72  ? 183 THR A OG1 1 
ATOM   1088 C  CG2 . THR A 1 145 ? -4.853  -10.122 -16.156 1.00 52.54  ? 183 THR A CG2 1 
ATOM   1089 N  N   . SER A 1 146 ? -5.315  -6.739  -13.093 1.00 47.31  ? 184 SER A N   1 
ATOM   1090 C  CA  . SER A 1 146 ? -5.139  -5.934  -11.894 1.00 45.78  ? 184 SER A CA  1 
ATOM   1091 C  C   . SER A 1 146 ? -5.596  -6.716  -10.671 1.00 47.47  ? 184 SER A C   1 
ATOM   1092 O  O   . SER A 1 146 ? -6.570  -7.473  -10.731 1.00 44.76  ? 184 SER A O   1 
ATOM   1093 C  CB  . SER A 1 146 ? -5.906  -4.617  -12.000 1.00 49.84  ? 184 SER A CB  1 
ATOM   1094 O  OG  . SER A 1 146 ? -5.392  -3.826  -13.059 1.00 51.73  ? 184 SER A OG  1 
ATOM   1095 N  N   . HIS A 1 147 ? -4.882  -6.528  -9.563  1.00 39.09  ? 185 HIS A N   1 
ATOM   1096 C  CA  . HIS A 1 147 ? -5.057  -7.347  -8.371  1.00 47.65  ? 185 HIS A CA  1 
ATOM   1097 C  C   . HIS A 1 147 ? -4.914  -6.469  -7.139  1.00 46.37  ? 185 HIS A C   1 
ATOM   1098 O  O   . HIS A 1 147 ? -3.951  -5.704  -7.030  1.00 41.05  ? 185 HIS A O   1 
ATOM   1099 C  CB  . HIS A 1 147 ? -4.033  -8.488  -8.334  1.00 45.91  ? 185 HIS A CB  1 
ATOM   1100 C  CG  . HIS A 1 147 ? -3.932  -9.246  -9.621  1.00 45.99  ? 185 HIS A CG  1 
ATOM   1101 N  ND1 . HIS A 1 147 ? -4.585  -10.440 -9.834  1.00 46.30  ? 185 HIS A ND1 1 
ATOM   1102 C  CD2 . HIS A 1 147 ? -3.267  -8.970  -10.768 1.00 43.18  ? 185 HIS A CD2 1 
ATOM   1103 C  CE1 . HIS A 1 147 ? -4.324  -10.870 -11.056 1.00 46.87  ? 185 HIS A CE1 1 
ATOM   1104 N  NE2 . HIS A 1 147 ? -3.528  -9.996  -11.644 1.00 44.39  ? 185 HIS A NE2 1 
ATOM   1105 N  N   . CYS A 1 148 ? -5.863  -6.589  -6.213  1.00 53.44  ? 186 CYS A N   1 
ATOM   1106 C  CA  . CYS A 1 148 ? -5.858  -5.791  -4.996  1.00 44.10  ? 186 CYS A CA  1 
ATOM   1107 C  C   . CYS A 1 148 ? -6.323  -6.648  -3.829  1.00 45.79  ? 186 CYS A C   1 
ATOM   1108 O  O   . CYS A 1 148 ? -6.921  -7.711  -4.010  1.00 49.94  ? 186 CYS A O   1 
ATOM   1109 C  CB  . CYS A 1 148 ? -6.755  -4.558  -5.135  1.00 44.36  ? 186 CYS A CB  1 
ATOM   1110 S  SG  . CYS A 1 148 ? -8.458  -4.961  -5.571  1.00 42.69  ? 186 CYS A SG  1 
ATOM   1111 N  N   . PHE A 1 149 ? -6.044  -6.168  -2.620  1.00 46.91  ? 187 PHE A N   1 
ATOM   1112 C  CA  . PHE A 1 149 ? -6.418  -6.886  -1.409  1.00 45.22  ? 187 PHE A CA  1 
ATOM   1113 C  C   . PHE A 1 149 ? -6.986  -5.920  -0.378  1.00 44.66  ? 187 PHE A C   1 
ATOM   1114 O  O   . PHE A 1 149 ? -6.317  -4.948  -0.003  1.00 41.06  ? 187 PHE A O   1 
ATOM   1115 C  CB  . PHE A 1 149 ? -5.218  -7.636  -0.831  1.00 47.29  ? 187 PHE A CB  1 
ATOM   1116 C  CG  . PHE A 1 149 ? -4.662  -8.687  -1.749  1.00 45.03  ? 187 PHE A CG  1 
ATOM   1117 C  CD1 . PHE A 1 149 ? -5.178  -9.972  -1.744  1.00 49.89  ? 187 PHE A CD1 1 
ATOM   1118 C  CD2 . PHE A 1 149 ? -3.625  -8.387  -2.617  1.00 44.99  ? 187 PHE A CD2 1 
ATOM   1119 C  CE1 . PHE A 1 149 ? -4.669  -10.942 -2.589  1.00 53.96  ? 187 PHE A CE1 1 
ATOM   1120 C  CE2 . PHE A 1 149 ? -3.110  -9.354  -3.464  1.00 49.25  ? 187 PHE A CE2 1 
ATOM   1121 C  CZ  . PHE A 1 149 ? -3.634  -10.632 -3.450  1.00 50.89  ? 187 PHE A CZ  1 
ATOM   1122 N  N   . PRO A 1 150 ? -8.209  -6.152  0.104   1.00 43.33  ? 188 PRO A N   1 
ATOM   1123 C  CA  . PRO A 1 150 ? -8.793  -5.230  1.091   1.00 49.72  ? 188 PRO A CA  1 
ATOM   1124 C  C   . PRO A 1 150 ? -8.057  -5.214  2.416   1.00 43.91  ? 188 PRO A C   1 
ATOM   1125 O  O   . PRO A 1 150 ? -8.146  -4.215  3.139   1.00 43.47  ? 188 PRO A O   1 
ATOM   1126 C  CB  . PRO A 1 150 ? -10.229 -5.750  1.256   1.00 46.25  ? 188 PRO A CB  1 
ATOM   1127 C  CG  . PRO A 1 150 ? -10.153 -7.192  0.868   1.00 54.82  ? 188 PRO A CG  1 
ATOM   1128 C  CD  . PRO A 1 150 ? -9.122  -7.259  -0.231  1.00 51.11  ? 188 PRO A CD  1 
ATOM   1129 N  N   . GLU A 1 151 ? -7.325  -6.278  2.757   1.00 42.73  ? 189 GLU A N   1 
ATOM   1130 C  CA  . GLU A 1 151 ? -6.575  -6.296  4.006   1.00 43.42  ? 189 GLU A CA  1 
ATOM   1131 C  C   . GLU A 1 151 ? -5.426  -5.298  4.019   1.00 38.67  ? 189 GLU A C   1 
ATOM   1132 O  O   . GLU A 1 151 ? -4.872  -5.036  5.092   1.00 42.74  ? 189 GLU A O   1 
ATOM   1133 C  CB  . GLU A 1 151 ? -6.028  -7.698  4.281   1.00 52.50  ? 189 GLU A CB  1 
ATOM   1134 C  CG  . GLU A 1 151 ? -7.087  -8.787  4.294   1.00 61.41  ? 189 GLU A CG  1 
ATOM   1135 C  CD  . GLU A 1 151 ? -7.142  -9.556  2.991   1.00 55.31  ? 189 GLU A CD  1 
ATOM   1136 O  OE1 . GLU A 1 151 ? -7.336  -10.788 3.037   1.00 61.73  ? 189 GLU A OE1 1 
ATOM   1137 O  OE2 . GLU A 1 151 ? -6.984  -8.929  1.922   1.00 51.08  ? 189 GLU A OE2 1 
ATOM   1138 N  N   . THR A 1 152 ? -5.056  -4.741  2.866   1.00 40.54  ? 190 THR A N   1 
ATOM   1139 C  CA  . THR A 1 152 ? -3.943  -3.811  2.766   1.00 40.04  ? 190 THR A CA  1 
ATOM   1140 C  C   . THR A 1 152 ? -4.386  -2.356  2.734   1.00 35.86  ? 190 THR A C   1 
ATOM   1141 O  O   . THR A 1 152 ? -3.537  -1.470  2.605   1.00 40.49  ? 190 THR A O   1 
ATOM   1142 C  CB  . THR A 1 152 ? -3.102  -4.117  1.517   1.00 34.37  ? 190 THR A CB  1 
ATOM   1143 O  OG1 . THR A 1 152 ? -3.894  -3.899  0.343   1.00 38.39  ? 190 THR A OG1 1 
ATOM   1144 C  CG2 . THR A 1 152 ? -2.626  -5.562  1.538   1.00 39.30  ? 190 THR A CG2 1 
ATOM   1145 N  N   . GLN A 1 153 ? -5.685  -2.089  2.841   1.00 39.67  ? 191 GLN A N   1 
ATOM   1146 C  CA  . GLN A 1 153 ? -6.169  -0.715  2.865   1.00 40.40  ? 191 GLN A CA  1 
ATOM   1147 C  C   . GLN A 1 153 ? -5.561  0.050   4.035   1.00 32.04  ? 191 GLN A C   1 
ATOM   1148 O  O   . GLN A 1 153 ? -5.241  -0.521  5.081   1.00 37.49  ? 191 GLN A O   1 
ATOM   1149 C  CB  . GLN A 1 153 ? -7.694  -0.684  2.965   1.00 39.20  ? 191 GLN A CB  1 
ATOM   1150 C  CG  . GLN A 1 153 ? -8.411  -1.270  1.765   1.00 40.25  ? 191 GLN A CG  1 
ATOM   1151 C  CD  . GLN A 1 153 ? -9.909  -1.354  1.974   1.00 41.84  ? 191 GLN A CD  1 
ATOM   1152 O  OE1 . GLN A 1 153 ? -10.409 -1.095  3.068   1.00 43.12  ? 191 GLN A OE1 1 
ATOM   1153 N  NE2 . GLN A 1 153 ? -10.635 -1.720  0.923   1.00 45.29  ? 191 GLN A NE2 1 
ATOM   1154 N  N   . PHE A 1 154 ? -5.396  1.356   3.847   1.00 33.72  ? 192 PHE A N   1 
ATOM   1155 C  CA  . PHE A 1 154 ? -4.785  2.198   4.865   1.00 34.54  ? 192 PHE A CA  1 
ATOM   1156 C  C   . PHE A 1 154 ? -5.176  3.644   4.610   1.00 34.65  ? 192 PHE A C   1 
ATOM   1157 O  O   . PHE A 1 154 ? -5.573  4.015   3.504   1.00 37.44  ? 192 PHE A O   1 
ATOM   1158 C  CB  . PHE A 1 154 ? -3.258  2.053   4.875   1.00 36.09  ? 192 PHE A CB  1 
ATOM   1159 C  CG  . PHE A 1 154 ? -2.591  2.500   3.599   1.00 38.61  ? 192 PHE A CG  1 
ATOM   1160 C  CD1 . PHE A 1 154 ? -2.227  3.826   3.414   1.00 35.68  ? 192 PHE A CD1 1 
ATOM   1161 C  CD2 . PHE A 1 154 ? -2.318  1.591   2.590   1.00 37.30  ? 192 PHE A CD2 1 
ATOM   1162 C  CE1 . PHE A 1 154 ? -1.616  4.237   2.246   1.00 39.74  ? 192 PHE A CE1 1 
ATOM   1163 C  CE2 . PHE A 1 154 ? -1.703  1.999   1.418   1.00 34.84  ? 192 PHE A CE2 1 
ATOM   1164 C  CZ  . PHE A 1 154 ? -1.349  3.324   1.249   1.00 34.67  ? 192 PHE A CZ  1 
ATOM   1165 N  N   . ILE A 1 155 ? -5.042  4.458   5.652   1.00 39.87  ? 193 ILE A N   1 
ATOM   1166 C  CA  . ILE A 1 155 ? -5.257  5.897   5.566   1.00 37.76  ? 193 ILE A CA  1 
ATOM   1167 C  C   . ILE A 1 155 ? -3.894  6.574   5.566   1.00 36.62  ? 193 ILE A C   1 
ATOM   1168 O  O   . ILE A 1 155 ? -3.098  6.387   6.494   1.00 38.48  ? 193 ILE A O   1 
ATOM   1169 C  CB  . ILE A 1 155 ? -6.132  6.408   6.723   1.00 40.07  ? 193 ILE A CB  1 
ATOM   1170 C  CG1 . ILE A 1 155 ? -7.544  5.830   6.617   1.00 37.91  ? 193 ILE A CG1 1 
ATOM   1171 C  CG2 . ILE A 1 155 ? -6.175  7.929   6.734   1.00 39.82  ? 193 ILE A CG2 1 
ATOM   1172 C  CD1 . ILE A 1 155 ? -8.472  6.267   7.743   1.00 44.52  ? 193 ILE A CD1 1 
ATOM   1173 N  N   . ALA A 1 156 ? -3.618  7.352   4.524   1.00 40.86  ? 194 ALA A N   1 
ATOM   1174 C  CA  . ALA A 1 156 ? -2.384  8.123   4.474   1.00 39.51  ? 194 ALA A CA  1 
ATOM   1175 C  C   . ALA A 1 156 ? -2.443  9.262   5.482   1.00 40.13  ? 194 ALA A C   1 
ATOM   1176 O  O   . ALA A 1 156 ? -3.392  10.051  5.489   1.00 43.28  ? 194 ALA A O   1 
ATOM   1177 C  CB  . ALA A 1 156 ? -2.156  8.670   3.067   1.00 41.72  ? 194 ALA A CB  1 
ATOM   1178 N  N   . VAL A 1 157 ? -1.425  9.348   6.340   1.00 38.23  ? 195 VAL A N   1 
ATOM   1179 C  CA  . VAL A 1 157 ? -1.364  10.359  7.387   1.00 43.35  ? 195 VAL A CA  1 
ATOM   1180 C  C   . VAL A 1 157 ? 0.048   10.921  7.450   1.00 47.50  ? 195 VAL A C   1 
ATOM   1181 O  O   . VAL A 1 157 ? 1.019   10.267  7.066   1.00 46.51  ? 195 VAL A O   1 
ATOM   1182 C  CB  . VAL A 1 157 ? -1.762  9.801   8.771   1.00 35.08  ? 195 VAL A CB  1 
ATOM   1183 C  CG1 . VAL A 1 157 ? -3.196  9.290   8.760   1.00 38.45  ? 195 VAL A CG1 1 
ATOM   1184 C  CG2 . VAL A 1 157 ? -0.803  8.696   9.189   1.00 38.76  ? 195 VAL A CG2 1 
ATOM   1185 N  N   . THR A 1 158 ? 0.155   12.157  7.940   1.00 42.06  ? 196 THR A N   1 
ATOM   1186 C  CA  . THR A 1 158 ? 1.459   12.751  8.203   1.00 44.94  ? 196 THR A CA  1 
ATOM   1187 C  C   . THR A 1 158 ? 1.987   12.396  9.585   1.00 49.44  ? 196 THR A C   1 
ATOM   1188 O  O   . THR A 1 158 ? 3.197   12.493  9.819   1.00 47.83  ? 196 THR A O   1 
ATOM   1189 C  CB  . THR A 1 158 ? 1.393   14.274  8.059   1.00 47.44  ? 196 THR A CB  1 
ATOM   1190 O  OG1 . THR A 1 158 ? 0.554   14.817  9.085   1.00 47.68  ? 196 THR A OG1 1 
ATOM   1191 C  CG2 . THR A 1 158 ? 0.827   14.655  6.701   1.00 52.20  ? 196 THR A CG2 1 
ATOM   1192 N  N   . ALA A 1 159 ? 1.104   11.994  10.496  1.00 45.03  ? 197 ALA A N   1 
ATOM   1193 C  CA  . ALA A 1 159 ? 1.487   11.499  11.808  1.00 46.32  ? 197 ALA A CA  1 
ATOM   1194 C  C   . ALA A 1 159 ? 0.467   10.456  12.233  1.00 43.19  ? 197 ALA A C   1 
ATOM   1195 O  O   . ALA A 1 159 ? -0.700  10.517  11.836  1.00 41.22  ? 197 ALA A O   1 
ATOM   1196 C  CB  . ALA A 1 159 ? 1.569   12.627  12.845  1.00 48.66  ? 197 ALA A CB  1 
ATOM   1197 N  N   . TYR A 1 160 ? 0.917   9.492   13.033  1.00 40.50  ? 198 TYR A N   1 
ATOM   1198 C  CA  . TYR A 1 160 ? 0.029   8.425   13.474  1.00 40.42  ? 198 TYR A CA  1 
ATOM   1199 C  C   . TYR A 1 160 ? -1.087  8.986   14.345  1.00 41.16  ? 198 TYR A C   1 
ATOM   1200 O  O   . TYR A 1 160 ? -0.834  9.706   15.313  1.00 41.77  ? 198 TYR A O   1 
ATOM   1201 C  CB  . TYR A 1 160 ? 0.817   7.364   14.238  1.00 40.14  ? 198 TYR A CB  1 
ATOM   1202 C  CG  . TYR A 1 160 ? 1.588   6.416   13.348  1.00 45.00  ? 198 TYR A CG  1 
ATOM   1203 C  CD1 . TYR A 1 160 ? 0.987   5.824   12.245  1.00 39.26  ? 198 TYR A CD1 1 
ATOM   1204 C  CD2 . TYR A 1 160 ? 2.920   6.120   13.606  1.00 46.19  ? 198 TYR A CD2 1 
ATOM   1205 C  CE1 . TYR A 1 160 ? 1.691   4.956   11.426  1.00 48.40  ? 198 TYR A CE1 1 
ATOM   1206 C  CE2 . TYR A 1 160 ? 3.631   5.255   12.795  1.00 44.83  ? 198 TYR A CE2 1 
ATOM   1207 C  CZ  . TYR A 1 160 ? 3.012   4.677   11.707  1.00 46.94  ? 198 TYR A CZ  1 
ATOM   1208 O  OH  . TYR A 1 160 ? 3.721   3.816   10.899  1.00 46.95  ? 198 TYR A OH  1 
ATOM   1209 N  N   . GLN A 1 161 ? -2.328  8.655   13.990  1.00 42.76  ? 199 GLN A N   1 
ATOM   1210 C  CA  . GLN A 1 161 ? -3.496  9.123   14.727  1.00 40.08  ? 199 GLN A CA  1 
ATOM   1211 C  C   . GLN A 1 161 ? -3.901  8.130   15.815  1.00 46.41  ? 199 GLN A C   1 
ATOM   1212 O  O   . GLN A 1 161 ? -3.997  8.491   16.993  1.00 40.91  ? 199 GLN A O   1 
ATOM   1213 C  CB  . GLN A 1 161 ? -4.660  9.369   13.760  1.00 42.32  ? 199 GLN A CB  1 
ATOM   1214 C  CG  . GLN A 1 161 ? -4.338  10.344  12.643  1.00 42.64  ? 199 GLN A CG  1 
ATOM   1215 C  CD  . GLN A 1 161 ? -3.999  11.729  13.157  1.00 46.26  ? 199 GLN A CD  1 
ATOM   1216 O  OE1 . GLN A 1 161 ? -4.885  12.502  13.516  1.00 47.82  ? 199 GLN A OE1 1 
ATOM   1217 N  NE2 . GLN A 1 161 ? -2.709  12.049  13.195  1.00 44.49  ? 199 GLN A NE2 1 
ATOM   1218 N  N   . ASN A 1 162 ? -4.144  6.880   15.431  1.00 42.33  ? 200 ASN A N   1 
ATOM   1219 C  CA  . ASN A 1 162 ? -4.513  5.834   16.379  1.00 43.49  ? 200 ASN A CA  1 
ATOM   1220 C  C   . ASN A 1 162 ? -3.249  5.339   17.071  1.00 48.22  ? 200 ASN A C   1 
ATOM   1221 O  O   . ASN A 1 162 ? -2.387  4.721   16.437  1.00 42.24  ? 200 ASN A O   1 
ATOM   1222 C  CB  . ASN A 1 162 ? -5.233  4.697   15.659  1.00 42.63  ? 200 ASN A CB  1 
ATOM   1223 C  CG  . ASN A 1 162 ? -5.784  3.649   16.609  1.00 44.84  ? 200 ASN A CG  1 
ATOM   1224 O  OD1 . ASN A 1 162 ? -5.450  3.622   17.793  1.00 47.41  ? 200 ASN A OD1 1 
ATOM   1225 N  ND2 . ASN A 1 162 ? -6.630  2.771   16.084  1.00 46.26  ? 200 ASN A ND2 1 
ATOM   1226 N  N   . GLU A 1 163 ? -3.136  5.599   18.377  1.00 37.32  ? 201 GLU A N   1 
ATOM   1227 C  CA  . GLU A 1 163 ? -1.959  5.156   19.115  1.00 40.15  ? 201 GLU A CA  1 
ATOM   1228 C  C   . GLU A 1 163 ? -1.864  3.637   19.208  1.00 39.49  ? 201 GLU A C   1 
ATOM   1229 O  O   . GLU A 1 163 ? -0.777  3.116   19.473  1.00 40.00  ? 201 GLU A O   1 
ATOM   1230 C  CB  . GLU A 1 163 ? -1.950  5.772   20.516  1.00 47.84  ? 201 GLU A CB  1 
ATOM   1231 C  CG  . GLU A 1 163 ? -1.585  7.246   20.543  1.00 49.94  ? 201 GLU A CG  1 
ATOM   1232 C  CD  . GLU A 1 163 ? -1.374  7.767   21.950  1.00 61.57  ? 201 GLU A CD  1 
ATOM   1233 O  OE1 . GLU A 1 163 ? -1.636  7.013   22.911  1.00 66.36  ? 201 GLU A OE1 1 
ATOM   1234 O  OE2 . GLU A 1 163 ? -0.943  8.930   22.093  1.00 79.44  ? 201 GLU A OE2 1 
ATOM   1235 N  N   . GLU A 1 164 ? -2.971  2.918   18.997  1.00 35.81  ? 202 GLU A N   1 
ATOM   1236 C  CA  . GLU A 1 164 ? -2.889  1.463   18.900  1.00 38.26  ? 202 GLU A CA  1 
ATOM   1237 C  C   . GLU A 1 164 ? -2.097  1.046   17.668  1.00 37.70  ? 202 GLU A C   1 
ATOM   1238 O  O   . GLU A 1 164 ? -1.399  0.025   17.682  1.00 39.17  ? 202 GLU A O   1 
ATOM   1239 C  CB  . GLU A 1 164 ? -4.290  0.846   18.859  1.00 45.27  ? 202 GLU A CB  1 
ATOM   1240 C  CG  . GLU A 1 164 ? -5.144  1.112   20.080  1.00 45.88  ? 202 GLU A CG  1 
ATOM   1241 C  CD  . GLU A 1 164 ? -6.355  0.201   20.134  1.00 54.69  ? 202 GLU A CD  1 
ATOM   1242 O  OE1 . GLU A 1 164 ? -6.170  -1.033  20.216  1.00 54.29  ? 202 GLU A OE1 1 
ATOM   1243 O  OE2 . GLU A 1 164 ? -7.491  0.715   20.068  1.00 60.59  ? 202 GLU A OE2 1 
ATOM   1244 N  N   . ILE A 1 165 ? -2.212  1.814   16.583  1.00 41.03  ? 203 ILE A N   1 
ATOM   1245 C  CA  . ILE A 1 165 ? -1.436  1.531   15.379  1.00 39.44  ? 203 ILE A CA  1 
ATOM   1246 C  C   . ILE A 1 165 ? 0.051   1.715   15.657  1.00 41.02  ? 203 ILE A C   1 
ATOM   1247 O  O   . ILE A 1 165 ? 0.881   0.888   15.263  1.00 39.03  ? 203 ILE A O   1 
ATOM   1248 C  CB  . ILE A 1 165 ? -1.911  2.418   14.212  1.00 36.92  ? 203 ILE A CB  1 
ATOM   1249 C  CG1 . ILE A 1 165 ? -3.180  1.842   13.589  1.00 42.34  ? 203 ILE A CG1 1 
ATOM   1250 C  CG2 . ILE A 1 165 ? -0.817  2.570   13.160  1.00 41.75  ? 203 ILE A CG2 1 
ATOM   1251 C  CD1 . ILE A 1 165 ? -2.948  0.564   12.806  1.00 43.41  ? 203 ILE A CD1 1 
ATOM   1252 N  N   . THR A 1 166 ? 0.405   2.798   16.354  1.00 40.34  ? 204 THR A N   1 
ATOM   1253 C  CA  . THR A 1 166 ? 1.801   3.033   16.709  1.00 39.75  ? 204 THR A CA  1 
ATOM   1254 C  C   . THR A 1 166 ? 2.366   1.870   17.512  1.00 41.75  ? 204 THR A C   1 
ATOM   1255 O  O   . THR A 1 166 ? 3.506   1.445   17.289  1.00 39.70  ? 204 THR A O   1 
ATOM   1256 C  CB  . THR A 1 166 ? 1.929   4.338   17.495  1.00 41.99  ? 204 THR A CB  1 
ATOM   1257 O  OG1 . THR A 1 166 ? 1.339   5.407   16.744  1.00 40.61  ? 204 THR A OG1 1 
ATOM   1258 C  CG2 . THR A 1 166 ? 3.390   4.666   17.767  1.00 40.05  ? 204 THR A CG2 1 
ATOM   1259 N  N   . ALA A 1 167 ? 1.575   1.334   18.445  1.00 40.11  ? 205 ALA A N   1 
ATOM   1260 C  CA  . ALA A 1 167 ? 2.029   0.198   19.238  1.00 42.27  ? 205 ALA A CA  1 
ATOM   1261 C  C   . ALA A 1 167 ? 2.232   -1.037  18.371  1.00 35.97  ? 205 ALA A C   1 
ATOM   1262 O  O   . ALA A 1 167 ? 3.198   -1.784  18.566  1.00 37.77  ? 205 ALA A O   1 
ATOM   1263 C  CB  . ALA A 1 167 ? 1.029   -0.087  20.358  1.00 41.18  ? 205 ALA A CB  1 
ATOM   1264 N  N   . LEU A 1 168 ? 1.334   -1.271  17.410  1.00 36.72  ? 206 LEU A N   1 
ATOM   1265 C  CA  . LEU A 1 168 ? 1.496   -2.414  16.516  1.00 42.88  ? 206 LEU A CA  1 
ATOM   1266 C  C   . LEU A 1 168 ? 2.735   -2.255  15.647  1.00 41.73  ? 206 LEU A C   1 
ATOM   1267 O  O   . LEU A 1 168 ? 3.531   -3.191  15.506  1.00 40.47  ? 206 LEU A O   1 
ATOM   1268 C  CB  . LEU A 1 168 ? 0.252   -2.588  15.644  1.00 47.15  ? 206 LEU A CB  1 
ATOM   1269 C  CG  . LEU A 1 168 ? -0.736  -3.691  16.029  1.00 50.83  ? 206 LEU A CG  1 
ATOM   1270 C  CD1 . LEU A 1 168 ? -1.606  -4.054  14.834  1.00 50.60  ? 206 LEU A CD1 1 
ATOM   1271 C  CD2 . LEU A 1 168 ? -0.020  -4.919  16.565  1.00 46.92  ? 206 LEU A CD2 1 
ATOM   1272 N  N   . LYS A 1 169 ? 2.909   -1.075  15.047  1.00 39.68  ? 207 LYS A N   1 
ATOM   1273 C  CA  . LYS A 1 169 ? 4.082   -0.828  14.213  1.00 40.67  ? 207 LYS A CA  1 
ATOM   1274 C  C   . LYS A 1 169 ? 5.365   -1.042  15.003  1.00 42.51  ? 207 LYS A C   1 
ATOM   1275 O  O   . LYS A 1 169 ? 6.307   -1.681  14.523  1.00 43.80  ? 207 LYS A O   1 
ATOM   1276 C  CB  . LYS A 1 169 ? 4.035   0.591   13.647  1.00 41.27  ? 207 LYS A CB  1 
ATOM   1277 C  CG  . LYS A 1 169 ? 2.811   0.889   12.794  1.00 44.61  ? 207 LYS A CG  1 
ATOM   1278 C  CD  . LYS A 1 169 ? 3.048   0.571   11.323  1.00 40.63  ? 207 LYS A CD  1 
ATOM   1279 C  CE  . LYS A 1 169 ? 1.829   0.936   10.496  1.00 36.67  ? 207 LYS A CE  1 
ATOM   1280 N  NZ  . LYS A 1 169 ? 2.125   1.017   9.045   1.00 40.69  ? 207 LYS A NZ  1 
ATOM   1281 N  N   . ILE A 1 170 ? 5.414   -0.520  16.231  1.00 37.79  ? 208 ILE A N   1 
ATOM   1282 C  CA  . ILE A 1 170 ? 6.596   -0.698  17.067  1.00 38.00  ? 208 ILE A CA  1 
ATOM   1283 C  C   . ILE A 1 170 ? 6.814   -2.170  17.387  1.00 43.08  ? 208 ILE A C   1 
ATOM   1284 O  O   . ILE A 1 170 ? 7.957   -2.635  17.463  1.00 43.84  ? 208 ILE A O   1 
ATOM   1285 C  CB  . ILE A 1 170 ? 6.472   0.160   18.344  1.00 45.39  ? 208 ILE A CB  1 
ATOM   1286 C  CG1 . ILE A 1 170 ? 6.594   1.644   17.994  1.00 44.53  ? 208 ILE A CG1 1 
ATOM   1287 C  CG2 . ILE A 1 170 ? 7.521   -0.229  19.372  1.00 48.39  ? 208 ILE A CG2 1 
ATOM   1288 C  CD1 . ILE A 1 170 ? 6.320   2.568   19.154  1.00 49.84  ? 208 ILE A CD1 1 
ATOM   1289 N  N   . LYS A 1 171 ? 5.733   -2.935  17.539  1.00 40.85  ? 209 LYS A N   1 
ATOM   1290 C  CA  . LYS A 1 171 ? 5.883   -4.335  17.924  1.00 44.76  ? 209 LYS A CA  1 
ATOM   1291 C  C   . LYS A 1 171 ? 6.435   -5.179  16.781  1.00 44.66  ? 209 LYS A C   1 
ATOM   1292 O  O   . LYS A 1 171 ? 7.318   -6.019  16.996  1.00 46.25  ? 209 LYS A O   1 
ATOM   1293 C  CB  . LYS A 1 171 ? 4.548   -4.904  18.401  1.00 46.30  ? 209 LYS A CB  1 
ATOM   1294 C  CG  . LYS A 1 171 ? 4.665   -6.307  18.975  1.00 48.07  ? 209 LYS A CG  1 
ATOM   1295 C  CD  . LYS A 1 171 ? 3.324   -6.843  19.441  1.00 59.17  ? 209 LYS A CD  1 
ATOM   1296 C  CE  . LYS A 1 171 ? 3.496   -8.094  20.288  1.00 59.24  ? 209 LYS A CE  1 
ATOM   1297 N  NZ  . LYS A 1 171 ? 4.262   -7.805  21.534  1.00 64.89  ? 209 LYS A NZ  1 
ATOM   1298 N  N   . TYR A 1 172 ? 5.936   -4.976  15.562  1.00 45.34  ? 210 TYR A N   1 
ATOM   1299 C  CA  . TYR A 1 172 ? 6.257   -5.876  14.460  1.00 46.76  ? 210 TYR A CA  1 
ATOM   1300 C  C   . TYR A 1 172 ? 7.295   -5.328  13.489  1.00 43.98  ? 210 TYR A C   1 
ATOM   1301 O  O   . TYR A 1 172 ? 7.930   -6.120  12.787  1.00 51.33  ? 210 TYR A O   1 
ATOM   1302 C  CB  . TYR A 1 172 ? 4.982   -6.238  13.686  1.00 40.76  ? 210 TYR A CB  1 
ATOM   1303 C  CG  . TYR A 1 172 ? 4.094   -7.218  14.421  1.00 49.84  ? 210 TYR A CG  1 
ATOM   1304 C  CD1 . TYR A 1 172 ? 4.363   -8.580  14.395  1.00 42.46  ? 210 TYR A CD1 1 
ATOM   1305 C  CD2 . TYR A 1 172 ? 2.990   -6.782  15.145  1.00 51.54  ? 210 TYR A CD2 1 
ATOM   1306 C  CE1 . TYR A 1 172 ? 3.559   -9.482  15.064  1.00 53.33  ? 210 TYR A CE1 1 
ATOM   1307 C  CE2 . TYR A 1 172 ? 2.179   -7.678  15.821  1.00 58.34  ? 210 TYR A CE2 1 
ATOM   1308 C  CZ  . TYR A 1 172 ? 2.469   -9.026  15.777  1.00 59.28  ? 210 TYR A CZ  1 
ATOM   1309 O  OH  . TYR A 1 172 ? 1.667   -9.924  16.445  1.00 61.34  ? 210 TYR A OH  1 
ATOM   1310 N  N   . ASN A 1 173 ? 7.486   -4.011  13.424  1.00 44.12  ? 211 ASN A N   1 
ATOM   1311 C  CA  . ASN A 1 173 ? 8.455   -3.437  12.503  1.00 42.58  ? 211 ASN A CA  1 
ATOM   1312 C  C   . ASN A 1 173 ? 9.762   -3.191  13.238  1.00 43.80  ? 211 ASN A C   1 
ATOM   1313 O  O   . ASN A 1 173 ? 9.829   -2.276  14.073  1.00 46.02  ? 211 ASN A O   1 
ATOM   1314 C  CB  . ASN A 1 173 ? 7.922   -2.135  11.904  1.00 40.57  ? 211 ASN A CB  1 
ATOM   1315 C  CG  . ASN A 1 173 ? 8.878   -1.512  10.898  1.00 45.45  ? 211 ASN A CG  1 
ATOM   1316 O  OD1 . ASN A 1 173 ? 9.884   -2.114  10.516  1.00 38.75  ? 211 ASN A OD1 1 
ATOM   1317 N  ND2 . ASN A 1 173 ? 8.559   -0.299  10.458  1.00 42.64  ? 211 ASN A ND2 1 
ATOM   1318 N  N   . PRO A 1 174 ? 10.822  -3.957  12.957  1.00 50.47  ? 212 PRO A N   1 
ATOM   1319 C  CA  . PRO A 1 174 ? 12.090  -3.755  13.682  1.00 48.57  ? 212 PRO A CA  1 
ATOM   1320 C  C   . PRO A 1 174 ? 12.666  -2.360  13.520  1.00 54.62  ? 212 PRO A C   1 
ATOM   1321 O  O   . PRO A 1 174 ? 13.385  -1.884  14.410  1.00 58.54  ? 212 PRO A O   1 
ATOM   1322 C  CB  . PRO A 1 174 ? 13.018  -4.815  13.069  1.00 53.44  ? 212 PRO A CB  1 
ATOM   1323 C  CG  . PRO A 1 174 ? 12.108  -5.811  12.418  1.00 57.25  ? 212 PRO A CG  1 
ATOM   1324 C  CD  . PRO A 1 174 ? 10.912  -5.037  11.961  1.00 49.27  ? 212 PRO A CD  1 
ATOM   1325 N  N   . PHE A 1 175 ? 12.371  -1.686  12.409  1.00 48.78  ? 213 PHE A N   1 
ATOM   1326 C  CA  . PHE A 1 175 ? 12.881  -0.341  12.182  1.00 43.81  ? 213 PHE A CA  1 
ATOM   1327 C  C   . PHE A 1 175 ? 12.093  0.724   12.932  1.00 54.22  ? 213 PHE A C   1 
ATOM   1328 O  O   . PHE A 1 175 ? 12.579  1.851   13.063  1.00 56.99  ? 213 PHE A O   1 
ATOM   1329 C  CB  . PHE A 1 175 ? 12.880  -0.024  10.685  1.00 47.62  ? 213 PHE A CB  1 
ATOM   1330 C  CG  . PHE A 1 175 ? 13.895  -0.813  9.898   1.00 42.02  ? 213 PHE A CG  1 
ATOM   1331 C  CD1 . PHE A 1 175 ? 15.080  -0.222  9.493   1.00 43.23  ? 213 PHE A CD1 1 
ATOM   1332 C  CD2 . PHE A 1 175 ? 13.669  -2.143  9.572   1.00 39.78  ? 213 PHE A CD2 1 
ATOM   1333 C  CE1 . PHE A 1 175 ? 16.018  -0.938  8.775   1.00 41.03  ? 213 PHE A CE1 1 
ATOM   1334 C  CE2 . PHE A 1 175 ? 14.608  -2.867  8.854   1.00 41.44  ? 213 PHE A CE2 1 
ATOM   1335 C  CZ  . PHE A 1 175 ? 15.781  -2.262  8.454   1.00 41.82  ? 213 PHE A CZ  1 
ATOM   1336 N  N   . ALA A 1 176 ? 10.900  0.395   13.434  1.00 49.37  ? 214 ALA A N   1 
ATOM   1337 C  CA  . ALA A 1 176 ? 10.081  1.400   14.105  1.00 52.36  ? 214 ALA A CA  1 
ATOM   1338 C  C   . ALA A 1 176 ? 10.743  1.894   15.386  1.00 52.70  ? 214 ALA A C   1 
ATOM   1339 O  O   . ALA A 1 176 ? 10.655  3.082   15.721  1.00 56.67  ? 214 ALA A O   1 
ATOM   1340 C  CB  . ALA A 1 176 ? 8.693   0.835   14.406  1.00 53.68  ? 214 ALA A CB  1 
ATOM   1341 N  N   . LYS A 1 177 ? 11.409  1.000   16.117  1.00 52.55  ? 215 LYS A N   1 
ATOM   1342 C  CA  . LYS A 1 177 ? 12.034  1.393   17.376  1.00 60.13  ? 215 LYS A CA  1 
ATOM   1343 C  C   . LYS A 1 177 ? 13.279  2.245   17.151  1.00 57.29  ? 215 LYS A C   1 
ATOM   1344 O  O   . LYS A 1 177 ? 13.576  3.130   17.961  1.00 57.90  ? 215 LYS A O   1 
ATOM   1345 C  CB  . LYS A 1 177 ? 12.386  0.151   18.193  1.00 62.48  ? 215 LYS A CB  1 
ATOM   1346 C  CG  . LYS A 1 177 ? 11.333  -0.940  18.115  1.00 61.75  ? 215 LYS A CG  1 
ATOM   1347 C  CD  . LYS A 1 177 ? 11.972  -2.302  17.895  1.00 70.74  ? 215 LYS A CD  1 
ATOM   1348 C  CE  . LYS A 1 177 ? 10.994  -3.271  17.254  1.00 63.17  ? 215 LYS A CE  1 
ATOM   1349 N  NZ  . LYS A 1 177 ? 11.589  -4.621  17.049  1.00 63.27  ? 215 LYS A NZ  1 
ATOM   1350 N  N   . ALA A 1 178 ? 14.015  1.994   16.065  1.00 53.69  ? 216 ALA A N   1 
ATOM   1351 C  CA  . ALA A 1 178 ? 15.234  2.752   15.804  1.00 54.84  ? 216 ALA A CA  1 
ATOM   1352 C  C   . ALA A 1 178 ? 14.933  4.209   15.478  1.00 54.98  ? 216 ALA A C   1 
ATOM   1353 O  O   . ALA A 1 178 ? 15.758  5.087   15.754  1.00 54.76  ? 216 ALA A O   1 
ATOM   1354 C  CB  . ALA A 1 178 ? 16.021  2.103   14.666  1.00 50.86  ? 216 ALA A CB  1 
ATOM   1355 N  N   . PHE A 1 179 ? 13.770  4.481   14.892  1.00 51.19  ? 217 PHE A N   1 
ATOM   1356 C  CA  . PHE A 1 179 ? 13.344  5.835   14.575  1.00 56.43  ? 217 PHE A CA  1 
ATOM   1357 C  C   . PHE A 1 179 ? 12.286  6.349   15.540  1.00 58.38  ? 217 PHE A C   1 
ATOM   1358 O  O   . PHE A 1 179 ? 11.763  7.449   15.340  1.00 64.94  ? 217 PHE A O   1 
ATOM   1359 C  CB  . PHE A 1 179 ? 12.816  5.896   13.136  1.00 54.78  ? 217 PHE A CB  1 
ATOM   1360 C  CG  . PHE A 1 179 ? 13.825  5.470   12.101  1.00 60.56  ? 217 PHE A CG  1 
ATOM   1361 C  CD1 . PHE A 1 179 ? 14.578  6.410   11.420  1.00 62.35  ? 217 PHE A CD1 1 
ATOM   1362 C  CD2 . PHE A 1 179 ? 14.018  4.131   11.811  1.00 57.17  ? 217 PHE A CD2 1 
ATOM   1363 C  CE1 . PHE A 1 179 ? 15.505  6.019   10.469  1.00 56.62  ? 217 PHE A CE1 1 
ATOM   1364 C  CE2 . PHE A 1 179 ? 14.942  3.731   10.865  1.00 55.72  ? 217 PHE A CE2 1 
ATOM   1365 C  CZ  . PHE A 1 179 ? 15.687  4.676   10.192  1.00 51.55  ? 217 PHE A CZ  1 
ATOM   1366 N  N   . LEU A 1 180 ? 11.959  5.576   16.572  1.00 63.33  ? 218 LEU A N   1 
ATOM   1367 C  CA  . LEU A 1 180 ? 11.007  5.984   17.601  1.00 69.20  ? 218 LEU A CA  1 
ATOM   1368 C  C   . LEU A 1 180 ? 11.521  7.191   18.376  1.00 72.62  ? 218 LEU A C   1 
ATOM   1369 O  O   . LEU A 1 180 ? 12.518  7.100   19.095  1.00 70.33  ? 218 LEU A O   1 
ATOM   1370 C  CB  . LEU A 1 180 ? 10.729  4.817   18.558  1.00 67.64  ? 218 LEU A CB  1 
ATOM   1371 C  CG  . LEU A 1 180 ? 10.332  5.143   20.004  1.00 77.65  ? 218 LEU A CG  1 
ATOM   1372 C  CD1 . LEU A 1 180 ? 8.841   4.959   20.241  1.00 71.98  ? 218 LEU A CD1 1 
ATOM   1373 C  CD2 . LEU A 1 180 ? 11.148  4.311   20.987  1.00 83.23  ? 218 LEU A CD2 1 
ATOM   1374 N  N   . HIS A 1 187 ? -1.214  15.289  20.683  1.00 67.91  ? 226 HIS A N   1 
ATOM   1375 C  CA  . HIS A 1 187 ? -2.572  15.815  20.755  1.00 70.75  ? 226 HIS A CA  1 
ATOM   1376 C  C   . HIS A 1 187 ? -3.600  14.769  20.339  1.00 73.82  ? 226 HIS A C   1 
ATOM   1377 O  O   . HIS A 1 187 ? -3.361  13.978  19.427  1.00 78.14  ? 226 HIS A O   1 
ATOM   1378 C  CB  . HIS A 1 187 ? -2.715  17.059  19.875  1.00 64.89  ? 226 HIS A CB  1 
ATOM   1379 C  CG  . HIS A 1 187 ? -4.108  17.602  19.821  1.00 69.48  ? 226 HIS A CG  1 
ATOM   1380 N  ND1 . HIS A 1 187 ? -4.708  18.220  20.897  1.00 66.50  ? 226 HIS A ND1 1 
ATOM   1381 C  CD2 . HIS A 1 187 ? -5.025  17.613  18.823  1.00 63.06  ? 226 HIS A CD2 1 
ATOM   1382 C  CE1 . HIS A 1 187 ? -5.932  18.590  20.564  1.00 62.51  ? 226 HIS A CE1 1 
ATOM   1383 N  NE2 . HIS A 1 187 ? -6.149  18.234  19.311  1.00 55.22  ? 226 HIS A NE2 1 
ATOM   1384 N  N   . HIS A 1 188 ? -4.747  14.778  21.015  1.00 75.89  ? 227 HIS A N   1 
ATOM   1385 C  CA  . HIS A 1 188 ? -5.856  13.887  20.711  1.00 72.65  ? 227 HIS A CA  1 
ATOM   1386 C  C   . HIS A 1 188 ? -7.113  14.712  20.473  1.00 71.56  ? 227 HIS A C   1 
ATOM   1387 O  O   . HIS A 1 188 ? -7.303  15.770  21.077  1.00 69.74  ? 227 HIS A O   1 
ATOM   1388 C  CB  . HIS A 1 188 ? -6.088  12.877  21.845  1.00 76.63  ? 227 HIS A CB  1 
ATOM   1389 C  CG  . HIS A 1 188 ? -5.939  13.464  23.215  1.00 92.16  ? 227 HIS A CG  1 
ATOM   1390 N  ND1 . HIS A 1 188 ? -6.694  14.531  23.654  1.00 96.41  ? 227 HIS A ND1 1 
ATOM   1391 C  CD2 . HIS A 1 188 ? -5.120  13.135  24.243  1.00 97.04  ? 227 HIS A CD2 1 
ATOM   1392 C  CE1 . HIS A 1 188 ? -6.348  14.832  24.894  1.00 94.86  ? 227 HIS A CE1 1 
ATOM   1393 N  NE2 . HIS A 1 188 ? -5.395  13.999  25.274  1.00 97.32  ? 227 HIS A NE2 1 
ATOM   1394 N  N   . HIS A 1 189 ? -7.970  14.221  19.582  1.00 64.79  ? 228 HIS A N   1 
ATOM   1395 C  CA  . HIS A 1 189 ? -9.191  14.929  19.226  1.00 60.83  ? 228 HIS A CA  1 
ATOM   1396 C  C   . HIS A 1 189 ? -10.359 14.446  20.076  1.00 63.09  ? 228 HIS A C   1 
ATOM   1397 O  O   . HIS A 1 189 ? -10.522 13.244  20.306  1.00 63.11  ? 228 HIS A O   1 
ATOM   1398 C  CB  . HIS A 1 189 ? -9.512  14.748  17.742  1.00 59.45  ? 228 HIS A CB  1 
ATOM   1399 C  CG  . HIS A 1 189 ? -8.508  15.381  16.829  1.00 58.58  ? 228 HIS A CG  1 
ATOM   1400 N  ND1 . HIS A 1 189 ? -8.257  16.737  16.827  1.00 53.10  ? 228 HIS A ND1 1 
ATOM   1401 C  CD2 . HIS A 1 189 ? -7.694  14.846  15.889  1.00 56.11  ? 228 HIS A CD2 1 
ATOM   1402 C  CE1 . HIS A 1 189 ? -7.330  17.009  15.926  1.00 54.36  ? 228 HIS A CE1 1 
ATOM   1403 N  NE2 . HIS A 1 189 ? -6.973  15.879  15.341  1.00 57.68  ? 228 HIS A NE2 1 
ATOM   1404 N  N   . HIS A 1 190 ? -11.166 15.397  20.542  1.00 62.53  ? 229 HIS A N   1 
ATOM   1405 C  CA  . HIS A 1 190 ? -12.334 15.107  21.360  1.00 63.39  ? 229 HIS A CA  1 
ATOM   1406 C  C   . HIS A 1 190 ? -13.361 16.210  21.161  1.00 60.43  ? 229 HIS A C   1 
ATOM   1407 O  O   . HIS A 1 190 ? -12.995 17.374  20.988  1.00 57.33  ? 229 HIS A O   1 
ATOM   1408 C  CB  . HIS A 1 190 ? -11.980 15.009  22.849  1.00 63.48  ? 229 HIS A CB  1 
ATOM   1409 C  CG  . HIS A 1 190 ? -11.462 13.671  23.266  1.00 70.45  ? 229 HIS A CG  1 
ATOM   1410 N  ND1 . HIS A 1 190 ? -12.233 12.529  23.224  1.00 72.86  ? 229 HIS A ND1 1 
ATOM   1411 C  CD2 . HIS A 1 190 ? -10.255 13.294  23.749  1.00 75.66  ? 229 HIS A CD2 1 
ATOM   1412 C  CE1 . HIS A 1 190 ? -11.519 11.504  23.655  1.00 73.90  ? 229 HIS A CE1 1 
ATOM   1413 N  NE2 . HIS A 1 190 ? -10.316 11.941  23.980  1.00 76.22  ? 229 HIS A NE2 1 
ATOM   1414 N  N   . HIS A 1 191 ? -14.638 15.833  21.180  1.00 63.84  ? 230 HIS A N   1 
ATOM   1415 C  CA  . HIS A 1 191 ? -15.742 16.791  21.253  1.00 68.63  ? 230 HIS A CA  1 
ATOM   1416 C  C   . HIS A 1 191 ? -17.067 16.080  21.525  1.00 71.86  ? 230 HIS A C   1 
ATOM   1417 O  O   . HIS A 1 191 ? -17.897 16.566  22.295  1.00 69.71  ? 230 HIS A O   1 
ATOM   1418 C  CB  . HIS A 1 191 ? -15.851 17.629  19.970  1.00 63.01  ? 230 HIS A CB  1 
ATOM   1419 C  CG  . HIS A 1 191 ? -15.966 16.818  18.719  1.00 67.97  ? 230 HIS A CG  1 
ATOM   1420 N  ND1 . HIS A 1 191 ? -17.083 16.070  18.412  1.00 70.51  ? 230 HIS A ND1 1 
ATOM   1421 C  CD2 . HIS A 1 191 ? -15.104 16.647  17.688  1.00 65.03  ? 230 HIS A CD2 1 
ATOM   1422 C  CE1 . HIS A 1 191 ? -16.901 15.466  17.251  1.00 72.83  ? 230 HIS A CE1 1 
ATOM   1423 N  NE2 . HIS A 1 191 ? -15.709 15.800  16.790  1.00 66.99  ? 230 HIS A NE2 1 
HETATM 1424 ZN ZN  . ZN  B 2 .   ? -9.659  -3.644  -3.967  1.00 50.71  ? 301 ZN  A ZN  1 
HETATM 1425 C  C1  . 0WN C 3 .   ? 1.624   2.955   -18.993 1.00 40.02  ? 302 0WN A C1  1 
HETATM 1426 N  N2  . 0WN C 3 .   ? 0.805   2.746   -17.947 1.00 49.12  ? 302 0WN A N2  1 
HETATM 1427 N  N3  . 0WN C 3 .   ? 2.488   3.919   -19.181 1.00 40.84  ? 302 0WN A N3  1 
HETATM 1428 C  C4  . 0WN C 3 .   ? 0.861   3.644   -16.969 1.00 46.31  ? 302 0WN A C4  1 
HETATM 1429 C  C5  . 0WN C 3 .   ? 2.552   4.859   -18.187 1.00 41.47  ? 302 0WN A C5  1 
HETATM 1430 C  C6  . 0WN C 3 .   ? 1.747   4.774   -17.035 1.00 42.27  ? 302 0WN A C6  1 
HETATM 1431 C  C7  . 0WN C 3 .   ? 2.752   6.771   -16.179 1.00 39.66  ? 302 0WN A C7  1 
HETATM 1432 C  C8  . 0WN C 3 .   ? 1.874   5.756   -16.041 1.00 36.14  ? 302 0WN A C8  1 
HETATM 1433 C  C9  . 0WN C 3 .   ? 3.547   6.863   -17.323 1.00 39.07  ? 302 0WN A C9  1 
HETATM 1434 C  C10 . 0WN C 3 .   ? 3.459   5.929   -18.312 1.00 38.32  ? 302 0WN A C10 1 
HETATM 1435 N  N11 . 0WN C 3 .   ? 0.058   3.506   -15.884 1.00 45.51  ? 302 0WN A N11 1 
HETATM 1436 C  C12 . 0WN C 3 .   ? -1.502  0.177   -15.622 1.00 47.10  ? 302 0WN A C12 1 
HETATM 1437 C  C13 . 0WN C 3 .   ? -2.686  0.540   -15.062 1.00 47.56  ? 302 0WN A C13 1 
HETATM 1438 C  C14 . 0WN C 3 .   ? -0.564  1.144   -15.936 1.00 44.79  ? 302 0WN A C14 1 
HETATM 1439 C  C15 . 0WN C 3 .   ? -2.991  1.837   -14.774 1.00 52.19  ? 302 0WN A C15 1 
HETATM 1440 C  C16 . 0WN C 3 .   ? -0.846  2.472   -15.625 1.00 44.26  ? 302 0WN A C16 1 
HETATM 1441 C  C17 . 0WN C 3 .   ? -2.048  2.812   -15.033 1.00 43.12  ? 302 0WN A C17 1 
HETATM 1442 F  F18 . 0WN C 3 .   ? -3.593  -0.421  -14.791 1.00 62.97  ? 302 0WN A F18 1 
HETATM 1443 CL CL1 . 0WN C 3 .   ? -1.217  -1.489  -15.978 1.00 65.55  ? 302 0WN A CL1 1 
HETATM 1444 O  O20 . 0WN C 3 .   ? 4.388   7.934   -17.392 1.00 42.09  ? 302 0WN A O20 1 
HETATM 1445 C  C21 . 0WN C 3 .   ? 5.336   7.998   -18.455 1.00 38.83  ? 302 0WN A C21 1 
HETATM 1446 C  C22 . 0WN C 3 .   ? 6.177   9.239   -18.198 1.00 35.48  ? 302 0WN A C22 1 
HETATM 1447 O  O23 . 0WN C 3 .   ? 5.304   10.316  -18.542 1.00 43.19  ? 302 0WN A O23 1 
HETATM 1448 C  C24 . 0WN C 3 .   ? 4.313   9.869   -19.442 1.00 36.84  ? 302 0WN A C24 1 
HETATM 1449 C  C25 . 0WN C 3 .   ? 4.516   8.416   -19.662 1.00 46.27  ? 302 0WN A C25 1 
HETATM 1450 N  N26 . 0WN C 3 .   ? 2.900   7.798   -15.220 1.00 38.54  ? 302 0WN A N26 1 
HETATM 1451 C  C27 . 0WN C 3 .   ? 2.510   7.834   -13.931 1.00 46.40  ? 302 0WN A C27 1 
HETATM 1452 C  C28 . 0WN C 3 .   ? 2.874   9.106   -13.196 1.00 41.50  ? 302 0WN A C28 1 
HETATM 1453 O  O29 . 0WN C 3 .   ? 1.926   6.922   -13.390 1.00 44.65  ? 302 0WN A O29 1 
HETATM 1454 C  C30 . 0WN C 3 .   ? 1.815   9.601   -12.218 1.00 49.29  ? 302 0WN A C30 1 
HETATM 1455 C  C31 . 0WN C 3 .   ? 1.145   10.906  -12.644 1.00 49.02  ? 302 0WN A C31 1 
HETATM 1456 N  N32 . 0WN C 3 .   ? -0.122  11.193  -11.963 1.00 51.30  ? 302 0WN A N32 1 
HETATM 1457 C  C33 . 0WN C 3 .   ? -0.655  12.484  -12.389 1.00 50.90  ? 302 0WN A C33 1 
HETATM 1458 C  C34 . 0WN C 3 .   ? -1.097  10.155  -12.265 1.00 47.05  ? 302 0WN A C34 1 
HETATM 1459 O  O   . HOH D 4 .   ? 0.571   9.703   -7.272  1.00 45.40  ? 401 HOH A O   1 
HETATM 1460 O  O   . HOH D 4 .   ? -12.289 12.245  -1.768  1.00 80.19  ? 402 HOH A O   1 
HETATM 1461 O  O   . HOH D 4 .   ? 4.743   -8.482  3.409   1.00 52.52  ? 403 HOH A O   1 
HETATM 1462 O  O   . HOH D 4 .   ? -5.037  -3.034  20.145  1.00 49.67  ? 404 HOH A O   1 
HETATM 1463 O  O   . HOH D 4 .   ? -2.670  15.686  7.243   1.00 47.21  ? 405 HOH A O   1 
HETATM 1464 O  O   . HOH D 4 .   ? 2.212   -21.274 -15.349 1.00 53.35  ? 406 HOH A O   1 
HETATM 1465 O  O   . HOH D 4 .   ? 12.570  0.960   -6.477  1.00 45.71  ? 407 HOH A O   1 
HETATM 1466 O  O   . HOH D 4 .   ? -6.156  3.642   12.804  1.00 37.70  ? 408 HOH A O   1 
HETATM 1467 O  O   . HOH D 4 .   ? 10.349  -21.557 -18.138 1.00 45.71  ? 409 HOH A O   1 
HETATM 1468 O  O   . HOH D 4 .   ? -2.192  4.955   -11.768 1.00 35.81  ? 410 HOH A O   1 
HETATM 1469 O  O   . HOH D 4 .   ? 11.335  -1.582  2.866   1.00 47.86  ? 411 HOH A O   1 
HETATM 1470 O  O   . HOH D 4 .   ? 4.446   5.045   4.395   1.00 39.82  ? 412 HOH A O   1 
HETATM 1471 O  O   . HOH D 4 .   ? -7.428  12.053  17.646  1.00 57.29  ? 413 HOH A O   1 
HETATM 1472 O  O   . HOH D 4 .   ? 11.397  1.107   -10.499 1.00 44.24  ? 414 HOH A O   1 
HETATM 1473 O  O   . HOH D 4 .   ? -4.099  -2.768  6.106   1.00 38.59  ? 415 HOH A O   1 
HETATM 1474 O  O   . HOH D 4 .   ? -1.703  -10.859 -16.414 1.00 53.91  ? 416 HOH A O   1 
HETATM 1475 O  O   . HOH D 4 .   ? 5.502   -15.520 -6.737  1.00 42.29  ? 417 HOH A O   1 
HETATM 1476 O  O   . HOH D 4 .   ? -10.689 8.509   1.228   1.00 48.64  ? 418 HOH A O   1 
HETATM 1477 O  O   . HOH D 4 .   ? -8.513  3.302   18.185  1.00 51.21  ? 419 HOH A O   1 
HETATM 1478 O  O   . HOH D 4 .   ? 4.902   13.167  7.900   1.00 52.01  ? 420 HOH A O   1 
HETATM 1479 O  O   . HOH D 4 .   ? -3.732  -4.900  -2.251  1.00 43.48  ? 421 HOH A O   1 
HETATM 1480 O  O   . HOH D 4 .   ? 2.477   -8.489  2.153   1.00 43.20  ? 422 HOH A O   1 
HETATM 1481 O  O   . HOH D 4 .   ? 7.766   15.992  5.162   1.00 47.91  ? 423 HOH A O   1 
HETATM 1482 O  O   . HOH D 4 .   ? 3.488   9.684   13.864  1.00 48.31  ? 424 HOH A O   1 
HETATM 1483 O  O   . HOH D 4 .   ? 7.485   0.096   1.002   1.00 35.81  ? 425 HOH A O   1 
HETATM 1484 O  O   . HOH D 4 .   ? -7.517  12.884  12.853  1.00 50.61  ? 426 HOH A O   1 
HETATM 1485 O  O   . HOH D 4 .   ? -5.474  -5.912  15.726  1.00 53.14  ? 427 HOH A O   1 
HETATM 1486 O  O   . HOH D 4 .   ? 7.777   -8.857  12.692  1.00 54.75  ? 428 HOH A O   1 
HETATM 1487 O  O   . HOH D 4 .   ? 7.152   5.672   8.548   1.00 49.40  ? 429 HOH A O   1 
HETATM 1488 O  O   . HOH D 4 .   ? 9.352   -20.187 -11.561 1.00 49.23  ? 430 HOH A O   1 
HETATM 1489 O  O   . HOH D 4 .   ? -4.519  -13.857 -0.570  1.00 49.00  ? 431 HOH A O   1 
HETATM 1490 O  O   . HOH D 4 .   ? -12.701 3.626   13.828  1.00 53.38  ? 432 HOH A O   1 
HETATM 1491 O  O   . HOH D 4 .   ? 8.036   10.605  11.887  1.00 61.16  ? 433 HOH A O   1 
HETATM 1492 O  O   . HOH D 4 .   ? 9.693   -13.379 -7.648  1.00 47.45  ? 434 HOH A O   1 
HETATM 1493 O  O   . HOH D 4 .   ? 10.538  -8.747  -5.491  1.00 39.08  ? 435 HOH A O   1 
HETATM 1494 O  O   . HOH D 4 .   ? -7.170  -0.580  7.179   1.00 40.71  ? 436 HOH A O   1 
HETATM 1495 O  O   . HOH D 4 .   ? 5.273   -2.280  0.069   1.00 39.83  ? 437 HOH A O   1 
HETATM 1496 O  O   . HOH D 4 .   ? -0.570  -18.366 -6.091  1.00 55.04  ? 438 HOH A O   1 
HETATM 1497 O  O   . HOH D 4 .   ? 9.980   1.527   8.746   1.00 47.36  ? 439 HOH A O   1 
HETATM 1498 O  O   . HOH D 4 .   ? 8.440   3.602   -11.058 1.00 42.00  ? 440 HOH A O   1 
HETATM 1499 O  O   . HOH D 4 .   ? -5.632  6.204   19.967  1.00 47.54  ? 441 HOH A O   1 
HETATM 1500 O  O   . HOH D 4 .   ? 4.496   -2.071  21.155  1.00 44.03  ? 442 HOH A O   1 
HETATM 1501 O  O   . HOH D 4 .   ? -8.791  6.036   -7.175  1.00 42.93  ? 443 HOH A O   1 
HETATM 1502 O  O   . HOH D 4 .   ? -7.024  3.225   -13.218 1.00 53.48  ? 444 HOH A O   1 
HETATM 1503 O  O   . HOH D 4 .   ? -4.648  8.905   -12.067 1.00 50.44  ? 445 HOH A O   1 
HETATM 1504 O  O   . HOH D 4 .   ? 10.135  -2.672  -4.403  1.00 38.32  ? 446 HOH A O   1 
HETATM 1505 O  O   . HOH D 4 .   ? 11.523  -4.675  -4.742  1.00 47.96  ? 447 HOH A O   1 
HETATM 1506 O  O   . HOH D 4 .   ? -0.873  5.961   -13.945 1.00 44.66  ? 448 HOH A O   1 
HETATM 1507 O  O   . HOH D 4 .   ? 9.123   3.546   6.960   1.00 43.63  ? 449 HOH A O   1 
HETATM 1508 O  O   . HOH D 4 .   ? -0.868  -15.379 3.864   1.00 55.95  ? 450 HOH A O   1 
HETATM 1509 O  O   . HOH D 4 .   ? 14.453  -0.808  1.360   1.00 41.07  ? 451 HOH A O   1 
HETATM 1510 O  O   . HOH D 4 .   ? 3.585   10.710  -16.001 1.00 53.19  ? 452 HOH A O   1 
HETATM 1511 O  O   . HOH D 4 .   ? 6.127   1.584   10.828  1.00 47.55  ? 453 HOH A O   1 
HETATM 1512 O  O   . HOH D 4 .   ? 4.737   4.223   7.125   1.00 49.40  ? 454 HOH A O   1 
HETATM 1513 O  O   . HOH D 4 .   ? 5.085   2.330   8.487   1.00 49.46  ? 455 HOH A O   1 
HETATM 1514 O  O   . HOH D 4 .   ? -11.123 -1.340  8.975   1.00 50.92  ? 456 HOH A O   1 
HETATM 1515 O  O   . HOH D 4 .   ? 11.280  4.837   5.346   1.00 27.15  ? 457 HOH A O   1 
HETATM 1516 O  O   . HOH D 4 .   ? 5.805   -7.307  6.010   1.00 50.28  ? 458 HOH A O   1 
HETATM 1517 O  O   . HOH D 4 .   ? 4.139   3.256   -21.899 1.00 54.52  ? 459 HOH A O   1 
HETATM 1518 O  O   . HOH D 4 .   ? 6.851   3.468   11.835  1.00 44.88  ? 460 HOH A O   1 
HETATM 1519 O  O   . HOH D 4 .   ? 8.463   -24.388 -19.986 1.00 60.19  ? 461 HOH A O   1 
HETATM 1520 O  O   . HOH D 4 .   ? -9.723  -0.198  6.534   1.00 41.65  ? 462 HOH A O   1 
HETATM 1521 O  O   . HOH D 4 .   ? -0.196  11.905  -8.527  1.00 55.48  ? 463 HOH A O   1 
HETATM 1522 O  O   . HOH D 4 .   ? -1.194  -10.868 -18.612 1.00 57.87  ? 464 HOH A O   1 
HETATM 1523 O  O   . HOH D 4 .   ? -6.715  15.342  11.879  1.00 56.76  ? 465 HOH A O   1 
HETATM 1524 O  O   . HOH D 4 .   ? 10.789  -11.066 -7.260  1.00 53.75  ? 466 HOH A O   1 
HETATM 1525 O  O   . HOH D 4 .   ? -9.266  -4.922  -9.931  1.00 64.14  ? 467 HOH A O   1 
HETATM 1526 O  O   . HOH D 4 .   ? 11.784  -6.363  3.026   1.00 51.15  ? 468 HOH A O   1 
HETATM 1527 O  O   . HOH D 4 .   ? -8.041  -3.941  -8.262  1.00 54.74  ? 469 HOH A O   1 
HETATM 1528 O  O   . HOH D 4 .   ? 1.927   6.405   20.786  1.00 53.20  ? 470 HOH A O   1 
HETATM 1529 O  O   . HOH D 4 .   ? -4.276  -20.823 10.897  1.00 58.20  ? 471 HOH A O   1 
HETATM 1530 O  O   . HOH D 4 .   ? 9.899   5.064   -12.625 1.00 52.98  ? 472 HOH A O   1 
HETATM 1531 O  O   . HOH D 4 .   ? 0.828   -8.985  -26.034 1.00 67.95  ? 473 HOH A O   1 
# 
